data_8ELE
#
_entry.id   8ELE
#
_cell.length_a   137.825
_cell.length_b   178.729
_cell.length_c   180.875
_cell.angle_alpha   90.000
_cell.angle_beta   90.000
_cell.angle_gamma   90.000
#
_symmetry.space_group_name_H-M   'I 2 2 2'
#
loop_
_entity.id
_entity.type
_entity.pdbx_description
1 polymer 'Chaetomium alpha glucosidase'
2 non-polymer (2R,3R,4R,5S)-2-(hydroxymethyl)-1-{[4-({2-nitro-4-[(1R,5S)-3-oxa-8-azabicyclo[3.2.1]octan-8-yl]anilino}methyl)phenyl]methyl}piperidine-3,4,5-triol
3 non-polymer GLYCEROL
4 non-polymer 'SULFATE ION'
5 non-polymer 2-acetamido-2-deoxy-beta-D-glucopyranose
6 water water
#
_entity_poly.entity_id   1
_entity_poly.type   'polypeptide(L)'
_entity_poly.pdbx_seq_one_letter_code
;MGILPSPGMPALLSLVSLLSVLLMGCVAETGVEGESILHSEIGRLNNQSLLWGPYRPNIYFGTRPRIGKSLMTGLMWGKI
ESYTDFQHTVRYTCEQNEGMKGYGWDEYDPRRGGIQSIHDIQNGLDITTSFVKIPGGAHGGSWAARIKGTLNDDAPKDQK
TIVVFYVSQEGENSELEAVPSENEFGYEGDVILKGRSEALGNYKLVVTKGKGVIPQSDHDLSRLRGPGQTVVQSLTYPDE
VLWQAKPILFQQLKAGIDWLVENKYDVADPPPPWQVYLLANKPGSGNVHIVQKVFEGDFEFDILFSSESAGKEVTSKDLE
REVKQATEVFGERFARVFDLKAPFQGDNYKKFGKSMFSNLIGGIGYFYGHSLVDRSYAPEYDEENEGFWEDAAEARARHQ
EALEGPYELFTSIPSRPFFPRGFLWDEGFHLLPIADWDIDLALEIIKSWYNLMDEDGWIAREQILGAEARSKVPKEFQTQ
YPHYANPPTLFLVLDNFVERLRKNNASQPVVKDNLSLDETLSTASVDNPEVGLEYLRRLYPLLRRQFDWFRKTQAGDIKS
YDREAYSTKEAYRWRGRTVSHCLTSGLDDYPRPQPPHPGELHVDLMSWVGVMVKSLISIGSLLGATEDVEFYTKVLDAIE
HNLDDLHWSEKEGCYCDATIDEFEEHKLVCHKGYISLFPFLTGLLKPDSPKLGKLLALIGDESELWSPYGLRSLSKKDEF
YGTAENYWRSPVWININYLAIVQLYNIATQDGPYKETARDLYTRLRKNIVETVYRNWEETGFAWEQYNPETGKGQRTQHF
TGWTSLVVKIMSGHHHHHH
;
_entity_poly.pdbx_strand_id   A,B
#
# COMPACT_ATOMS: atom_id res chain seq x y z
N LEU A 38 -19.94 25.73 14.54
CA LEU A 38 -19.51 26.80 13.57
C LEU A 38 -18.39 26.29 12.66
N HIS A 39 -17.57 25.36 13.14
CA HIS A 39 -16.44 24.75 12.38
C HIS A 39 -16.97 23.99 11.17
N SER A 40 -17.85 23.01 11.40
CA SER A 40 -18.56 22.22 10.36
C SER A 40 -19.40 23.14 9.44
N GLU A 41 -19.87 24.27 9.95
CA GLU A 41 -20.69 25.23 9.16
C GLU A 41 -19.83 25.86 8.06
N ILE A 42 -18.69 26.46 8.45
CA ILE A 42 -17.66 27.06 7.55
C ILE A 42 -17.13 25.97 6.61
N GLY A 43 -16.88 24.76 7.15
CA GLY A 43 -16.53 23.56 6.38
C GLY A 43 -17.44 23.39 5.17
N ARG A 44 -18.75 23.23 5.38
CA ARG A 44 -19.77 23.01 4.30
C ARG A 44 -19.69 24.18 3.30
N LEU A 45 -19.42 25.40 3.79
CA LEU A 45 -19.47 26.63 2.96
C LEU A 45 -18.20 26.75 2.09
N ASN A 46 -17.05 26.25 2.56
CA ASN A 46 -15.80 26.20 1.76
C ASN A 46 -15.97 25.13 0.66
N ASN A 47 -16.41 23.93 1.07
CA ASN A 47 -16.86 22.84 0.16
C ASN A 47 -17.63 23.49 -1.01
N GLN A 48 -18.69 24.25 -0.68
CA GLN A 48 -19.69 24.74 -1.65
C GLN A 48 -19.08 25.88 -2.47
N SER A 49 -18.25 26.72 -1.86
CA SER A 49 -17.54 27.83 -2.54
C SER A 49 -16.56 27.26 -3.57
N LEU A 50 -15.84 26.18 -3.25
CA LEU A 50 -14.63 25.75 -4.02
C LEU A 50 -14.94 24.61 -4.98
N LEU A 51 -16.14 24.02 -4.92
CA LEU A 51 -16.39 22.73 -5.58
C LEU A 51 -15.98 22.82 -7.06
N TRP A 52 -16.49 23.82 -7.78
CA TRP A 52 -16.25 24.01 -9.25
C TRP A 52 -15.00 24.88 -9.48
N GLY A 53 -14.30 24.60 -10.58
CA GLY A 53 -13.20 25.43 -11.06
C GLY A 53 -12.62 24.91 -12.37
N PRO A 54 -11.71 25.67 -12.99
CA PRO A 54 -11.04 25.21 -14.18
C PRO A 54 -9.86 24.35 -13.75
N TYR A 55 -10.13 23.28 -13.01
CA TYR A 55 -9.16 22.55 -12.15
C TYR A 55 -8.40 21.51 -12.94
N ARG A 56 -8.18 21.75 -14.25
CA ARG A 56 -7.36 20.87 -15.11
C ARG A 56 -6.21 21.69 -15.67
N PRO A 57 -5.26 22.10 -14.81
CA PRO A 57 -4.15 22.94 -15.26
C PRO A 57 -3.26 22.25 -16.30
N ASN A 58 -3.47 20.96 -16.58
CA ASN A 58 -2.62 20.14 -17.48
C ASN A 58 -3.02 20.44 -18.93
N ILE A 59 -4.20 20.99 -19.14
CA ILE A 59 -4.71 21.36 -20.50
C ILE A 59 -4.94 22.88 -20.52
N TYR A 60 -4.88 23.47 -21.71
CA TYR A 60 -4.99 24.94 -21.94
C TYR A 60 -6.29 25.43 -21.28
N PHE A 61 -7.40 24.74 -21.52
CA PHE A 61 -8.70 25.12 -20.89
C PHE A 61 -9.65 23.92 -20.79
N GLY A 62 -10.05 23.63 -19.56
CA GLY A 62 -11.20 22.78 -19.22
C GLY A 62 -11.56 22.95 -17.77
N THR A 63 -12.67 22.33 -17.37
CA THR A 63 -13.29 22.44 -16.02
C THR A 63 -13.56 21.04 -15.49
N ARG A 64 -13.43 20.89 -14.17
CA ARG A 64 -13.91 19.73 -13.38
C ARG A 64 -14.20 20.20 -11.96
N PRO A 65 -15.14 19.53 -11.28
CA PRO A 65 -15.39 19.79 -9.86
C PRO A 65 -14.42 18.98 -9.00
N ARG A 66 -14.36 19.26 -7.70
CA ARG A 66 -13.55 18.51 -6.71
C ARG A 66 -14.29 17.21 -6.38
N ILE A 67 -14.42 16.30 -7.35
CA ILE A 67 -15.10 14.98 -7.24
C ILE A 67 -14.39 14.01 -8.19
N GLY A 68 -13.94 12.88 -7.69
CA GLY A 68 -13.18 11.89 -8.48
C GLY A 68 -13.89 11.52 -9.77
N LYS A 69 -15.09 10.94 -9.68
CA LYS A 69 -15.81 10.41 -10.87
C LYS A 69 -17.04 11.30 -11.14
N SER A 70 -16.91 12.30 -12.02
CA SER A 70 -17.93 13.35 -12.26
C SER A 70 -17.85 13.89 -13.69
N LEU A 71 -18.37 15.10 -13.90
CA LEU A 71 -18.46 15.80 -15.21
C LEU A 71 -17.15 16.55 -15.50
N MET A 72 -16.51 16.28 -16.63
CA MET A 72 -15.31 17.05 -17.07
C MET A 72 -15.51 17.63 -18.49
N THR A 73 -14.97 18.82 -18.73
CA THR A 73 -15.00 19.53 -20.03
C THR A 73 -13.56 19.88 -20.45
N GLY A 74 -13.33 20.09 -21.74
CA GLY A 74 -12.03 20.55 -22.26
C GLY A 74 -12.11 21.16 -23.65
N LEU A 75 -11.22 22.11 -23.94
CA LEU A 75 -11.20 22.90 -25.19
C LEU A 75 -10.05 22.41 -26.07
N MET A 76 -10.34 22.16 -27.34
CA MET A 76 -9.32 21.93 -28.40
C MET A 76 -9.59 22.90 -29.55
N TRP A 77 -8.52 23.34 -30.24
CA TRP A 77 -8.63 24.19 -31.45
C TRP A 77 -7.45 23.87 -32.38
N GLY A 78 -7.59 24.20 -33.66
CA GLY A 78 -6.57 23.89 -34.67
C GLY A 78 -6.91 24.50 -36.02
N LYS A 79 -5.97 25.26 -36.60
CA LYS A 79 -6.13 25.78 -37.97
C LYS A 79 -6.10 24.58 -38.91
N ILE A 80 -6.95 24.61 -39.96
CA ILE A 80 -6.96 23.58 -41.04
C ILE A 80 -6.70 24.28 -42.39
N GLU A 81 -5.54 23.98 -42.98
CA GLU A 81 -5.04 24.58 -44.25
C GLU A 81 -4.93 23.50 -45.34
N SER A 82 -5.06 22.22 -44.97
CA SER A 82 -4.69 21.05 -45.80
C SER A 82 -5.42 19.80 -45.29
N TYR A 83 -5.19 18.66 -45.96
CA TYR A 83 -5.95 17.41 -45.72
C TYR A 83 -5.29 16.61 -44.60
N THR A 84 -4.07 17.00 -44.18
CA THR A 84 -3.24 16.23 -43.20
C THR A 84 -2.74 17.09 -42.02
N ASP A 85 -2.97 18.41 -42.02
CA ASP A 85 -2.28 19.36 -41.10
C ASP A 85 -2.92 19.33 -39.69
N PHE A 86 -4.24 19.12 -39.57
CA PHE A 86 -5.01 19.32 -38.32
C PHE A 86 -4.45 18.47 -37.17
N GLN A 87 -4.11 17.21 -37.42
CA GLN A 87 -3.53 16.29 -36.40
C GLN A 87 -2.29 16.94 -35.76
N HIS A 88 -1.57 17.82 -36.48
CA HIS A 88 -0.30 18.47 -36.01
C HIS A 88 -0.64 19.82 -35.35
N THR A 89 -1.68 20.50 -35.80
CA THR A 89 -1.93 21.90 -35.37
C THR A 89 -2.78 21.91 -34.10
N VAL A 90 -3.54 20.83 -33.85
CA VAL A 90 -4.62 20.80 -32.83
C VAL A 90 -3.96 20.96 -31.46
N ARG A 91 -4.63 21.69 -30.58
CA ARG A 91 -4.19 22.02 -29.21
C ARG A 91 -5.15 21.40 -28.18
N TYR A 92 -4.60 20.77 -27.14
CA TYR A 92 -5.32 20.23 -25.96
C TYR A 92 -4.46 20.40 -24.70
N THR A 93 -3.43 19.57 -24.50
CA THR A 93 -2.60 19.57 -23.27
C THR A 93 -1.47 20.60 -23.43
N CYS A 94 -1.23 21.38 -22.39
CA CYS A 94 -0.19 22.44 -22.31
C CYS A 94 1.19 21.92 -22.76
N GLU A 95 1.84 22.66 -23.66
CA GLU A 95 3.27 22.49 -24.01
C GLU A 95 3.94 23.85 -23.92
N GLN A 96 5.25 23.91 -24.17
CA GLN A 96 6.03 25.16 -24.44
C GLN A 96 7.10 24.84 -25.49
N ASN A 97 6.88 25.28 -26.73
CA ASN A 97 7.85 25.20 -27.85
C ASN A 97 7.80 26.50 -28.66
N GLU A 98 8.54 26.57 -29.78
CA GLU A 98 8.63 27.71 -30.73
C GLU A 98 7.23 27.97 -31.33
N GLY A 99 6.31 27.00 -31.26
CA GLY A 99 4.90 27.07 -31.71
C GLY A 99 4.04 28.04 -30.91
N MET A 100 4.35 28.22 -29.63
CA MET A 100 3.48 28.91 -28.63
C MET A 100 4.29 30.05 -28.03
N LYS A 101 3.82 31.29 -28.13
CA LYS A 101 4.56 32.48 -27.66
C LYS A 101 4.49 32.50 -26.14
N GLY A 102 3.29 32.28 -25.61
CA GLY A 102 3.02 32.13 -24.18
C GLY A 102 1.54 32.06 -23.91
N TYR A 103 1.19 31.92 -22.63
CA TYR A 103 -0.20 31.80 -22.15
C TYR A 103 -0.18 31.83 -20.63
N GLY A 104 -1.23 32.39 -20.03
CA GLY A 104 -1.58 32.15 -18.63
C GLY A 104 -2.71 33.05 -18.19
N TRP A 105 -2.94 33.09 -16.89
CA TRP A 105 -4.01 33.90 -16.28
C TRP A 105 -3.52 35.34 -16.09
N ASP A 106 -4.32 36.28 -16.55
CA ASP A 106 -4.15 37.73 -16.28
C ASP A 106 -4.63 38.03 -14.86
N GLU A 107 -5.79 37.46 -14.51
CA GLU A 107 -6.42 37.46 -13.15
C GLU A 107 -6.93 36.06 -12.87
N TYR A 108 -7.03 35.66 -11.61
CA TYR A 108 -7.78 34.43 -11.20
C TYR A 108 -8.00 34.43 -9.68
N ASP A 109 -9.22 34.08 -9.24
CA ASP A 109 -9.57 33.63 -7.86
C ASP A 109 -10.32 32.30 -7.97
N PRO A 110 -9.86 31.21 -7.34
CA PRO A 110 -10.47 29.90 -7.53
C PRO A 110 -11.97 29.91 -7.21
N ARG A 111 -12.40 30.82 -6.33
CA ARG A 111 -13.82 31.01 -5.91
C ARG A 111 -14.64 31.71 -7.01
N ARG A 112 -14.08 32.67 -7.75
CA ARG A 112 -14.85 33.61 -8.63
C ARG A 112 -14.60 33.31 -10.11
N GLY A 113 -13.36 32.88 -10.44
CA GLY A 113 -12.89 32.62 -11.80
C GLY A 113 -11.85 33.62 -12.21
N GLY A 114 -11.64 33.77 -13.51
CA GLY A 114 -10.72 34.78 -14.08
C GLY A 114 -10.65 34.71 -15.58
N ILE A 115 -9.59 35.26 -16.15
CA ILE A 115 -9.38 35.41 -17.61
C ILE A 115 -8.00 34.85 -17.92
N GLN A 116 -7.93 33.95 -18.90
CA GLN A 116 -6.65 33.40 -19.40
C GLN A 116 -6.50 33.91 -20.84
N SER A 117 -5.29 34.32 -21.23
CA SER A 117 -4.93 34.66 -22.63
C SER A 117 -3.89 33.66 -23.11
N ILE A 118 -4.07 33.18 -24.34
CA ILE A 118 -3.19 32.16 -25.00
C ILE A 118 -2.69 32.75 -26.31
N HIS A 119 -1.38 32.73 -26.55
CA HIS A 119 -0.77 33.39 -27.72
C HIS A 119 -0.12 32.29 -28.56
N ASP A 120 -0.89 31.77 -29.50
CA ASP A 120 -0.55 30.63 -30.39
C ASP A 120 -0.01 31.16 -31.72
N ILE A 121 1.31 31.06 -31.96
CA ILE A 121 1.97 31.44 -33.24
C ILE A 121 1.55 30.44 -34.33
N GLN A 122 1.71 29.14 -34.06
CA GLN A 122 1.49 28.05 -35.05
C GLN A 122 0.11 28.19 -35.69
N ASN A 123 -0.92 28.50 -34.90
CA ASN A 123 -2.32 28.59 -35.35
C ASN A 123 -2.77 30.06 -35.49
N GLY A 124 -1.82 31.00 -35.50
CA GLY A 124 -2.08 32.40 -35.88
C GLY A 124 -3.19 32.99 -35.05
N LEU A 125 -3.21 32.67 -33.76
CA LEU A 125 -4.39 32.88 -32.89
C LEU A 125 -3.98 33.42 -31.52
N ASP A 126 -4.68 34.46 -31.07
CA ASP A 126 -4.72 34.96 -29.68
C ASP A 126 -6.11 34.64 -29.12
N ILE A 127 -6.15 33.76 -28.14
CA ILE A 127 -7.39 33.24 -27.52
C ILE A 127 -7.52 33.78 -26.08
N THR A 128 -8.75 33.98 -25.68
CA THR A 128 -9.13 34.44 -24.33
C THR A 128 -10.14 33.42 -23.82
N THR A 129 -9.99 32.99 -22.57
CA THR A 129 -10.93 32.05 -21.92
C THR A 129 -11.29 32.68 -20.58
N SER A 130 -12.38 33.47 -20.56
CA SER A 130 -13.00 34.05 -19.35
C SER A 130 -13.83 32.95 -18.73
N PHE A 131 -13.73 32.74 -17.42
CA PHE A 131 -14.44 31.67 -16.67
C PHE A 131 -14.96 32.28 -15.38
N VAL A 132 -16.17 31.90 -14.97
CA VAL A 132 -16.90 32.58 -13.86
C VAL A 132 -17.87 31.63 -13.18
N LYS A 133 -17.91 31.70 -11.85
CA LYS A 133 -18.80 30.84 -11.03
C LYS A 133 -19.96 31.70 -10.55
N ILE A 134 -21.18 31.20 -10.69
CA ILE A 134 -22.39 31.85 -10.12
C ILE A 134 -22.92 30.95 -9.01
N PRO A 135 -22.71 31.35 -7.73
CA PRO A 135 -23.14 30.55 -6.59
C PRO A 135 -24.67 30.38 -6.64
N GLY A 136 -25.18 29.30 -6.03
CA GLY A 136 -26.63 29.05 -5.89
C GLY A 136 -26.94 27.57 -5.84
N GLY A 137 -28.07 27.21 -5.23
CA GLY A 137 -28.49 25.80 -5.06
C GLY A 137 -27.60 25.03 -4.08
N ALA A 138 -27.58 23.69 -4.19
CA ALA A 138 -27.04 22.78 -3.17
C ALA A 138 -25.92 21.92 -3.74
N HIS A 139 -25.53 22.13 -5.00
CA HIS A 139 -24.62 21.22 -5.77
C HIS A 139 -23.32 21.94 -6.16
N GLY A 140 -22.98 23.03 -5.47
CA GLY A 140 -21.71 23.75 -5.67
C GLY A 140 -21.79 24.79 -6.77
N GLY A 141 -22.98 25.33 -7.04
CA GLY A 141 -23.16 26.53 -7.87
C GLY A 141 -23.25 26.21 -9.36
N SER A 142 -23.28 27.27 -10.17
CA SER A 142 -23.26 27.24 -11.65
C SER A 142 -21.95 27.86 -12.11
N TRP A 143 -21.67 27.81 -13.42
CA TRP A 143 -20.49 28.45 -14.05
C TRP A 143 -20.75 28.68 -15.54
N ALA A 144 -19.91 29.53 -16.12
CA ALA A 144 -19.96 29.93 -17.55
C ALA A 144 -18.54 30.27 -18.01
N ALA A 145 -18.29 30.13 -19.31
CA ALA A 145 -17.00 30.46 -19.92
C ALA A 145 -17.25 31.10 -21.29
N ARG A 146 -16.39 32.05 -21.68
CA ARG A 146 -16.38 32.64 -23.04
C ARG A 146 -15.04 32.35 -23.70
N ILE A 147 -15.08 31.68 -24.83
CA ILE A 147 -13.91 31.37 -25.69
C ILE A 147 -13.88 32.37 -26.84
N LYS A 148 -12.93 33.29 -26.87
CA LYS A 148 -12.77 34.26 -27.99
C LYS A 148 -11.43 34.00 -28.66
N GLY A 149 -11.45 33.65 -29.95
CA GLY A 149 -10.25 33.61 -30.80
C GLY A 149 -10.18 34.84 -31.70
N THR A 150 -9.08 35.61 -31.63
CA THR A 150 -8.80 36.73 -32.55
C THR A 150 -7.58 36.36 -33.41
N LEU A 151 -7.73 36.21 -34.73
CA LEU A 151 -6.59 35.96 -35.66
C LEU A 151 -5.53 37.06 -35.45
N ASN A 152 -4.23 36.71 -35.42
CA ASN A 152 -3.14 37.72 -35.31
C ASN A 152 -2.89 38.30 -36.71
N ASP A 153 -2.02 39.32 -36.82
CA ASP A 153 -1.74 40.07 -38.08
C ASP A 153 -1.11 39.18 -39.16
N ASP A 154 -0.38 38.12 -38.80
CA ASP A 154 0.39 37.29 -39.75
C ASP A 154 -0.47 36.13 -40.27
N ALA A 155 -1.67 35.98 -39.72
CA ALA A 155 -2.59 34.86 -40.04
C ALA A 155 -3.40 35.24 -41.27
N PRO A 156 -3.64 34.30 -42.21
CA PRO A 156 -4.54 34.55 -43.34
C PRO A 156 -5.92 35.02 -42.87
N LYS A 157 -6.47 36.06 -43.49
CA LYS A 157 -7.68 36.77 -43.00
C LYS A 157 -8.87 35.78 -43.04
N ASP A 158 -8.74 34.73 -43.87
CA ASP A 158 -9.79 33.73 -44.22
C ASP A 158 -9.42 32.33 -43.67
N GLN A 159 -8.55 32.27 -42.66
CA GLN A 159 -8.09 31.00 -42.06
C GLN A 159 -9.30 30.24 -41.52
N LYS A 160 -9.30 28.92 -41.72
CA LYS A 160 -10.32 28.03 -41.13
C LYS A 160 -9.73 27.35 -39.89
N THR A 161 -10.38 27.58 -38.74
CA THR A 161 -10.03 27.08 -37.39
C THR A 161 -11.08 26.08 -36.92
N ILE A 162 -10.71 24.81 -36.77
CA ILE A 162 -11.56 23.76 -36.12
C ILE A 162 -11.51 23.95 -34.60
N VAL A 163 -12.66 24.05 -33.96
CA VAL A 163 -12.76 24.18 -32.48
C VAL A 163 -13.69 23.09 -31.96
N VAL A 164 -13.31 22.50 -30.82
CA VAL A 164 -14.06 21.41 -30.16
C VAL A 164 -14.24 21.78 -28.69
N PHE A 165 -15.46 21.62 -28.18
CA PHE A 165 -15.73 21.43 -26.74
C PHE A 165 -16.04 19.97 -26.52
N TYR A 166 -15.21 19.32 -25.70
CA TYR A 166 -15.25 17.87 -25.35
C TYR A 166 -15.79 17.73 -23.94
N VAL A 167 -16.81 16.88 -23.77
CA VAL A 167 -17.50 16.70 -22.47
C VAL A 167 -17.58 15.21 -22.14
N SER A 168 -17.10 14.83 -20.96
CA SER A 168 -17.14 13.44 -20.44
C SER A 168 -17.89 13.42 -19.10
N GLN A 169 -18.50 12.30 -18.75
CA GLN A 169 -19.02 12.04 -17.38
C GLN A 169 -18.71 10.61 -16.95
N GLU A 170 -18.15 10.48 -15.74
CA GLU A 170 -17.80 9.20 -15.06
C GLU A 170 -18.77 8.98 -13.90
N GLY A 171 -19.11 7.71 -13.65
CA GLY A 171 -20.21 7.27 -12.76
C GLY A 171 -20.93 6.06 -13.32
N GLU A 172 -21.59 5.27 -12.46
CA GLU A 172 -22.47 4.14 -12.86
C GLU A 172 -23.89 4.68 -13.13
N ASN A 173 -24.44 5.47 -12.19
CA ASN A 173 -25.87 5.93 -12.15
C ASN A 173 -25.99 7.40 -12.55
N SER A 174 -25.50 7.78 -13.73
CA SER A 174 -25.52 9.18 -14.24
C SER A 174 -25.75 9.20 -15.75
N GLU A 175 -26.34 10.29 -16.23
CA GLU A 175 -26.86 10.37 -17.62
C GLU A 175 -26.50 11.77 -18.15
N LEU A 176 -26.12 11.81 -19.43
CA LEU A 176 -25.85 13.04 -20.20
C LEU A 176 -26.35 12.80 -21.61
N GLU A 177 -27.26 13.65 -22.08
CA GLU A 177 -27.93 13.54 -23.39
C GLU A 177 -27.88 14.91 -24.10
N ALA A 178 -27.50 14.92 -25.38
CA ALA A 178 -27.64 16.08 -26.31
C ALA A 178 -29.09 16.17 -26.81
N VAL A 179 -29.83 17.21 -26.40
CA VAL A 179 -31.12 17.59 -27.07
C VAL A 179 -30.84 17.73 -28.56
N PRO A 180 -31.52 16.91 -29.41
CA PRO A 180 -31.27 16.96 -30.86
C PRO A 180 -31.58 18.30 -31.54
N SER A 181 -31.08 18.46 -32.76
CA SER A 181 -31.23 19.69 -33.59
C SER A 181 -32.60 19.71 -34.29
N GLU A 182 -33.13 20.89 -34.66
CA GLU A 182 -34.33 21.00 -35.54
C GLU A 182 -33.93 20.71 -37.00
N ASN A 183 -32.71 21.06 -37.43
CA ASN A 183 -32.21 20.80 -38.82
C ASN A 183 -31.67 19.36 -38.94
N GLU A 184 -31.42 18.90 -40.17
CA GLU A 184 -31.07 17.50 -40.52
C GLU A 184 -29.59 17.20 -40.18
N PHE A 185 -28.67 18.12 -40.51
CA PHE A 185 -27.21 17.88 -40.65
C PHE A 185 -26.41 18.37 -39.43
N GLY A 186 -27.08 19.04 -38.48
CA GLY A 186 -26.48 19.68 -37.32
C GLY A 186 -27.32 20.84 -36.80
N TYR A 187 -26.69 21.81 -36.11
CA TYR A 187 -27.36 22.83 -35.25
C TYR A 187 -27.12 24.23 -35.84
N GLU A 188 -28.19 24.99 -36.09
CA GLU A 188 -28.05 26.39 -36.57
C GLU A 188 -27.76 27.27 -35.36
N GLY A 189 -28.15 26.83 -34.16
CA GLY A 189 -27.99 27.60 -32.92
C GLY A 189 -27.28 26.84 -31.79
N ASP A 190 -27.87 26.88 -30.61
CA ASP A 190 -27.27 26.42 -29.33
C ASP A 190 -27.28 24.89 -29.34
N VAL A 191 -26.36 24.27 -28.59
CA VAL A 191 -26.34 22.80 -28.29
C VAL A 191 -26.67 22.63 -26.80
N ILE A 192 -27.79 21.98 -26.49
CA ILE A 192 -28.23 21.75 -25.08
C ILE A 192 -27.88 20.31 -24.73
N LEU A 193 -27.02 20.15 -23.73
CA LEU A 193 -26.77 18.87 -23.02
C LEU A 193 -27.53 18.96 -21.71
N LYS A 194 -28.46 18.02 -21.51
CA LYS A 194 -29.17 17.76 -20.24
C LYS A 194 -28.51 16.56 -19.58
N GLY A 195 -28.24 16.64 -18.28
CA GLY A 195 -27.57 15.54 -17.55
C GLY A 195 -27.91 15.52 -16.06
N ARG A 196 -27.52 14.43 -15.40
CA ARG A 196 -27.82 14.17 -13.96
C ARG A 196 -26.79 13.20 -13.40
N SER A 197 -26.43 13.40 -12.13
CA SER A 197 -25.63 12.47 -11.28
C SER A 197 -25.99 12.65 -9.79
N GLU A 198 -25.64 11.67 -8.91
CA GLU A 198 -25.82 11.82 -7.44
C GLU A 198 -25.16 13.13 -7.02
N ALA A 199 -23.90 13.31 -7.42
CA ALA A 199 -23.02 14.46 -7.08
C ALA A 199 -23.67 15.80 -7.47
N LEU A 200 -24.08 15.98 -8.74
CA LEU A 200 -24.40 17.34 -9.28
C LEU A 200 -25.90 17.59 -9.33
N GLY A 201 -26.71 16.55 -9.13
CA GLY A 201 -28.15 16.64 -9.35
C GLY A 201 -28.45 16.81 -10.82
N ASN A 202 -29.55 17.50 -11.15
CA ASN A 202 -29.90 17.86 -12.55
C ASN A 202 -29.08 19.10 -12.91
N TYR A 203 -28.55 19.15 -14.13
CA TYR A 203 -27.84 20.33 -14.70
C TYR A 203 -28.06 20.33 -16.23
N LYS A 204 -27.86 21.50 -16.85
CA LYS A 204 -27.84 21.64 -18.33
C LYS A 204 -26.56 22.39 -18.71
N LEU A 205 -25.94 21.96 -19.80
CA LEU A 205 -24.65 22.49 -20.31
C LEU A 205 -24.86 22.93 -21.76
N VAL A 206 -24.74 24.23 -22.01
CA VAL A 206 -25.09 24.90 -23.30
C VAL A 206 -23.80 25.38 -23.99
N VAL A 207 -23.58 24.90 -25.20
CA VAL A 207 -22.56 25.46 -26.12
C VAL A 207 -23.30 26.33 -27.13
N THR A 208 -23.19 27.65 -26.93
CA THR A 208 -23.96 28.70 -27.63
C THR A 208 -23.51 28.77 -29.08
N LYS A 209 -24.36 29.33 -29.94
CA LYS A 209 -24.15 29.45 -31.41
C LYS A 209 -22.85 30.22 -31.65
N GLY A 210 -22.66 31.30 -30.90
CA GLY A 210 -21.47 32.16 -31.00
C GLY A 210 -21.57 33.17 -32.13
N LYS A 211 -20.66 34.14 -32.10
CA LYS A 211 -20.47 35.15 -33.18
C LYS A 211 -19.35 34.60 -34.07
N GLY A 212 -19.42 34.86 -35.37
CA GLY A 212 -18.35 34.53 -36.31
C GLY A 212 -18.88 33.81 -37.52
N VAL A 213 -18.08 33.82 -38.58
CA VAL A 213 -18.47 33.38 -39.95
C VAL A 213 -18.30 31.87 -40.00
N ILE A 214 -19.35 31.16 -40.39
CA ILE A 214 -19.32 29.69 -40.56
C ILE A 214 -19.16 29.42 -42.04
N PRO A 215 -18.02 28.83 -42.50
CA PRO A 215 -17.80 28.56 -43.91
C PRO A 215 -18.81 27.53 -44.44
N GLN A 216 -19.27 27.69 -45.69
CA GLN A 216 -20.33 26.85 -46.31
C GLN A 216 -19.72 26.11 -47.50
N SER A 217 -20.05 24.83 -47.72
CA SER A 217 -19.46 24.03 -48.81
C SER A 217 -20.48 23.85 -49.94
N ASP A 218 -20.02 24.15 -51.16
CA ASP A 218 -20.70 24.02 -52.47
C ASP A 218 -20.77 22.55 -52.91
N HIS A 219 -20.04 21.64 -52.25
CA HIS A 219 -19.73 20.29 -52.77
C HIS A 219 -20.96 19.36 -52.71
N ASP A 220 -20.94 18.27 -53.48
CA ASP A 220 -22.01 17.25 -53.50
C ASP A 220 -22.25 16.71 -52.08
N LEU A 221 -21.19 16.64 -51.27
CA LEU A 221 -21.22 16.07 -49.90
C LEU A 221 -22.19 16.89 -49.03
N SER A 222 -22.39 18.18 -49.32
CA SER A 222 -23.35 19.08 -48.62
C SER A 222 -24.79 18.52 -48.68
N ARG A 223 -25.11 17.71 -49.70
CA ARG A 223 -26.42 17.03 -49.83
C ARG A 223 -26.56 16.00 -48.69
N LEU A 224 -25.45 15.41 -48.20
CA LEU A 224 -25.47 14.32 -47.16
C LEU A 224 -25.02 14.84 -45.78
N ARG A 225 -24.05 15.76 -45.69
CA ARG A 225 -23.48 16.26 -44.40
C ARG A 225 -23.84 17.72 -44.13
N GLY A 226 -24.60 18.37 -45.02
CA GLY A 226 -24.91 19.81 -44.91
C GLY A 226 -23.74 20.64 -45.44
N PRO A 227 -23.95 21.94 -45.69
CA PRO A 227 -22.89 22.81 -46.20
C PRO A 227 -21.88 23.26 -45.13
N GLY A 228 -22.23 23.12 -43.85
CA GLY A 228 -21.38 23.49 -42.70
C GLY A 228 -22.15 24.06 -41.53
N GLN A 229 -22.06 23.41 -40.37
CA GLN A 229 -22.81 23.79 -39.16
C GLN A 229 -22.12 23.18 -37.93
N THR A 230 -22.44 23.73 -36.75
CA THR A 230 -22.13 23.10 -35.43
C THR A 230 -22.64 21.66 -35.47
N VAL A 231 -21.81 20.71 -35.02
CA VAL A 231 -22.20 19.28 -34.95
C VAL A 231 -21.91 18.75 -33.53
N VAL A 232 -22.56 17.64 -33.19
CA VAL A 232 -22.42 16.90 -31.91
C VAL A 232 -22.30 15.42 -32.24
N GLN A 233 -21.34 14.73 -31.62
CA GLN A 233 -21.34 13.25 -31.50
C GLN A 233 -21.37 12.90 -30.00
N SER A 234 -22.36 12.10 -29.65
CA SER A 234 -22.54 11.49 -28.32
C SER A 234 -22.15 10.01 -28.45
N LEU A 235 -21.17 9.56 -27.67
CA LEU A 235 -20.59 8.20 -27.70
C LEU A 235 -20.46 7.67 -26.28
N THR A 236 -20.10 6.40 -26.13
CA THR A 236 -19.79 5.83 -24.80
C THR A 236 -18.55 4.94 -24.94
N TYR A 237 -17.61 5.16 -24.03
CA TYR A 237 -16.40 4.35 -23.78
C TYR A 237 -16.42 3.96 -22.31
N PRO A 238 -15.65 2.92 -21.93
CA PRO A 238 -15.47 2.59 -20.52
C PRO A 238 -14.85 3.77 -19.77
N ASP A 239 -15.51 4.20 -18.69
CA ASP A 239 -15.19 5.42 -17.87
C ASP A 239 -13.67 5.68 -17.77
N GLU A 240 -12.84 4.67 -17.62
CA GLU A 240 -11.40 4.87 -17.30
C GLU A 240 -10.64 5.45 -18.50
N VAL A 241 -11.23 5.59 -19.69
CA VAL A 241 -10.52 6.16 -20.87
C VAL A 241 -11.19 7.46 -21.30
N LEU A 242 -12.15 8.00 -20.56
CA LEU A 242 -12.86 9.23 -21.01
C LEU A 242 -11.84 10.38 -21.14
N TRP A 243 -10.75 10.36 -20.38
CA TRP A 243 -9.78 11.48 -20.31
C TRP A 243 -8.97 11.56 -21.62
N GLN A 244 -8.90 10.49 -22.40
CA GLN A 244 -8.00 10.41 -23.59
C GLN A 244 -8.69 11.06 -24.78
N ALA A 245 -9.04 12.35 -24.65
CA ALA A 245 -9.97 13.07 -25.54
C ALA A 245 -9.40 13.23 -26.95
N LYS A 246 -8.08 13.34 -27.10
CA LYS A 246 -7.45 13.60 -28.42
C LYS A 246 -7.57 12.32 -29.25
N PRO A 247 -7.09 11.15 -28.76
CA PRO A 247 -7.37 9.88 -29.43
C PRO A 247 -8.86 9.56 -29.68
N ILE A 248 -9.75 10.00 -28.80
CA ILE A 248 -11.20 9.69 -28.92
C ILE A 248 -11.74 10.54 -30.09
N LEU A 249 -11.39 11.82 -30.11
CA LEU A 249 -11.75 12.76 -31.21
C LEU A 249 -11.28 12.18 -32.54
N PHE A 250 -10.01 11.80 -32.63
CA PHE A 250 -9.36 11.43 -33.90
C PHE A 250 -9.98 10.14 -34.43
N GLN A 251 -10.44 9.26 -33.53
CA GLN A 251 -11.02 7.95 -33.94
C GLN A 251 -12.27 8.25 -34.80
N GLN A 252 -13.04 9.28 -34.42
CA GLN A 252 -14.26 9.75 -35.12
C GLN A 252 -13.91 10.50 -36.41
N LEU A 253 -12.88 11.36 -36.40
CA LEU A 253 -12.42 12.06 -37.62
C LEU A 253 -12.06 11.02 -38.67
N LYS A 254 -11.36 9.97 -38.23
CA LYS A 254 -10.86 8.87 -39.11
C LYS A 254 -12.05 8.09 -39.65
N ALA A 255 -13.08 7.88 -38.82
CA ALA A 255 -14.25 7.06 -39.19
C ALA A 255 -15.05 7.81 -40.27
N GLY A 256 -15.17 9.14 -40.13
CA GLY A 256 -15.77 10.05 -41.13
C GLY A 256 -14.98 10.10 -42.42
N ILE A 257 -13.65 10.09 -42.36
CA ILE A 257 -12.79 10.10 -43.57
C ILE A 257 -12.97 8.74 -44.28
N ASP A 258 -12.99 7.64 -43.54
CA ASP A 258 -13.12 6.25 -44.10
C ASP A 258 -14.43 6.16 -44.89
N TRP A 259 -15.53 6.68 -44.33
CA TRP A 259 -16.88 6.74 -44.95
C TRP A 259 -16.85 7.47 -46.30
N LEU A 260 -16.21 8.64 -46.38
CA LEU A 260 -15.93 9.34 -47.67
C LEU A 260 -15.30 8.36 -48.66
N VAL A 261 -14.23 7.66 -48.27
CA VAL A 261 -13.40 6.88 -49.22
C VAL A 261 -14.25 5.71 -49.70
N GLU A 262 -15.12 5.17 -48.85
CA GLU A 262 -16.07 4.09 -49.22
C GLU A 262 -17.10 4.66 -50.21
N ASN A 263 -17.69 5.82 -49.89
CA ASN A 263 -18.89 6.37 -50.59
C ASN A 263 -18.48 7.21 -51.80
N LYS A 264 -17.35 6.88 -52.43
CA LYS A 264 -16.95 7.32 -53.81
C LYS A 264 -16.42 8.76 -53.82
N TYR A 265 -16.33 9.44 -52.68
CA TYR A 265 -15.73 10.80 -52.58
C TYR A 265 -14.21 10.70 -52.67
N ASP A 266 -13.58 11.33 -53.69
CA ASP A 266 -12.13 11.15 -54.06
C ASP A 266 -11.51 12.43 -54.65
N VAL A 267 -10.35 12.29 -55.32
CA VAL A 267 -9.40 13.40 -55.66
C VAL A 267 -9.76 14.00 -57.02
N ALA A 268 -10.50 13.27 -57.85
CA ALA A 268 -11.18 13.84 -59.03
C ALA A 268 -11.89 15.13 -58.59
N ASP A 269 -12.58 15.10 -57.45
CA ASP A 269 -13.40 16.23 -56.89
C ASP A 269 -13.50 16.07 -55.36
N PRO A 270 -12.48 16.48 -54.57
CA PRO A 270 -12.50 16.29 -53.13
C PRO A 270 -13.17 17.48 -52.44
N PRO A 271 -13.90 17.28 -51.31
CA PRO A 271 -14.46 18.40 -50.58
C PRO A 271 -13.33 19.21 -49.99
N PRO A 272 -13.60 20.45 -49.55
CA PRO A 272 -12.58 21.26 -48.89
C PRO A 272 -12.20 20.59 -47.58
N PRO A 273 -10.91 20.70 -47.13
CA PRO A 273 -10.42 19.98 -45.96
C PRO A 273 -11.25 20.22 -44.70
N TRP A 274 -11.74 21.45 -44.54
CA TRP A 274 -12.50 21.82 -43.33
C TRP A 274 -13.80 21.00 -43.24
N GLN A 275 -14.31 20.51 -44.38
CA GLN A 275 -15.55 19.68 -44.44
C GLN A 275 -15.19 18.20 -44.34
N VAL A 276 -13.99 17.81 -44.79
CA VAL A 276 -13.48 16.44 -44.59
C VAL A 276 -13.34 16.19 -43.09
N TYR A 277 -13.11 17.22 -42.27
CA TYR A 277 -12.81 17.09 -40.83
C TYR A 277 -14.01 17.55 -39.97
N LEU A 278 -15.15 17.82 -40.60
CA LEU A 278 -16.41 18.07 -39.86
C LEU A 278 -17.08 16.72 -39.61
N LEU A 279 -17.46 16.46 -38.36
CA LEU A 279 -18.02 15.15 -37.97
C LEU A 279 -19.49 15.09 -38.40
N ALA A 280 -19.91 13.94 -38.93
CA ALA A 280 -21.34 13.63 -39.12
C ALA A 280 -22.06 13.85 -37.78
N ASN A 281 -23.06 14.75 -37.74
CA ASN A 281 -23.92 15.01 -36.55
C ASN A 281 -24.65 13.71 -36.14
N LYS A 282 -24.50 13.28 -34.89
CA LYS A 282 -25.18 12.09 -34.30
C LYS A 282 -25.35 12.31 -32.80
N PRO A 283 -26.17 13.30 -32.39
CA PRO A 283 -26.36 13.58 -30.97
C PRO A 283 -27.18 12.44 -30.33
N GLY A 284 -27.12 12.34 -29.00
CA GLY A 284 -27.94 11.40 -28.23
C GLY A 284 -27.43 11.21 -26.80
N SER A 285 -27.45 9.96 -26.34
CA SER A 285 -27.01 9.51 -25.00
C SER A 285 -25.57 9.06 -25.07
N GLY A 286 -24.81 9.31 -24.00
CA GLY A 286 -23.39 8.95 -23.89
C GLY A 286 -22.72 9.50 -22.65
N ASN A 287 -21.51 9.00 -22.36
CA ASN A 287 -20.59 9.51 -21.29
C ASN A 287 -19.54 10.41 -21.95
N VAL A 288 -19.56 10.52 -23.29
CA VAL A 288 -18.71 11.47 -24.06
C VAL A 288 -19.57 12.20 -25.09
N HIS A 289 -19.44 13.53 -25.14
CA HIS A 289 -20.13 14.45 -26.10
C HIS A 289 -19.10 15.38 -26.76
N ILE A 290 -18.84 15.19 -28.05
CA ILE A 290 -17.97 16.08 -28.87
C ILE A 290 -18.83 17.16 -29.54
N VAL A 291 -18.70 18.42 -29.12
CA VAL A 291 -19.33 19.58 -29.84
C VAL A 291 -18.28 20.26 -30.72
N GLN A 292 -18.51 20.30 -32.04
CA GLN A 292 -17.53 20.80 -33.05
C GLN A 292 -18.11 21.99 -33.82
N LYS A 293 -17.33 23.08 -33.88
CA LYS A 293 -17.59 24.29 -34.70
C LYS A 293 -16.42 24.49 -35.67
N VAL A 294 -16.68 25.00 -36.87
CA VAL A 294 -15.64 25.52 -37.80
C VAL A 294 -15.91 27.01 -37.98
N PHE A 295 -14.88 27.84 -37.86
CA PHE A 295 -15.01 29.29 -38.01
C PHE A 295 -14.02 29.78 -39.08
N GLU A 296 -14.49 30.70 -39.93
CA GLU A 296 -13.66 31.50 -40.86
C GLU A 296 -13.43 32.86 -40.20
N GLY A 297 -12.17 33.21 -39.99
CA GLY A 297 -11.75 34.44 -39.30
C GLY A 297 -11.98 34.35 -37.80
N ASP A 298 -12.22 35.51 -37.19
CA ASP A 298 -12.42 35.66 -35.73
C ASP A 298 -13.65 34.86 -35.34
N PHE A 299 -13.71 34.41 -34.07
CA PHE A 299 -14.85 33.66 -33.47
C PHE A 299 -14.89 33.92 -31.96
N GLU A 300 -16.09 33.78 -31.39
CA GLU A 300 -16.31 33.57 -29.94
C GLU A 300 -17.56 32.70 -29.75
N PHE A 301 -17.68 32.10 -28.56
CA PHE A 301 -18.85 31.30 -28.12
C PHE A 301 -18.75 31.03 -26.62
N ASP A 302 -19.92 30.75 -26.04
CA ASP A 302 -20.10 30.71 -24.56
C ASP A 302 -20.37 29.27 -24.15
N ILE A 303 -19.98 28.92 -22.93
CA ILE A 303 -20.41 27.64 -22.30
C ILE A 303 -21.14 28.00 -21.03
N LEU A 304 -22.35 27.50 -20.89
CA LEU A 304 -23.26 27.86 -19.77
C LEU A 304 -23.66 26.59 -19.01
N PHE A 305 -23.17 26.48 -17.78
CA PHE A 305 -23.51 25.39 -16.84
C PHE A 305 -24.55 25.94 -15.85
N SER A 306 -25.77 25.41 -15.96
CA SER A 306 -26.90 25.76 -15.06
C SER A 306 -27.20 24.58 -14.13
N SER A 307 -26.91 24.73 -12.84
CA SER A 307 -27.40 23.83 -11.77
C SER A 307 -28.92 24.04 -11.62
N GLU A 308 -29.73 23.01 -11.88
CA GLU A 308 -31.20 23.10 -11.75
C GLU A 308 -31.55 23.50 -10.31
N SER A 309 -30.75 23.06 -9.34
CA SER A 309 -30.98 23.27 -7.89
C SER A 309 -30.85 24.75 -7.49
N ALA A 310 -30.31 25.63 -8.34
CA ALA A 310 -30.36 27.11 -8.14
C ALA A 310 -31.58 27.67 -8.88
N GLY A 311 -31.71 29.00 -8.96
CA GLY A 311 -32.88 29.66 -9.58
C GLY A 311 -33.02 29.32 -11.06
N LYS A 312 -33.17 30.36 -11.90
CA LYS A 312 -33.26 30.24 -13.38
C LYS A 312 -31.88 29.83 -13.88
N GLU A 313 -31.82 29.35 -15.13
CA GLU A 313 -30.56 28.94 -15.80
C GLU A 313 -29.69 30.18 -16.09
N VAL A 314 -28.38 29.97 -16.27
CA VAL A 314 -27.36 31.02 -16.57
C VAL A 314 -27.49 31.44 -18.04
N THR A 315 -27.35 32.74 -18.32
CA THR A 315 -27.39 33.30 -19.70
C THR A 315 -26.05 33.94 -20.05
N SER A 316 -25.85 34.19 -21.34
CA SER A 316 -24.66 34.88 -21.88
C SER A 316 -24.57 36.29 -21.25
N LYS A 317 -25.69 36.98 -20.98
CA LYS A 317 -25.72 38.32 -20.32
C LYS A 317 -25.18 38.18 -18.88
N ASP A 318 -25.49 37.08 -18.21
CA ASP A 318 -25.02 36.78 -16.83
C ASP A 318 -23.48 36.70 -16.80
N LEU A 319 -22.90 35.96 -17.74
CA LEU A 319 -21.44 35.77 -17.91
C LEU A 319 -20.75 37.14 -18.01
N GLU A 320 -21.23 38.02 -18.90
CA GLU A 320 -20.63 39.36 -19.16
C GLU A 320 -20.59 40.16 -17.85
N ARG A 321 -21.68 40.13 -17.07
CA ARG A 321 -21.81 40.91 -15.81
C ARG A 321 -20.81 40.35 -14.78
N GLU A 322 -20.93 39.06 -14.44
CA GLU A 322 -20.23 38.49 -13.26
C GLU A 322 -18.73 38.34 -13.58
N VAL A 323 -18.32 38.37 -14.86
CA VAL A 323 -16.89 38.51 -15.28
C VAL A 323 -16.40 39.89 -14.85
N LYS A 324 -17.07 40.94 -15.32
CA LYS A 324 -16.68 42.35 -15.08
C LYS A 324 -16.56 42.54 -13.56
N GLN A 325 -17.49 41.99 -12.79
CA GLN A 325 -17.58 42.23 -11.32
C GLN A 325 -16.41 41.50 -10.64
N ALA A 326 -15.94 40.39 -11.21
CA ALA A 326 -14.83 39.57 -10.66
C ALA A 326 -13.48 40.29 -10.87
N THR A 327 -13.33 40.94 -12.02
CA THR A 327 -12.16 41.80 -12.36
C THR A 327 -12.02 42.87 -11.29
N GLU A 328 -13.15 43.51 -10.94
CA GLU A 328 -13.22 44.60 -9.92
C GLU A 328 -12.73 44.06 -8.58
N VAL A 329 -13.19 42.87 -8.19
CA VAL A 329 -12.91 42.25 -6.86
C VAL A 329 -11.44 41.81 -6.83
N PHE A 330 -10.97 41.12 -7.88
CA PHE A 330 -9.55 40.78 -8.06
C PHE A 330 -8.72 42.07 -7.97
N GLY A 331 -9.13 43.11 -8.71
CA GLY A 331 -8.57 44.47 -8.60
C GLY A 331 -8.38 44.93 -7.15
N GLU A 332 -9.48 45.02 -6.38
CA GLU A 332 -9.51 45.59 -5.00
C GLU A 332 -8.60 44.76 -4.10
N ARG A 333 -8.77 43.44 -4.08
CA ARG A 333 -8.07 42.49 -3.18
C ARG A 333 -6.55 42.64 -3.34
N PHE A 334 -6.09 42.72 -4.59
CA PHE A 334 -4.65 42.70 -4.98
C PHE A 334 -3.93 43.90 -4.37
N ALA A 335 -4.53 45.08 -4.47
CA ALA A 335 -3.97 46.35 -3.92
C ALA A 335 -3.86 46.23 -2.39
N ARG A 336 -4.80 45.57 -1.72
CA ARG A 336 -4.77 45.36 -0.25
C ARG A 336 -3.74 44.28 0.06
N VAL A 337 -3.90 43.09 -0.52
CA VAL A 337 -3.12 41.87 -0.15
C VAL A 337 -1.67 42.02 -0.65
N PHE A 338 -1.49 42.49 -1.88
CA PHE A 338 -0.18 42.71 -2.53
C PHE A 338 -0.01 44.20 -2.84
N ASP A 339 0.21 44.99 -1.79
CA ASP A 339 0.57 46.42 -1.89
C ASP A 339 2.09 46.49 -2.05
N LEU A 340 2.57 46.71 -3.27
CA LEU A 340 4.01 46.64 -3.62
C LEU A 340 4.74 47.88 -3.10
N LYS A 341 5.72 47.69 -2.22
CA LYS A 341 6.53 48.77 -1.58
C LYS A 341 7.66 49.20 -2.53
N ALA A 342 8.36 50.28 -2.19
CA ALA A 342 9.39 50.91 -3.03
C ALA A 342 10.54 49.94 -3.23
N PRO A 343 11.16 49.89 -4.44
CA PRO A 343 10.79 50.75 -5.57
C PRO A 343 9.94 50.09 -6.66
N PHE A 344 8.93 49.32 -6.29
CA PHE A 344 8.12 48.50 -7.23
C PHE A 344 6.64 48.89 -7.17
N GLN A 345 6.34 50.13 -6.80
CA GLN A 345 4.95 50.63 -6.77
C GLN A 345 4.54 51.01 -8.20
N GLY A 346 5.48 51.08 -9.13
CA GLY A 346 5.21 51.39 -10.55
C GLY A 346 4.13 50.47 -11.11
N ASP A 347 3.36 50.95 -12.08
CA ASP A 347 2.28 50.16 -12.76
C ASP A 347 2.90 48.98 -13.52
N ASN A 348 4.14 49.13 -14.03
CA ASN A 348 4.87 48.07 -14.77
C ASN A 348 5.02 46.85 -13.83
N TYR A 349 5.37 47.09 -12.56
CA TYR A 349 5.64 46.06 -11.54
C TYR A 349 4.31 45.52 -10.98
N LYS A 350 3.23 46.27 -11.15
CA LYS A 350 1.86 45.87 -10.71
C LYS A 350 1.35 44.84 -11.71
N LYS A 351 1.48 45.15 -13.00
CA LYS A 351 1.21 44.22 -14.12
C LYS A 351 1.96 42.91 -13.83
N PHE A 352 3.28 42.99 -13.65
CA PHE A 352 4.17 41.85 -13.36
C PHE A 352 3.63 41.07 -12.16
N GLY A 353 3.30 41.74 -11.06
CA GLY A 353 2.78 41.09 -9.84
C GLY A 353 1.51 40.28 -10.13
N LYS A 354 0.53 40.90 -10.78
CA LYS A 354 -0.81 40.29 -11.04
C LYS A 354 -0.61 39.03 -11.87
N SER A 355 0.42 39.01 -12.71
CA SER A 355 0.75 37.90 -13.64
C SER A 355 1.37 36.75 -12.83
N MET A 356 2.44 37.06 -12.11
CA MET A 356 3.17 36.07 -11.30
C MET A 356 2.18 35.46 -10.31
N PHE A 357 1.36 36.28 -9.66
CA PHE A 357 0.35 35.75 -8.71
C PHE A 357 -0.66 34.86 -9.43
N SER A 358 -1.28 35.40 -10.47
CA SER A 358 -2.43 34.79 -11.16
C SER A 358 -2.06 33.39 -11.68
N ASN A 359 -0.90 33.25 -12.32
CA ASN A 359 -0.42 31.93 -12.84
C ASN A 359 -0.15 30.94 -11.69
N LEU A 360 0.35 31.42 -10.55
CA LEU A 360 0.60 30.60 -9.33
C LEU A 360 -0.72 29.99 -8.84
N ILE A 361 -1.70 30.84 -8.53
CA ILE A 361 -3.02 30.42 -7.96
C ILE A 361 -3.89 29.80 -9.07
N GLY A 362 -3.71 30.23 -10.31
CA GLY A 362 -4.45 29.64 -11.46
C GLY A 362 -3.97 28.24 -11.81
N GLY A 363 -2.87 27.77 -11.24
CA GLY A 363 -2.36 26.40 -11.45
C GLY A 363 -3.10 25.39 -10.60
N ILE A 364 -3.93 25.82 -9.66
CA ILE A 364 -4.66 24.90 -8.73
C ILE A 364 -5.38 23.84 -9.58
N GLY A 365 -5.11 22.56 -9.32
CA GLY A 365 -5.85 21.45 -9.93
C GLY A 365 -6.52 20.59 -8.90
N TYR A 366 -7.50 19.79 -9.33
CA TYR A 366 -8.04 18.60 -8.63
C TYR A 366 -7.55 17.36 -9.37
N PHE A 367 -6.85 16.47 -8.67
CA PHE A 367 -6.35 15.17 -9.22
C PHE A 367 -6.96 14.01 -8.42
N TYR A 368 -7.25 12.89 -9.10
CA TYR A 368 -7.99 11.71 -8.56
C TYR A 368 -7.48 10.41 -9.18
N GLY A 369 -7.06 9.43 -8.37
CA GLY A 369 -6.68 8.12 -8.89
C GLY A 369 -5.59 7.43 -8.09
N HIS A 370 -4.97 6.42 -8.70
CA HIS A 370 -4.00 5.51 -8.05
C HIS A 370 -2.56 6.04 -8.21
N SER A 371 -1.87 6.25 -7.07
CA SER A 371 -0.38 6.34 -6.89
C SER A 371 0.25 4.99 -7.25
N LEU A 372 1.49 5.02 -7.77
CA LEU A 372 2.38 3.83 -7.91
C LEU A 372 3.40 3.85 -6.76
N VAL A 373 3.40 2.83 -5.91
CA VAL A 373 4.22 2.75 -4.66
C VAL A 373 4.93 1.38 -4.56
N ASP A 374 6.13 1.37 -3.95
CA ASP A 374 6.84 0.15 -3.52
C ASP A 374 6.55 -0.03 -2.03
N ARG A 375 5.56 -0.89 -1.72
CA ARG A 375 5.11 -1.13 -0.33
C ARG A 375 5.85 -2.38 0.21
N SER A 376 6.84 -2.90 -0.56
CA SER A 376 7.73 -4.04 -0.23
C SER A 376 8.57 -3.76 1.02
N TYR A 377 8.85 -2.48 1.33
CA TYR A 377 9.77 -2.04 2.40
C TYR A 377 10.98 -3.01 2.47
N ALA A 378 11.62 -3.29 1.34
CA ALA A 378 12.83 -4.13 1.30
C ALA A 378 13.79 -3.74 2.41
N PRO A 379 14.61 -4.69 2.89
CA PRO A 379 15.71 -4.36 3.81
C PRO A 379 16.76 -3.41 3.20
N GLU A 380 17.03 -3.50 1.89
CA GLU A 380 18.03 -2.66 1.16
C GLU A 380 17.72 -1.16 1.28
N TYR A 381 16.46 -0.74 1.34
CA TYR A 381 16.06 0.68 1.55
C TYR A 381 16.40 1.15 2.98
N ASP A 382 17.01 0.30 3.81
CA ASP A 382 17.44 0.73 5.17
C ASP A 382 18.73 1.56 5.04
N GLU A 383 19.49 1.37 3.95
CA GLU A 383 20.72 2.14 3.61
C GLU A 383 21.63 2.15 4.84
N GLU A 384 22.07 0.96 5.28
CA GLU A 384 22.96 0.79 6.46
C GLU A 384 24.30 0.22 6.01
N ASN A 385 24.41 -0.23 4.77
CA ASN A 385 25.71 -0.71 4.19
C ASN A 385 26.41 0.44 3.47
N GLU A 386 27.75 0.40 3.41
CA GLU A 386 28.55 1.08 2.37
C GLU A 386 28.14 0.48 1.03
N GLY A 387 27.92 1.32 0.01
CA GLY A 387 27.41 0.89 -1.31
C GLY A 387 25.90 0.65 -1.28
N PHE A 388 25.19 1.26 -0.32
CA PHE A 388 23.73 1.10 -0.11
C PHE A 388 22.98 1.41 -1.42
N TRP A 389 23.53 2.28 -2.25
CA TRP A 389 22.87 2.71 -3.51
C TRP A 389 22.81 1.53 -4.48
N GLU A 390 23.80 0.63 -4.47
CA GLU A 390 23.81 -0.55 -5.38
C GLU A 390 22.74 -1.55 -4.88
N ASP A 391 22.67 -1.73 -3.56
CA ASP A 391 21.68 -2.61 -2.90
C ASP A 391 20.30 -2.10 -3.33
N ALA A 392 20.05 -0.80 -3.16
CA ALA A 392 18.72 -0.17 -3.35
C ALA A 392 18.30 -0.29 -4.83
N ALA A 393 19.26 -0.25 -5.75
CA ALA A 393 19.02 -0.52 -7.18
C ALA A 393 18.48 -1.95 -7.36
N GLU A 394 19.01 -2.90 -6.60
CA GLU A 394 18.62 -4.33 -6.69
C GLU A 394 17.14 -4.45 -6.28
N ALA A 395 16.76 -3.88 -5.13
CA ALA A 395 15.39 -3.94 -4.57
C ALA A 395 14.36 -3.38 -5.58
N ARG A 396 14.71 -2.26 -6.21
CA ARG A 396 13.88 -1.53 -7.21
C ARG A 396 13.69 -2.39 -8.45
N ALA A 397 14.69 -3.19 -8.84
CA ALA A 397 14.63 -4.10 -10.00
C ALA A 397 13.80 -5.36 -9.65
N ARG A 398 13.28 -5.45 -8.42
CA ARG A 398 12.30 -6.48 -8.01
C ARG A 398 10.91 -6.10 -8.55
N HIS A 399 10.67 -4.78 -8.72
CA HIS A 399 9.46 -4.22 -9.39
C HIS A 399 8.23 -4.75 -8.64
N GLN A 400 8.20 -4.55 -7.33
CA GLN A 400 7.09 -4.89 -6.40
C GLN A 400 6.16 -3.69 -6.22
N GLU A 401 6.33 -2.64 -7.03
CA GLU A 401 5.50 -1.42 -6.91
C GLU A 401 4.11 -1.79 -7.41
N ALA A 402 3.09 -1.44 -6.62
CA ALA A 402 1.66 -1.71 -6.86
C ALA A 402 0.89 -0.40 -6.92
N LEU A 403 -0.11 -0.33 -7.79
CA LEU A 403 -1.11 0.74 -7.76
C LEU A 403 -1.93 0.61 -6.47
N GLU A 404 -2.28 1.73 -5.88
CA GLU A 404 -3.03 1.79 -4.61
C GLU A 404 -3.83 3.09 -4.64
N GLY A 405 -4.85 3.21 -3.78
CA GLY A 405 -5.81 4.32 -3.74
C GLY A 405 -7.22 3.83 -4.04
N PRO A 406 -8.08 4.62 -4.73
CA PRO A 406 -7.68 5.92 -5.27
C PRO A 406 -7.44 6.98 -4.18
N TYR A 407 -6.71 8.04 -4.52
CA TYR A 407 -6.48 9.20 -3.64
C TYR A 407 -6.96 10.45 -4.39
N GLU A 408 -7.28 11.50 -3.66
CA GLU A 408 -7.61 12.84 -4.21
C GLU A 408 -6.62 13.87 -3.66
N LEU A 409 -6.30 14.88 -4.49
CA LEU A 409 -5.48 16.02 -4.06
C LEU A 409 -5.93 17.27 -4.81
N PHE A 410 -6.24 18.31 -4.03
CA PHE A 410 -6.42 19.71 -4.45
C PHE A 410 -5.16 20.46 -4.06
N THR A 411 -4.34 20.85 -5.04
CA THR A 411 -3.03 21.51 -4.83
C THR A 411 -2.63 22.38 -6.03
N SER A 412 -1.77 23.35 -5.79
CA SER A 412 -1.11 24.17 -6.85
C SER A 412 0.13 23.40 -7.34
N ILE A 413 0.69 23.80 -8.49
CA ILE A 413 1.68 23.02 -9.27
C ILE A 413 2.84 23.92 -9.65
N PRO A 414 4.03 23.32 -9.86
CA PRO A 414 5.18 24.07 -10.37
C PRO A 414 5.04 24.59 -11.80
N SER A 415 4.46 23.81 -12.72
CA SER A 415 4.55 24.00 -14.20
C SER A 415 3.39 23.28 -14.94
N ARG A 416 2.48 24.02 -15.54
CA ARG A 416 1.39 23.50 -16.39
C ARG A 416 1.97 22.62 -17.50
N PRO A 417 2.98 23.06 -18.28
CA PRO A 417 3.49 22.24 -19.36
C PRO A 417 4.37 21.06 -18.95
N PHE A 418 5.15 21.14 -17.86
CA PHE A 418 6.20 20.13 -17.55
C PHE A 418 5.89 19.30 -16.29
N PHE A 419 5.26 19.90 -15.28
CA PHE A 419 5.09 19.30 -13.94
C PHE A 419 3.70 19.60 -13.38
N PRO A 420 2.61 19.25 -14.10
CA PRO A 420 1.25 19.56 -13.66
C PRO A 420 0.76 18.58 -12.60
N ARG A 421 1.36 18.70 -11.41
CA ARG A 421 1.05 17.84 -10.26
C ARG A 421 1.67 18.40 -8.99
N GLY A 422 1.15 17.95 -7.85
CA GLY A 422 1.58 18.35 -6.51
C GLY A 422 2.97 17.83 -6.23
N PHE A 423 3.86 18.73 -5.78
CA PHE A 423 5.17 18.39 -5.19
C PHE A 423 5.29 18.94 -3.76
N LEU A 424 5.74 18.08 -2.84
CA LEU A 424 5.53 18.29 -1.38
C LEU A 424 6.21 19.59 -0.91
N TRP A 425 7.52 19.78 -1.19
CA TRP A 425 8.24 20.96 -0.68
C TRP A 425 7.94 22.17 -1.55
N ASP A 426 7.62 21.96 -2.84
CA ASP A 426 7.19 23.06 -3.75
C ASP A 426 5.95 23.73 -3.12
N GLU A 427 5.02 22.97 -2.56
CA GLU A 427 3.70 23.54 -2.11
C GLU A 427 3.91 24.44 -0.90
N GLY A 428 4.91 24.15 -0.07
CA GLY A 428 5.30 25.05 1.04
C GLY A 428 5.47 26.48 0.53
N PHE A 429 6.13 26.64 -0.62
CA PHE A 429 6.41 27.96 -1.23
C PHE A 429 5.18 28.46 -1.99
N HIS A 430 4.49 27.61 -2.73
CA HIS A 430 3.29 28.04 -3.52
C HIS A 430 2.31 28.70 -2.56
N LEU A 431 2.24 28.25 -1.31
CA LEU A 431 1.12 28.67 -0.43
C LEU A 431 1.48 29.93 0.35
N LEU A 432 2.74 30.40 0.32
CA LEU A 432 3.09 31.64 1.06
C LEU A 432 2.26 32.79 0.48
N PRO A 433 2.23 33.00 -0.84
CA PRO A 433 1.39 34.04 -1.43
C PRO A 433 -0.11 33.72 -1.43
N ILE A 434 -0.46 32.46 -1.54
CA ILE A 434 -1.89 32.02 -1.64
C ILE A 434 -2.53 32.25 -0.26
N ALA A 435 -1.82 31.94 0.81
CA ALA A 435 -2.26 32.22 2.20
C ALA A 435 -2.54 33.72 2.36
N ASP A 436 -1.69 34.58 1.81
CA ASP A 436 -1.96 36.05 1.88
C ASP A 436 -3.32 36.27 1.24
N TRP A 437 -3.52 35.75 0.02
CA TRP A 437 -4.74 36.00 -0.79
C TRP A 437 -5.97 35.42 -0.09
N ASP A 438 -5.87 34.21 0.44
CA ASP A 438 -7.04 33.40 0.86
C ASP A 438 -6.55 32.31 1.82
N ILE A 439 -6.40 32.65 3.09
CA ILE A 439 -5.82 31.70 4.09
C ILE A 439 -6.66 30.41 4.12
N ASP A 440 -7.97 30.51 3.91
CA ASP A 440 -8.90 29.36 4.04
C ASP A 440 -8.69 28.42 2.86
N LEU A 441 -8.36 28.98 1.71
CA LEU A 441 -7.95 28.19 0.53
C LEU A 441 -6.63 27.45 0.86
N ALA A 442 -5.65 28.12 1.48
CA ALA A 442 -4.33 27.52 1.81
C ALA A 442 -4.53 26.36 2.80
N LEU A 443 -5.32 26.58 3.86
CA LEU A 443 -5.61 25.52 4.86
C LEU A 443 -6.35 24.35 4.21
N GLU A 444 -7.28 24.64 3.30
CA GLU A 444 -8.01 23.63 2.48
C GLU A 444 -6.99 22.76 1.71
N ILE A 445 -5.95 23.37 1.14
CA ILE A 445 -4.95 22.64 0.33
C ILE A 445 -4.06 21.84 1.28
N ILE A 446 -3.68 22.43 2.41
CA ILE A 446 -2.80 21.71 3.37
C ILE A 446 -3.58 20.49 3.85
N LYS A 447 -4.88 20.69 4.11
CA LYS A 447 -5.78 19.62 4.61
C LYS A 447 -5.76 18.49 3.59
N SER A 448 -5.94 18.84 2.31
CA SER A 448 -5.92 17.86 1.20
C SER A 448 -4.61 17.07 1.20
N TRP A 449 -3.49 17.73 1.45
CA TRP A 449 -2.15 17.09 1.36
C TRP A 449 -2.01 16.09 2.51
N TYR A 450 -2.39 16.52 3.72
CA TYR A 450 -2.16 15.72 4.94
C TYR A 450 -3.15 14.55 5.01
N ASN A 451 -4.30 14.62 4.32
CA ASN A 451 -5.22 13.47 4.11
C ASN A 451 -4.54 12.35 3.31
N LEU A 452 -3.32 12.56 2.79
CA LEU A 452 -2.60 11.54 1.97
C LEU A 452 -1.70 10.70 2.87
N MET A 453 -1.40 11.19 4.08
CA MET A 453 -0.40 10.61 5.01
C MET A 453 -0.80 9.16 5.32
N ASP A 454 0.10 8.20 5.14
CA ASP A 454 -0.14 6.75 5.40
C ASP A 454 -0.02 6.50 6.91
N GLU A 455 -0.18 5.25 7.36
CA GLU A 455 -0.29 4.89 8.80
C GLU A 455 0.97 5.41 9.53
N ASP A 456 2.15 5.22 8.92
CA ASP A 456 3.50 5.48 9.48
C ASP A 456 3.84 6.98 9.58
N GLY A 457 3.21 7.85 8.77
CA GLY A 457 3.46 9.31 8.72
C GLY A 457 4.13 9.80 7.44
N TRP A 458 4.21 8.96 6.39
CA TRP A 458 4.79 9.28 5.05
C TRP A 458 3.74 9.96 4.17
N ILE A 459 4.14 11.05 3.49
CA ILE A 459 3.43 11.60 2.29
C ILE A 459 4.42 11.58 1.12
N ALA A 460 4.08 10.85 0.04
CA ALA A 460 4.89 10.85 -1.19
C ALA A 460 5.12 12.30 -1.65
N ARG A 461 6.29 12.56 -2.20
CA ARG A 461 6.79 13.94 -2.43
C ARG A 461 6.36 14.42 -3.81
N GLU A 462 6.06 13.46 -4.69
CA GLU A 462 5.47 13.65 -6.04
C GLU A 462 4.15 12.86 -6.11
N GLN A 463 3.02 13.55 -6.30
CA GLN A 463 1.66 12.93 -6.36
C GLN A 463 1.19 12.81 -7.82
N ILE A 464 1.42 11.64 -8.40
CA ILE A 464 0.96 11.25 -9.77
C ILE A 464 -0.33 10.41 -9.63
N LEU A 465 -1.45 11.10 -9.43
CA LEU A 465 -2.81 10.54 -9.22
C LEU A 465 -3.50 10.35 -10.57
N GLY A 466 -3.39 9.16 -11.14
CA GLY A 466 -4.32 8.69 -12.17
C GLY A 466 -3.64 8.56 -13.51
N ALA A 467 -4.28 7.83 -14.42
CA ALA A 467 -3.75 7.56 -15.77
C ALA A 467 -3.45 8.90 -16.47
N GLU A 468 -4.27 9.92 -16.26
CA GLU A 468 -4.09 11.23 -16.94
C GLU A 468 -2.80 11.86 -16.42
N ALA A 469 -2.63 11.93 -15.11
CA ALA A 469 -1.40 12.40 -14.43
C ALA A 469 -0.19 11.59 -14.95
N ARG A 470 -0.34 10.26 -15.04
CA ARG A 470 0.76 9.32 -15.43
C ARG A 470 1.20 9.57 -16.87
N SER A 471 0.32 10.07 -17.74
CA SER A 471 0.61 10.22 -19.18
C SER A 471 1.74 11.23 -19.40
N LYS A 472 1.99 12.15 -18.45
CA LYS A 472 3.01 13.22 -18.52
C LYS A 472 4.34 12.79 -17.88
N VAL A 473 4.39 11.62 -17.22
CA VAL A 473 5.54 11.22 -16.38
C VAL A 473 6.17 9.94 -16.92
N PRO A 474 7.46 9.94 -17.35
CA PRO A 474 8.03 8.73 -17.93
C PRO A 474 8.14 7.68 -16.81
N LYS A 475 7.95 6.40 -17.18
CA LYS A 475 7.80 5.24 -16.25
C LYS A 475 8.85 5.36 -15.14
N GLU A 476 10.10 5.71 -15.50
CA GLU A 476 11.29 5.80 -14.60
C GLU A 476 10.98 6.59 -13.32
N PHE A 477 10.10 7.59 -13.34
CA PHE A 477 9.95 8.56 -12.22
C PHE A 477 8.63 8.34 -11.48
N GLN A 478 7.86 7.30 -11.81
CA GLN A 478 6.44 7.21 -11.36
C GLN A 478 6.33 6.59 -9.96
N THR A 479 7.12 5.54 -9.73
CA THR A 479 7.12 4.74 -8.49
C THR A 479 7.61 5.67 -7.37
N GLN A 480 6.81 5.80 -6.32
CA GLN A 480 7.17 6.47 -5.04
C GLN A 480 7.68 5.42 -4.05
N TYR A 481 8.39 5.88 -3.01
CA TYR A 481 9.14 5.04 -2.02
C TYR A 481 8.91 5.58 -0.62
N PRO A 482 8.34 4.75 0.28
CA PRO A 482 7.90 5.26 1.59
C PRO A 482 9.06 5.58 2.55
N HIS A 483 10.31 5.50 2.07
CA HIS A 483 11.50 6.01 2.79
C HIS A 483 12.05 7.32 2.17
N TYR A 484 11.39 7.86 1.14
CA TYR A 484 11.78 9.12 0.44
C TYR A 484 11.00 10.30 1.04
N ALA A 485 11.70 11.13 1.82
CA ALA A 485 11.22 12.39 2.45
C ALA A 485 11.37 13.57 1.48
N ASN A 486 11.05 14.78 1.95
CA ASN A 486 11.05 16.03 1.18
C ASN A 486 10.84 17.15 2.20
N PRO A 487 11.53 18.29 2.07
CA PRO A 487 11.51 19.30 3.11
C PRO A 487 10.08 19.66 3.52
N PRO A 488 9.80 19.78 4.84
CA PRO A 488 8.47 20.11 5.33
C PRO A 488 8.04 21.58 5.26
N THR A 489 8.09 22.15 4.07
CA THR A 489 7.87 23.61 3.87
C THR A 489 6.41 23.98 4.18
N LEU A 490 5.50 23.01 4.22
CA LEU A 490 4.09 23.36 4.56
C LEU A 490 4.04 23.91 5.98
N PHE A 491 4.97 23.53 6.85
CA PHE A 491 5.02 24.02 8.25
C PHE A 491 5.12 25.55 8.22
N LEU A 492 5.90 26.10 7.29
CA LEU A 492 6.13 27.57 7.16
C LEU A 492 4.80 28.31 6.94
N VAL A 493 3.89 27.72 6.16
CA VAL A 493 2.54 28.31 5.90
C VAL A 493 1.77 28.26 7.22
N LEU A 494 1.84 27.10 7.88
CA LEU A 494 1.23 26.82 9.20
C LEU A 494 1.80 27.78 10.26
N ASP A 495 3.10 28.07 10.23
CA ASP A 495 3.72 29.10 11.12
C ASP A 495 3.00 30.43 10.90
N ASN A 496 2.80 30.81 9.64
CA ASN A 496 2.27 32.14 9.23
C ASN A 496 0.78 32.22 9.58
N PHE A 497 0.10 31.07 9.59
CA PHE A 497 -1.33 30.97 9.99
C PHE A 497 -1.44 31.30 11.48
N VAL A 498 -0.58 30.67 12.29
CA VAL A 498 -0.50 30.83 13.78
C VAL A 498 -0.24 32.31 14.13
N GLU A 499 0.75 32.97 13.51
CA GLU A 499 1.05 34.40 13.79
C GLU A 499 -0.20 35.23 13.46
N ARG A 500 -0.96 34.85 12.43
CA ARG A 500 -2.14 35.62 11.96
C ARG A 500 -3.28 35.42 12.96
N LEU A 501 -3.33 34.23 13.57
CA LEU A 501 -4.36 33.81 14.56
C LEU A 501 -4.11 34.55 15.89
N ARG A 502 -2.90 34.40 16.46
CA ARG A 502 -2.45 35.08 17.70
C ARG A 502 -2.80 36.58 17.63
N LYS A 503 -2.51 37.28 16.51
CA LYS A 503 -2.72 38.75 16.34
C LYS A 503 -4.00 39.03 15.56
N LEU A 517 -19.36 37.76 0.80
CA LEU A 517 -19.32 36.37 1.35
C LEU A 517 -18.01 35.68 0.97
N ASP A 518 -17.56 35.83 -0.29
CA ASP A 518 -16.25 35.32 -0.78
C ASP A 518 -15.15 36.01 0.03
N GLU A 519 -15.31 37.32 0.28
CA GLU A 519 -14.41 38.13 1.14
C GLU A 519 -14.43 37.48 2.54
N THR A 520 -15.63 37.28 3.11
CA THR A 520 -15.84 36.69 4.46
C THR A 520 -15.12 35.34 4.59
N LEU A 521 -15.31 34.49 3.59
CA LEU A 521 -15.03 33.04 3.66
C LEU A 521 -13.53 32.82 3.54
N SER A 522 -12.85 33.71 2.82
CA SER A 522 -11.37 33.67 2.63
C SER A 522 -10.66 33.75 3.99
N THR A 523 -11.20 34.47 4.99
CA THR A 523 -10.50 34.74 6.29
C THR A 523 -11.22 34.12 7.50
N ALA A 524 -12.35 33.43 7.27
CA ALA A 524 -13.21 32.86 8.33
C ALA A 524 -12.40 32.13 9.42
N SER A 525 -11.27 31.50 9.07
CA SER A 525 -10.48 30.60 9.95
C SER A 525 -9.46 31.37 10.80
N VAL A 526 -9.39 32.69 10.68
CA VAL A 526 -8.65 33.60 11.61
C VAL A 526 -9.66 34.53 12.32
N ASP A 527 -10.63 35.04 11.58
CA ASP A 527 -11.69 35.97 12.06
C ASP A 527 -12.55 35.29 13.13
N ASN A 528 -12.64 33.96 13.12
CA ASN A 528 -13.41 33.14 14.09
C ASN A 528 -12.46 32.18 14.81
N PRO A 529 -11.81 32.61 15.92
CA PRO A 529 -10.68 31.88 16.50
C PRO A 529 -10.91 30.38 16.81
N GLU A 530 -12.11 29.99 17.22
CA GLU A 530 -12.43 28.59 17.63
C GLU A 530 -12.35 27.69 16.38
N VAL A 531 -12.63 28.26 15.21
CA VAL A 531 -12.57 27.55 13.90
C VAL A 531 -11.11 27.23 13.58
N GLY A 532 -10.26 28.27 13.65
CA GLY A 532 -8.80 28.18 13.49
C GLY A 532 -8.24 27.05 14.33
N LEU A 533 -8.66 26.99 15.59
CA LEU A 533 -8.09 26.06 16.62
C LEU A 533 -8.51 24.63 16.29
N GLU A 534 -9.78 24.43 15.91
CA GLU A 534 -10.36 23.09 15.60
C GLU A 534 -9.64 22.53 14.35
N TYR A 535 -9.37 23.39 13.37
CA TYR A 535 -8.50 23.00 12.22
C TYR A 535 -7.20 22.40 12.77
N LEU A 536 -6.51 23.14 13.65
CA LEU A 536 -5.18 22.76 14.19
C LEU A 536 -5.30 21.50 15.05
N ARG A 537 -6.36 21.42 15.86
CA ARG A 537 -6.64 20.27 16.77
C ARG A 537 -6.71 18.98 15.93
N ARG A 538 -7.43 19.02 14.80
CA ARG A 538 -7.58 17.84 13.89
C ARG A 538 -6.25 17.51 13.19
N LEU A 539 -5.51 18.53 12.72
CA LEU A 539 -4.24 18.41 11.91
C LEU A 539 -3.06 18.03 12.82
N TYR A 540 -3.01 18.61 14.03
CA TYR A 540 -1.88 18.50 14.98
C TYR A 540 -1.37 17.06 15.05
N PRO A 541 -2.24 16.05 15.28
CA PRO A 541 -1.79 14.66 15.38
C PRO A 541 -0.99 14.20 14.16
N LEU A 542 -1.29 14.73 12.97
CA LEU A 542 -0.63 14.30 11.72
C LEU A 542 0.69 15.07 11.61
N LEU A 543 0.68 16.35 12.02
CA LEU A 543 1.91 17.16 12.22
C LEU A 543 2.87 16.31 13.06
N ARG A 544 2.45 15.93 14.28
CA ARG A 544 3.28 15.14 15.22
C ARG A 544 3.68 13.82 14.55
N ARG A 545 2.75 13.15 13.85
CA ARG A 545 3.05 11.83 13.24
C ARG A 545 4.20 12.03 12.25
N GLN A 546 4.16 13.10 11.44
CA GLN A 546 5.22 13.43 10.44
C GLN A 546 6.55 13.70 11.16
N PHE A 547 6.54 14.57 12.18
CA PHE A 547 7.71 14.82 13.07
C PHE A 547 8.37 13.48 13.40
N ASP A 548 7.56 12.53 13.93
CA ASP A 548 8.04 11.23 14.48
C ASP A 548 8.59 10.39 13.33
N TRP A 549 8.05 10.56 12.13
CA TRP A 549 8.38 9.71 10.95
C TRP A 549 9.75 10.08 10.38
N PHE A 550 10.09 11.38 10.36
CA PHE A 550 11.44 11.89 10.00
C PHE A 550 12.49 11.24 10.92
N ARG A 551 12.23 11.29 12.23
CA ARG A 551 13.17 10.88 13.32
C ARG A 551 13.41 9.37 13.26
N LYS A 552 12.42 8.58 12.80
CA LYS A 552 12.56 7.11 12.68
C LYS A 552 13.25 6.75 11.36
N THR A 553 12.84 7.33 10.22
CA THR A 553 13.29 6.89 8.87
C THR A 553 14.52 7.65 8.39
N GLN A 554 14.69 8.92 8.79
CA GLN A 554 15.79 9.80 8.30
C GLN A 554 16.75 10.08 9.47
N ALA A 555 17.21 9.02 10.14
CA ALA A 555 18.02 9.07 11.37
C ALA A 555 19.51 9.00 11.02
N GLY A 556 20.29 9.92 11.57
CA GLY A 556 21.76 9.88 11.55
C GLY A 556 22.31 9.03 12.70
N ASP A 557 23.51 8.47 12.48
CA ASP A 557 24.21 7.51 13.35
C ASP A 557 25.42 8.20 14.02
N ILE A 558 25.16 8.83 15.17
CA ILE A 558 26.17 9.23 16.20
C ILE A 558 26.77 7.99 16.89
N LYS A 559 25.93 7.20 17.59
CA LYS A 559 26.34 6.32 18.73
C LYS A 559 27.27 5.20 18.22
N SER A 560 27.49 5.05 16.91
CA SER A 560 28.26 3.93 16.30
C SER A 560 29.68 4.36 15.87
N TYR A 561 30.10 5.58 16.19
CA TYR A 561 31.29 6.23 15.57
C TYR A 561 32.00 7.12 16.60
N ASP A 562 33.25 7.54 16.30
CA ASP A 562 34.05 8.50 17.11
C ASP A 562 33.41 9.89 17.05
N ARG A 563 32.16 10.03 17.50
CA ARG A 563 31.37 11.28 17.45
C ARG A 563 30.96 11.64 18.89
N GLU A 564 31.38 12.82 19.36
CA GLU A 564 30.97 13.43 20.65
C GLU A 564 30.00 14.57 20.32
N ALA A 565 29.04 14.88 21.19
CA ALA A 565 27.98 15.89 20.96
C ALA A 565 27.04 15.99 22.17
N TYR A 566 26.51 17.19 22.39
CA TYR A 566 25.57 17.54 23.50
C TYR A 566 24.41 16.55 23.59
N SER A 567 23.95 15.99 22.45
CA SER A 567 22.82 15.02 22.29
C SER A 567 23.24 13.85 21.38
N THR A 568 22.83 12.62 21.75
CA THR A 568 23.12 11.36 21.00
C THR A 568 21.91 10.98 20.14
N LYS A 569 20.80 11.71 20.31
CA LYS A 569 19.53 11.52 19.54
C LYS A 569 19.63 12.25 18.19
N GLU A 570 19.99 13.56 18.18
CA GLU A 570 19.68 14.56 17.13
C GLU A 570 20.76 14.60 16.03
N ALA A 571 20.65 13.73 15.05
CA ALA A 571 21.45 13.70 13.81
C ALA A 571 20.57 13.14 12.69
N TYR A 572 20.51 13.76 11.52
CA TYR A 572 19.63 13.27 10.43
C TYR A 572 20.43 13.03 9.15
N ARG A 573 19.99 12.05 8.36
CA ARG A 573 20.55 11.76 7.03
C ARG A 573 19.42 11.43 6.05
N TRP A 574 19.27 12.22 4.99
CA TRP A 574 18.33 11.98 3.85
C TRP A 574 18.51 10.55 3.30
N ARG A 575 17.44 9.77 3.36
CA ARG A 575 17.38 8.49 2.65
C ARG A 575 17.09 8.81 1.18
N GLY A 576 17.75 8.10 0.27
CA GLY A 576 17.39 8.01 -1.16
C GLY A 576 18.50 8.46 -2.08
N ARG A 577 19.73 8.57 -1.57
CA ARG A 577 20.76 9.40 -2.25
C ARG A 577 21.62 8.47 -3.10
N THR A 578 21.99 8.92 -4.29
CA THR A 578 22.85 8.18 -5.24
C THR A 578 24.20 8.91 -5.28
N VAL A 579 25.13 8.46 -6.13
CA VAL A 579 26.53 8.98 -6.21
C VAL A 579 26.48 10.51 -6.36
N SER A 580 25.78 11.02 -7.37
CA SER A 580 25.77 12.46 -7.77
C SER A 580 24.61 13.22 -7.10
N HIS A 581 23.52 12.52 -6.75
CA HIS A 581 22.21 13.11 -6.43
C HIS A 581 21.82 12.89 -4.95
N CYS A 582 21.03 13.82 -4.38
CA CYS A 582 20.14 13.63 -3.20
C CYS A 582 18.79 14.32 -3.48
N LEU A 583 17.90 13.60 -4.19
CA LEU A 583 16.65 14.16 -4.75
C LEU A 583 15.73 14.61 -3.63
N THR A 584 15.73 13.91 -2.51
CA THR A 584 14.68 14.04 -1.46
C THR A 584 14.91 15.34 -0.68
N SER A 585 16.16 15.83 -0.67
CA SER A 585 16.52 17.15 -0.05
C SER A 585 15.83 18.30 -0.78
N GLY A 586 15.56 18.14 -2.08
CA GLY A 586 15.04 19.18 -2.99
C GLY A 586 16.13 19.80 -3.85
N LEU A 587 17.38 19.69 -3.39
CA LEU A 587 18.55 20.34 -4.03
C LEU A 587 19.28 19.29 -4.85
N ASP A 588 18.70 18.95 -5.99
CA ASP A 588 18.88 17.65 -6.67
C ASP A 588 20.38 17.30 -6.66
N ASP A 589 21.24 18.15 -7.21
CA ASP A 589 22.66 17.75 -7.51
C ASP A 589 23.62 18.65 -6.74
N TYR A 590 23.16 19.28 -5.65
CA TYR A 590 24.06 20.03 -4.74
C TYR A 590 25.15 19.07 -4.33
N PRO A 591 26.43 19.51 -4.28
CA PRO A 591 27.53 18.61 -3.93
C PRO A 591 27.46 18.13 -2.47
N ARG A 592 27.63 16.82 -2.29
CA ARG A 592 27.46 16.14 -0.99
C ARG A 592 28.71 15.32 -0.71
N PRO A 593 28.92 14.81 0.53
CA PRO A 593 30.05 13.93 0.82
C PRO A 593 30.15 12.78 -0.20
N GLN A 594 31.33 12.59 -0.80
CA GLN A 594 31.71 11.44 -1.67
C GLN A 594 32.62 10.48 -0.90
N PRO A 595 32.44 9.16 -1.10
CA PRO A 595 31.16 8.62 -1.57
C PRO A 595 30.06 8.87 -0.54
N PRO A 596 28.79 8.59 -0.87
CA PRO A 596 27.71 8.71 0.09
C PRO A 596 27.86 7.50 1.01
N HIS A 597 27.37 7.63 2.25
CA HIS A 597 27.86 6.81 3.37
C HIS A 597 26.85 6.89 4.51
N PRO A 598 26.53 5.75 5.16
CA PRO A 598 25.56 5.71 6.27
C PRO A 598 25.99 6.64 7.40
N GLY A 599 27.30 6.97 7.41
CA GLY A 599 27.88 7.99 8.30
C GLY A 599 27.23 9.36 8.11
N GLU A 600 26.94 9.74 6.86
CA GLU A 600 26.59 11.14 6.51
C GLU A 600 25.63 11.69 7.54
N LEU A 601 25.79 12.96 7.88
CA LEU A 601 24.74 13.80 8.49
C LEU A 601 24.58 15.04 7.61
N HIS A 602 23.34 15.47 7.39
CA HIS A 602 22.98 16.50 6.40
C HIS A 602 22.41 17.68 7.19
N VAL A 603 23.06 18.84 7.10
CA VAL A 603 22.74 19.98 8.01
C VAL A 603 21.36 20.52 7.65
N ASP A 604 20.95 20.48 6.37
CA ASP A 604 19.65 21.06 5.90
C ASP A 604 18.48 20.28 6.52
N LEU A 605 18.58 18.95 6.50
CA LEU A 605 17.60 18.02 7.13
C LEU A 605 17.40 18.39 8.60
N MET A 606 18.49 18.47 9.37
CA MET A 606 18.43 18.81 10.81
C MET A 606 17.67 20.13 10.96
N SER A 607 17.95 21.09 10.07
CA SER A 607 17.39 22.46 10.15
C SER A 607 15.89 22.41 9.89
N TRP A 608 15.44 21.51 9.01
CA TRP A 608 13.99 21.29 8.72
C TRP A 608 13.26 20.75 9.96
N VAL A 609 13.85 19.75 10.63
CA VAL A 609 13.33 19.20 11.93
C VAL A 609 13.20 20.35 12.95
N GLY A 610 14.17 21.27 12.96
CA GLY A 610 14.09 22.51 13.76
C GLY A 610 12.87 23.33 13.40
N VAL A 611 12.58 23.45 12.10
CA VAL A 611 11.41 24.25 11.60
C VAL A 611 10.13 23.58 12.10
N MET A 612 10.10 22.24 12.09
CA MET A 612 8.90 21.45 12.47
C MET A 612 8.64 21.59 13.96
N VAL A 613 9.71 21.43 14.76
CA VAL A 613 9.63 21.42 16.25
C VAL A 613 9.16 22.80 16.71
N LYS A 614 9.67 23.89 16.12
CA LYS A 614 9.28 25.27 16.52
C LYS A 614 7.79 25.52 16.26
N SER A 615 7.22 24.92 15.20
CA SER A 615 5.78 25.06 14.86
C SER A 615 4.96 24.22 15.85
N LEU A 616 5.39 22.96 16.04
CA LEU A 616 4.85 21.99 17.04
C LEU A 616 4.65 22.69 18.40
N ILE A 617 5.72 23.26 18.98
CA ILE A 617 5.65 24.14 20.18
C ILE A 617 4.51 25.14 20.02
N SER A 618 4.54 26.02 19.02
CA SER A 618 3.62 27.19 18.90
C SER A 618 2.17 26.71 18.87
N ILE A 619 1.89 25.68 18.06
CA ILE A 619 0.56 25.03 17.88
C ILE A 619 0.18 24.34 19.21
N GLY A 620 1.01 23.37 19.63
CA GLY A 620 0.82 22.58 20.87
C GLY A 620 0.41 23.44 22.04
N SER A 621 1.11 24.56 22.26
CA SER A 621 0.87 25.56 23.32
C SER A 621 -0.45 26.30 23.10
N LEU A 622 -1.04 26.24 21.90
CA LEU A 622 -2.39 26.80 21.66
C LEU A 622 -3.44 25.71 21.96
N LEU A 623 -3.00 24.46 22.11
CA LEU A 623 -3.88 23.28 22.30
C LEU A 623 -3.67 22.65 23.69
N GLY A 624 -2.73 23.15 24.49
CA GLY A 624 -2.43 22.69 25.85
C GLY A 624 -1.81 21.29 25.87
N ALA A 625 -1.05 20.92 24.85
CA ALA A 625 -0.34 19.61 24.75
C ALA A 625 0.95 19.65 25.57
N THR A 626 0.83 19.66 26.90
CA THR A 626 1.89 20.10 27.86
C THR A 626 2.98 19.02 27.91
N GLU A 627 2.63 17.74 28.06
CA GLU A 627 3.60 16.59 28.08
C GLU A 627 4.42 16.61 26.79
N ASP A 628 3.81 17.12 25.71
CA ASP A 628 4.42 17.26 24.36
C ASP A 628 5.36 18.49 24.30
N VAL A 629 4.84 19.68 24.68
CA VAL A 629 5.56 20.98 24.60
C VAL A 629 6.92 20.90 25.33
N GLU A 630 7.04 20.10 26.38
CA GLU A 630 8.33 19.91 27.10
C GLU A 630 9.27 19.05 26.24
N PHE A 631 8.80 17.91 25.71
CA PHE A 631 9.57 17.03 24.79
C PHE A 631 10.14 17.88 23.64
N TYR A 632 9.31 18.77 23.08
CA TYR A 632 9.66 19.65 21.92
C TYR A 632 10.80 20.59 22.33
N THR A 633 10.64 21.30 23.45
CA THR A 633 11.60 22.32 23.98
C THR A 633 12.97 21.67 24.19
N LYS A 634 12.99 20.41 24.66
CA LYS A 634 14.21 19.64 25.01
C LYS A 634 14.92 19.22 23.72
N VAL A 635 14.15 18.96 22.67
CA VAL A 635 14.67 18.51 21.33
C VAL A 635 15.14 19.74 20.56
N LEU A 636 14.43 20.87 20.64
CA LEU A 636 14.90 22.17 20.06
C LEU A 636 16.26 22.51 20.67
N ASP A 637 16.37 22.50 22.00
CA ASP A 637 17.62 22.78 22.76
C ASP A 637 18.75 21.87 22.24
N ALA A 638 18.47 20.59 22.00
CA ALA A 638 19.48 19.57 21.59
C ALA A 638 19.95 19.84 20.15
N ILE A 639 19.02 20.20 19.27
CA ILE A 639 19.29 20.47 17.83
C ILE A 639 20.24 21.69 17.73
N GLU A 640 19.84 22.81 18.34
CA GLU A 640 20.63 24.07 18.42
C GLU A 640 22.09 23.75 18.75
N HIS A 641 22.32 22.99 19.84
CA HIS A 641 23.67 22.60 20.31
C HIS A 641 24.29 21.69 19.24
N ASN A 642 23.54 20.71 18.75
CA ASN A 642 24.09 19.61 17.91
C ASN A 642 24.39 20.14 16.50
N LEU A 643 23.69 21.22 16.10
CA LEU A 643 24.00 21.98 14.85
C LEU A 643 25.47 22.38 14.87
N ASP A 644 25.88 23.04 15.97
CA ASP A 644 27.28 23.51 16.19
C ASP A 644 28.22 22.28 16.30
N ASP A 645 27.86 21.29 17.14
CA ASP A 645 28.77 20.17 17.51
C ASP A 645 29.05 19.28 16.31
N LEU A 646 28.09 19.13 15.40
CA LEU A 646 28.19 18.13 14.30
C LEU A 646 28.36 18.82 12.95
N HIS A 647 27.95 20.10 12.83
CA HIS A 647 27.79 20.79 11.51
C HIS A 647 28.57 22.11 11.42
N TRP A 648 28.83 22.83 12.51
CA TRP A 648 29.60 24.11 12.44
C TRP A 648 31.07 23.80 12.15
N SER A 649 31.67 24.56 11.22
CA SER A 649 33.12 24.62 10.92
C SER A 649 33.67 26.02 11.29
N GLU A 650 34.63 26.08 12.20
CA GLU A 650 35.40 27.33 12.48
C GLU A 650 36.36 27.61 11.30
N LYS A 651 37.09 26.60 10.79
CA LYS A 651 38.05 26.75 9.65
C LYS A 651 37.37 27.61 8.57
N GLU A 652 36.21 27.16 8.08
CA GLU A 652 35.56 27.64 6.82
C GLU A 652 34.49 28.70 7.13
N GLY A 653 34.11 28.90 8.39
CA GLY A 653 33.17 29.96 8.80
C GLY A 653 31.75 29.78 8.24
N CYS A 654 31.25 28.54 8.23
CA CYS A 654 29.86 28.21 7.81
C CYS A 654 29.49 26.82 8.33
N TYR A 655 28.21 26.45 8.26
CA TYR A 655 27.71 25.09 8.56
C TYR A 655 28.00 24.18 7.36
N CYS A 656 28.15 22.89 7.65
CA CYS A 656 28.60 21.88 6.68
C CYS A 656 27.87 20.56 6.94
N ASP A 657 27.68 19.77 5.89
CA ASP A 657 27.35 18.33 5.98
C ASP A 657 28.55 17.63 6.61
N ALA A 658 28.37 16.40 7.11
CA ALA A 658 29.41 15.52 7.68
C ALA A 658 29.32 14.13 7.04
N THR A 659 30.41 13.37 7.11
CA THR A 659 30.48 11.96 6.64
C THR A 659 31.34 11.21 7.67
N ILE A 660 31.95 10.09 7.23
CA ILE A 660 32.91 9.27 8.00
C ILE A 660 34.06 8.91 7.05
N ASP A 661 35.31 9.14 7.48
CA ASP A 661 36.57 9.09 6.64
C ASP A 661 36.91 7.64 6.30
N GLU A 662 37.82 7.44 5.34
CA GLU A 662 38.42 6.12 4.99
C GLU A 662 38.94 5.44 6.27
N PHE A 663 39.27 6.20 7.34
CA PHE A 663 39.78 5.68 8.63
C PHE A 663 38.79 6.00 9.76
N GLU A 664 37.51 6.14 9.44
CA GLU A 664 36.38 6.01 10.41
C GLU A 664 36.37 7.16 11.46
N GLU A 665 36.89 8.35 11.16
CA GLU A 665 36.65 9.57 11.99
C GLU A 665 35.53 10.42 11.35
N HIS A 666 34.82 11.24 12.13
CA HIS A 666 33.81 12.23 11.66
C HIS A 666 34.50 13.39 10.95
N LYS A 667 34.30 13.52 9.62
CA LYS A 667 34.87 14.58 8.73
C LYS A 667 33.74 15.50 8.27
N LEU A 668 33.81 16.80 8.63
CA LEU A 668 33.05 17.92 8.00
C LEU A 668 33.42 18.02 6.51
N VAL A 669 32.43 18.16 5.62
CA VAL A 669 32.64 18.40 4.17
C VAL A 669 31.90 19.69 3.81
N CYS A 670 32.65 20.73 3.43
CA CYS A 670 32.14 22.10 3.26
C CYS A 670 32.11 22.45 1.76
N HIS A 671 30.93 22.86 1.30
CA HIS A 671 30.65 23.21 -0.12
C HIS A 671 29.85 24.51 -0.08
N LYS A 672 30.55 25.63 -0.12
CA LYS A 672 29.95 26.96 0.18
C LYS A 672 28.73 27.15 -0.72
N GLY A 673 27.53 27.11 -0.12
CA GLY A 673 26.30 27.46 -0.85
C GLY A 673 25.08 27.34 0.04
N TYR A 674 23.92 27.16 -0.60
CA TYR A 674 22.59 27.18 0.04
C TYR A 674 22.61 26.29 1.30
N ILE A 675 23.15 25.08 1.19
CA ILE A 675 23.26 24.12 2.33
C ILE A 675 23.97 24.83 3.48
N SER A 676 25.13 25.41 3.19
CA SER A 676 26.02 26.07 4.17
C SER A 676 25.28 27.09 5.02
N LEU A 677 24.14 27.64 4.56
CA LEU A 677 23.39 28.75 5.20
C LEU A 677 22.16 28.26 5.99
N PHE A 678 21.84 26.96 5.92
CA PHE A 678 20.48 26.47 6.23
C PHE A 678 20.03 26.86 7.64
N PRO A 679 20.84 26.70 8.71
CA PRO A 679 20.42 27.11 10.04
C PRO A 679 19.89 28.56 10.02
N PHE A 680 20.46 29.42 9.17
CA PHE A 680 20.01 30.82 9.02
C PHE A 680 18.68 30.88 8.25
N LEU A 681 18.53 30.11 7.17
CA LEU A 681 17.40 30.21 6.21
C LEU A 681 16.10 29.78 6.90
N THR A 682 16.22 28.90 7.90
CA THR A 682 15.11 28.21 8.61
C THR A 682 14.74 28.92 9.92
N GLY A 683 15.39 30.05 10.24
CA GLY A 683 15.03 30.94 11.37
C GLY A 683 15.47 30.41 12.72
N LEU A 684 16.63 29.74 12.78
CA LEU A 684 17.07 28.88 13.93
C LEU A 684 18.15 29.59 14.78
N LEU A 685 18.86 30.59 14.24
CA LEU A 685 20.00 31.28 14.92
C LEU A 685 19.51 32.52 15.65
N LYS A 686 20.02 32.77 16.87
CA LYS A 686 19.72 33.99 17.65
C LYS A 686 20.33 35.17 16.90
N PRO A 687 19.65 36.34 16.83
CA PRO A 687 20.10 37.48 16.02
C PRO A 687 21.47 38.09 16.38
N ASP A 688 22.07 37.66 17.49
CA ASP A 688 23.33 38.22 18.02
C ASP A 688 24.45 37.23 17.74
N SER A 689 24.13 35.99 17.34
CA SER A 689 25.13 34.89 17.24
C SER A 689 26.33 35.35 16.39
N PRO A 690 27.58 35.09 16.85
CA PRO A 690 28.77 35.20 16.00
C PRO A 690 28.67 34.41 14.69
N LYS A 691 28.01 33.25 14.73
CA LYS A 691 27.95 32.30 13.61
C LYS A 691 27.10 32.92 12.50
N LEU A 692 25.95 33.48 12.86
CA LEU A 692 25.09 34.29 11.94
C LEU A 692 25.96 35.33 11.24
N GLY A 693 26.79 36.06 12.00
CA GLY A 693 27.68 37.13 11.51
C GLY A 693 28.59 36.66 10.38
N LYS A 694 29.19 35.47 10.51
CA LYS A 694 30.14 34.91 9.52
C LYS A 694 29.35 34.46 8.28
N LEU A 695 28.10 34.05 8.48
CA LEU A 695 27.16 33.62 7.42
C LEU A 695 26.77 34.84 6.60
N LEU A 696 26.53 35.98 7.26
CA LEU A 696 26.14 37.26 6.60
C LEU A 696 27.29 37.75 5.70
N ALA A 697 28.54 37.57 6.14
CA ALA A 697 29.75 37.84 5.32
C ALA A 697 29.72 36.96 4.09
N LEU A 698 29.41 35.67 4.28
CA LEU A 698 29.46 34.67 3.18
C LEU A 698 28.39 35.00 2.14
N ILE A 699 27.20 35.42 2.60
CA ILE A 699 26.06 35.81 1.71
C ILE A 699 26.48 37.03 0.88
N GLY A 700 27.13 38.02 1.52
CA GLY A 700 27.38 39.35 0.95
C GLY A 700 28.57 39.37 0.01
N ASP A 701 29.43 38.35 0.10
CA ASP A 701 30.74 38.29 -0.61
C ASP A 701 30.52 37.91 -2.10
N GLU A 702 30.75 38.86 -3.00
CA GLU A 702 30.65 38.68 -4.47
C GLU A 702 31.45 37.47 -4.96
N SER A 703 32.56 37.14 -4.31
CA SER A 703 33.58 36.17 -4.85
C SER A 703 33.08 34.73 -4.59
N GLU A 704 32.13 34.61 -3.65
CA GLU A 704 31.50 33.35 -3.18
C GLU A 704 30.10 33.22 -3.81
N LEU A 705 29.10 33.86 -3.18
CA LEU A 705 27.65 33.58 -3.32
C LEU A 705 26.91 34.73 -4.01
N TRP A 706 27.41 35.97 -3.91
CA TRP A 706 26.62 37.20 -4.18
C TRP A 706 26.76 37.60 -5.64
N SER A 707 25.73 37.36 -6.45
CA SER A 707 25.68 37.78 -7.87
C SER A 707 24.85 39.03 -7.92
N PRO A 708 24.98 39.80 -9.00
CA PRO A 708 24.09 40.92 -9.27
C PRO A 708 22.63 40.46 -9.39
N TYR A 709 22.42 39.17 -9.70
CA TYR A 709 21.09 38.60 -10.04
C TYR A 709 20.47 37.85 -8.86
N GLY A 710 21.21 37.68 -7.75
CA GLY A 710 20.74 37.05 -6.49
C GLY A 710 21.79 36.08 -5.96
N LEU A 711 21.48 35.35 -4.89
CA LEU A 711 22.43 34.39 -4.27
C LEU A 711 22.56 33.17 -5.18
N ARG A 712 23.80 32.74 -5.45
CA ARG A 712 24.13 31.52 -6.21
C ARG A 712 23.85 30.27 -5.37
N SER A 713 23.35 29.22 -6.01
CA SER A 713 23.18 27.89 -5.40
C SER A 713 24.50 27.47 -4.72
N LEU A 714 25.64 27.76 -5.37
CA LEU A 714 27.00 27.27 -4.98
C LEU A 714 28.09 28.32 -5.30
N SER A 715 29.15 28.40 -4.48
CA SER A 715 30.21 29.44 -4.53
C SER A 715 31.07 29.26 -5.77
N LYS A 716 31.47 30.35 -6.42
CA LYS A 716 32.41 30.32 -7.58
C LYS A 716 33.74 29.71 -7.14
N LYS A 717 34.04 29.75 -5.82
CA LYS A 717 35.31 29.23 -5.23
C LYS A 717 35.20 27.72 -5.04
N ASP A 718 34.04 27.22 -4.63
CA ASP A 718 33.82 25.76 -4.54
C ASP A 718 34.22 25.11 -5.87
N GLU A 719 34.84 23.94 -5.75
CA GLU A 719 35.45 23.15 -6.85
C GLU A 719 34.39 22.51 -7.75
N PHE A 720 33.15 22.44 -7.28
CA PHE A 720 32.02 21.84 -8.01
C PHE A 720 31.13 22.92 -8.65
N TYR A 721 31.52 24.19 -8.56
CA TYR A 721 30.89 25.30 -9.30
C TYR A 721 30.79 24.95 -10.80
N GLY A 722 29.56 25.00 -11.33
CA GLY A 722 29.29 24.94 -12.77
C GLY A 722 29.53 23.57 -13.36
N THR A 723 29.78 22.54 -12.54
CA THR A 723 30.09 21.15 -12.98
C THR A 723 28.80 20.35 -13.21
N ALA A 724 28.94 19.27 -14.00
CA ALA A 724 27.95 18.19 -14.23
C ALA A 724 26.73 18.79 -14.92
N GLU A 725 25.53 18.52 -14.40
CA GLU A 725 24.24 19.05 -14.91
C GLU A 725 24.07 20.51 -14.46
N ASN A 726 24.86 20.92 -13.48
CA ASN A 726 24.88 22.35 -13.07
C ASN A 726 23.46 22.80 -12.76
N TYR A 727 22.71 22.00 -12.00
CA TYR A 727 21.31 22.29 -11.64
C TYR A 727 21.32 23.19 -10.42
N TRP A 728 21.85 22.69 -9.30
CA TRP A 728 21.97 23.46 -8.04
C TRP A 728 23.46 23.75 -7.73
N ARG A 729 24.31 23.85 -8.76
CA ARG A 729 25.76 24.06 -8.58
C ARG A 729 26.24 25.40 -9.14
N SER A 730 25.36 26.40 -9.21
CA SER A 730 25.71 27.81 -9.56
C SER A 730 24.45 28.66 -9.64
N PRO A 731 23.37 28.20 -10.32
CA PRO A 731 22.25 29.07 -10.68
C PRO A 731 21.47 29.64 -9.49
N VAL A 732 20.72 30.71 -9.77
CA VAL A 732 19.95 31.49 -8.76
C VAL A 732 18.53 30.89 -8.70
N TRP A 733 18.12 30.47 -7.52
CA TRP A 733 16.81 29.83 -7.28
C TRP A 733 16.00 30.74 -6.37
N ILE A 734 14.78 31.06 -6.77
CA ILE A 734 14.00 32.12 -6.07
C ILE A 734 13.51 31.59 -4.72
N ASN A 735 13.30 30.27 -4.57
CA ASN A 735 12.70 29.74 -3.32
C ASN A 735 13.71 29.91 -2.17
N ILE A 736 14.98 29.54 -2.36
CA ILE A 736 16.03 29.68 -1.31
C ILE A 736 16.39 31.16 -1.12
N ASN A 737 16.44 31.94 -2.20
CA ASN A 737 16.67 33.42 -2.09
C ASN A 737 15.55 34.06 -1.27
N TYR A 738 14.30 33.64 -1.47
CA TYR A 738 13.13 34.16 -0.71
C TYR A 738 13.35 33.91 0.78
N LEU A 739 13.90 32.75 1.15
CA LEU A 739 14.11 32.39 2.57
C LEU A 739 15.14 33.35 3.18
N ALA A 740 16.25 33.56 2.49
CA ALA A 740 17.30 34.52 2.92
C ALA A 740 16.70 35.92 3.05
N ILE A 741 15.91 36.37 2.07
CA ILE A 741 15.30 37.73 2.07
C ILE A 741 14.44 37.90 3.32
N VAL A 742 13.65 36.89 3.67
CA VAL A 742 12.72 36.95 4.83
C VAL A 742 13.56 37.08 6.10
N GLN A 743 14.58 36.23 6.21
CA GLN A 743 15.45 36.15 7.41
C GLN A 743 16.24 37.44 7.60
N LEU A 744 16.74 38.06 6.51
CA LEU A 744 17.51 39.34 6.57
C LEU A 744 16.61 40.45 7.12
N TYR A 745 15.36 40.50 6.67
CA TYR A 745 14.35 41.49 7.14
C TYR A 745 14.04 41.30 8.63
N ASN A 746 13.95 40.04 9.10
CA ASN A 746 13.76 39.74 10.53
C ASN A 746 14.90 40.41 11.30
N ILE A 747 16.15 40.12 10.93
CA ILE A 747 17.37 40.59 11.65
C ILE A 747 17.45 42.12 11.58
N ALA A 748 16.91 42.71 10.52
CA ALA A 748 16.96 44.16 10.22
C ALA A 748 15.93 44.98 11.03
N THR A 749 14.85 44.39 11.55
CA THR A 749 13.74 45.10 12.26
C THR A 749 13.73 44.71 13.74
N GLN A 750 14.88 44.90 14.39
CA GLN A 750 15.30 44.27 15.66
C GLN A 750 16.58 44.96 16.18
N ASP A 751 16.70 45.14 17.50
CA ASP A 751 17.99 45.48 18.17
C ASP A 751 18.98 44.31 17.98
N GLY A 752 20.22 44.59 17.53
CA GLY A 752 21.36 43.65 17.56
C GLY A 752 22.56 44.17 16.78
N PRO A 753 23.71 43.45 16.82
CA PRO A 753 24.95 43.90 16.18
C PRO A 753 24.98 43.91 14.64
N TYR A 754 24.06 43.20 14.00
CA TYR A 754 24.10 42.89 12.55
C TYR A 754 22.96 43.60 11.82
N LYS A 755 21.97 44.08 12.57
CA LYS A 755 20.80 44.85 12.06
C LYS A 755 21.16 45.75 10.87
N GLU A 756 22.29 46.46 10.88
CA GLU A 756 22.61 47.48 9.84
C GLU A 756 23.13 46.77 8.57
N THR A 757 24.02 45.77 8.70
CA THR A 757 24.44 44.93 7.55
C THR A 757 23.19 44.37 6.87
N ALA A 758 22.43 43.59 7.65
CA ALA A 758 21.20 42.87 7.24
C ALA A 758 20.22 43.82 6.52
N ARG A 759 20.25 45.12 6.82
CA ARG A 759 19.37 46.10 6.12
C ARG A 759 19.94 46.36 4.71
N ASP A 760 21.27 46.43 4.57
CA ASP A 760 21.88 46.68 3.24
C ASP A 760 21.60 45.44 2.38
N LEU A 761 21.76 44.24 2.95
CA LEU A 761 21.69 42.94 2.22
C LEU A 761 20.23 42.68 1.83
N TYR A 762 19.29 42.78 2.76
CA TYR A 762 17.84 42.72 2.46
C TYR A 762 17.57 43.67 1.28
N THR A 763 17.78 44.97 1.49
CA THR A 763 17.39 46.05 0.54
C THR A 763 17.87 45.66 -0.85
N ARG A 764 19.11 45.17 -0.94
CA ARG A 764 19.84 44.92 -2.20
C ARG A 764 19.38 43.60 -2.82
N LEU A 765 19.18 42.56 -2.01
CA LEU A 765 18.86 41.21 -2.51
C LEU A 765 17.43 41.22 -3.09
N ARG A 766 16.49 41.80 -2.34
CA ARG A 766 15.07 42.03 -2.74
C ARG A 766 15.03 42.66 -4.14
N LYS A 767 15.84 43.70 -4.34
CA LYS A 767 15.93 44.46 -5.60
C LYS A 767 16.51 43.55 -6.69
N ASN A 768 17.66 42.92 -6.42
CA ASN A 768 18.34 41.99 -7.35
C ASN A 768 17.41 40.85 -7.79
N ILE A 769 16.74 40.19 -6.83
CA ILE A 769 15.84 39.04 -7.15
C ILE A 769 14.66 39.56 -7.98
N VAL A 770 13.92 40.53 -7.46
CA VAL A 770 12.72 41.06 -8.18
C VAL A 770 13.09 41.55 -9.58
N GLU A 771 14.13 42.37 -9.76
CA GLU A 771 14.44 42.97 -11.09
C GLU A 771 14.83 41.87 -12.09
N THR A 772 15.48 40.80 -11.64
CA THR A 772 15.93 39.70 -12.51
C THR A 772 14.68 38.98 -13.07
N VAL A 773 13.75 38.66 -12.18
CA VAL A 773 12.52 37.90 -12.55
C VAL A 773 11.65 38.81 -13.40
N TYR A 774 11.59 40.09 -13.04
CA TYR A 774 10.85 41.14 -13.78
C TYR A 774 11.41 41.36 -15.20
N ARG A 775 12.73 41.51 -15.33
CA ARG A 775 13.40 41.82 -16.62
C ARG A 775 13.11 40.65 -17.56
N ASN A 776 13.24 39.41 -17.06
CA ASN A 776 13.02 38.16 -17.81
C ASN A 776 11.52 38.02 -18.19
N TRP A 777 10.60 38.39 -17.31
CA TRP A 777 9.14 38.40 -17.60
C TRP A 777 8.83 39.39 -18.73
N GLU A 778 9.39 40.59 -18.62
CA GLU A 778 9.29 41.67 -19.63
C GLU A 778 9.75 41.14 -20.99
N GLU A 779 10.93 40.52 -21.10
CA GLU A 779 11.51 40.23 -22.45
C GLU A 779 11.05 38.85 -22.98
N THR A 780 10.61 37.90 -22.15
CA THR A 780 10.30 36.53 -22.65
C THR A 780 8.87 36.09 -22.36
N GLY A 781 8.13 36.85 -21.52
CA GLY A 781 6.75 36.55 -21.12
C GLY A 781 6.63 35.46 -20.05
N PHE A 782 7.75 34.87 -19.58
CA PHE A 782 7.79 33.69 -18.67
C PHE A 782 8.47 34.03 -17.33
N ALA A 783 7.92 33.45 -16.27
CA ALA A 783 8.64 33.00 -15.06
C ALA A 783 9.46 31.75 -15.40
N TRP A 784 10.68 31.68 -14.89
CA TRP A 784 11.64 30.59 -15.18
C TRP A 784 11.98 29.85 -13.87
N GLU A 785 12.45 28.60 -13.99
CA GLU A 785 12.71 27.65 -12.88
C GLU A 785 13.93 28.16 -12.08
N GLN A 786 14.86 28.83 -12.75
CA GLN A 786 16.14 29.30 -12.16
C GLN A 786 16.73 30.39 -13.06
N TYR A 787 17.68 31.15 -12.54
CA TYR A 787 18.25 32.33 -13.25
C TYR A 787 19.77 32.23 -13.23
N ASN A 788 20.37 32.56 -14.39
CA ASN A 788 21.80 32.32 -14.71
C ASN A 788 22.62 33.30 -13.88
N PRO A 789 23.65 32.86 -13.13
CA PRO A 789 24.33 33.74 -12.19
C PRO A 789 25.24 34.75 -12.91
N GLU A 790 25.71 34.40 -14.11
CA GLU A 790 26.65 35.19 -14.96
C GLU A 790 25.86 36.25 -15.73
N THR A 791 24.65 35.96 -16.23
CA THR A 791 23.94 36.86 -17.17
C THR A 791 22.58 37.29 -16.67
N GLY A 792 22.04 36.63 -15.68
CA GLY A 792 20.66 36.90 -15.21
C GLY A 792 19.60 36.28 -16.10
N LYS A 793 19.99 35.60 -17.19
CA LYS A 793 18.99 35.04 -18.13
C LYS A 793 18.19 33.95 -17.39
N GLY A 794 16.88 33.89 -17.61
CA GLY A 794 16.07 32.72 -17.25
C GLY A 794 16.50 31.51 -18.05
N GLN A 795 16.69 30.36 -17.39
CA GLN A 795 17.06 29.09 -18.06
C GLN A 795 16.23 27.92 -17.48
N ARG A 796 16.41 26.72 -18.06
CA ARG A 796 15.60 25.49 -17.78
C ARG A 796 14.13 25.84 -18.11
N THR A 797 13.19 25.39 -17.29
CA THR A 797 11.79 25.28 -17.75
C THR A 797 11.09 26.63 -17.57
N GLN A 798 10.19 26.92 -18.49
CA GLN A 798 9.31 28.11 -18.53
C GLN A 798 8.04 27.84 -17.73
N HIS A 799 7.16 28.84 -17.63
CA HIS A 799 5.85 28.71 -16.95
C HIS A 799 6.05 28.07 -15.57
N PHE A 800 7.12 28.45 -14.88
CA PHE A 800 7.46 27.93 -13.52
C PHE A 800 6.81 28.84 -12.48
N THR A 801 5.50 28.68 -12.32
CA THR A 801 4.69 29.36 -11.28
C THR A 801 3.85 28.34 -10.52
N GLY A 802 4.45 27.56 -9.61
CA GLY A 802 5.89 27.51 -9.38
C GLY A 802 6.36 28.50 -8.32
N TRP A 803 7.46 28.21 -7.63
CA TRP A 803 7.92 29.07 -6.50
C TRP A 803 8.56 30.37 -7.02
N THR A 804 8.82 30.51 -8.30
CA THR A 804 9.32 31.79 -8.83
C THR A 804 8.29 32.91 -8.57
N SER A 805 7.00 32.60 -8.35
CA SER A 805 5.95 33.61 -8.06
C SER A 805 6.09 34.17 -6.62
N LEU A 806 6.92 33.58 -5.76
CA LEU A 806 7.29 34.13 -4.43
C LEU A 806 7.62 35.63 -4.57
N VAL A 807 7.90 36.06 -5.78
CA VAL A 807 8.45 37.41 -6.12
C VAL A 807 7.37 38.46 -5.81
N VAL A 808 6.10 38.06 -5.84
CA VAL A 808 4.94 38.96 -5.56
C VAL A 808 5.03 39.38 -4.10
N LYS A 809 5.44 38.46 -3.22
CA LYS A 809 5.46 38.65 -1.75
C LYS A 809 6.74 39.38 -1.34
N ILE A 810 7.86 39.08 -2.03
CA ILE A 810 9.16 39.81 -1.90
C ILE A 810 8.89 41.31 -2.11
N MET A 811 8.23 41.68 -3.22
CA MET A 811 7.85 43.08 -3.56
C MET A 811 6.93 43.65 -2.46
N SER A 812 6.02 42.83 -1.94
CA SER A 812 4.92 43.28 -1.04
C SER A 812 5.48 43.69 0.32
N GLY A 813 6.49 42.97 0.82
CA GLY A 813 7.22 43.25 2.07
C GLY A 813 6.31 43.34 3.28
N HIS A 814 6.82 43.93 4.39
CA HIS A 814 6.14 44.01 5.71
C HIS A 814 5.93 42.59 6.25
N HIS A 815 6.98 41.76 6.25
CA HIS A 815 6.93 40.33 6.67
C HIS A 815 6.65 40.26 8.19
N SER B 36 19.87 -46.01 4.53
CA SER B 36 19.41 -47.39 4.22
C SER B 36 18.46 -47.38 3.01
N ILE B 37 18.60 -48.38 2.16
CA ILE B 37 17.83 -48.57 0.90
C ILE B 37 16.33 -48.43 1.19
N LEU B 38 15.79 -49.00 2.26
CA LEU B 38 14.33 -48.98 2.51
C LEU B 38 13.86 -47.57 2.89
N HIS B 39 14.51 -46.92 3.87
CA HIS B 39 14.20 -45.54 4.32
C HIS B 39 14.20 -44.60 3.11
N SER B 40 15.20 -44.65 2.25
CA SER B 40 15.25 -43.86 0.98
C SER B 40 14.00 -44.14 0.17
N GLU B 41 13.81 -45.40 -0.21
CA GLU B 41 12.72 -45.82 -1.12
C GLU B 41 11.39 -45.33 -0.53
N ILE B 42 11.17 -45.49 0.77
CA ILE B 42 9.89 -45.00 1.36
C ILE B 42 9.86 -43.48 1.19
N GLY B 43 10.99 -42.82 1.43
CA GLY B 43 11.16 -41.37 1.18
C GLY B 43 10.62 -41.00 -0.17
N ARG B 44 11.06 -41.68 -1.23
CA ARG B 44 10.78 -41.32 -2.65
C ARG B 44 9.32 -41.60 -2.93
N LEU B 45 8.73 -42.57 -2.24
CA LEU B 45 7.31 -42.99 -2.45
C LEU B 45 6.40 -41.95 -1.81
N ASN B 46 6.85 -41.40 -0.68
CA ASN B 46 6.16 -40.33 0.10
C ASN B 46 6.22 -39.01 -0.66
N ASN B 47 7.43 -38.67 -1.10
CA ASN B 47 7.78 -37.54 -2.00
C ASN B 47 6.80 -37.53 -3.18
N GLN B 48 6.62 -38.67 -3.85
CA GLN B 48 5.81 -38.80 -5.09
C GLN B 48 4.32 -38.80 -4.70
N SER B 49 3.99 -39.29 -3.52
CA SER B 49 2.57 -39.32 -3.07
C SER B 49 2.16 -37.88 -2.86
N LEU B 50 3.04 -37.05 -2.28
CA LEU B 50 2.66 -35.75 -1.68
C LEU B 50 2.93 -34.56 -2.63
N LEU B 51 3.60 -34.79 -3.77
CA LEU B 51 4.25 -33.71 -4.60
C LEU B 51 3.20 -32.67 -4.96
N TRP B 52 2.11 -33.11 -5.57
CA TRP B 52 1.04 -32.22 -6.07
C TRP B 52 0.00 -32.05 -4.96
N GLY B 53 -0.65 -30.88 -4.89
CA GLY B 53 -1.78 -30.60 -4.00
C GLY B 53 -2.24 -29.16 -4.24
N PRO B 54 -3.38 -28.73 -3.65
CA PRO B 54 -3.83 -27.35 -3.78
C PRO B 54 -3.06 -26.48 -2.78
N TYR B 55 -1.73 -26.53 -2.85
CA TYR B 55 -0.81 -26.15 -1.74
C TYR B 55 -0.63 -24.61 -1.67
N ARG B 56 -1.72 -23.87 -1.92
CA ARG B 56 -1.75 -22.38 -2.02
C ARG B 56 -2.90 -21.89 -1.15
N PRO B 57 -2.86 -22.19 0.16
CA PRO B 57 -4.00 -21.94 1.03
C PRO B 57 -4.32 -20.45 1.20
N ASN B 58 -3.43 -19.55 0.77
CA ASN B 58 -3.62 -18.09 0.89
C ASN B 58 -4.74 -17.67 -0.07
N ILE B 59 -4.94 -18.44 -1.14
CA ILE B 59 -5.95 -18.12 -2.20
C ILE B 59 -7.09 -19.13 -2.07
N TYR B 60 -8.26 -18.79 -2.58
CA TYR B 60 -9.49 -19.62 -2.52
C TYR B 60 -9.23 -20.95 -3.21
N PHE B 61 -8.63 -20.95 -4.40
CA PHE B 61 -8.30 -22.19 -5.12
C PHE B 61 -7.18 -21.97 -6.14
N GLY B 62 -6.12 -22.76 -5.98
CA GLY B 62 -4.99 -22.88 -6.92
C GLY B 62 -4.11 -24.06 -6.52
N THR B 63 -3.28 -24.52 -7.44
CA THR B 63 -2.41 -25.70 -7.21
C THR B 63 -0.96 -25.25 -7.34
N ARG B 64 -0.05 -26.01 -6.71
CA ARG B 64 1.39 -26.07 -7.05
C ARG B 64 1.98 -27.38 -6.52
N PRO B 65 3.11 -27.85 -7.05
CA PRO B 65 3.86 -28.93 -6.42
C PRO B 65 4.75 -28.43 -5.28
N ARG B 66 5.35 -29.37 -4.54
CA ARG B 66 6.35 -29.10 -3.48
C ARG B 66 7.70 -28.84 -4.13
N ILE B 67 7.74 -27.94 -5.12
CA ILE B 67 8.98 -27.50 -5.83
C ILE B 67 9.02 -25.96 -5.81
N GLY B 68 10.17 -25.39 -5.48
CA GLY B 68 10.35 -23.92 -5.38
C GLY B 68 9.93 -23.19 -6.64
N LYS B 69 10.49 -23.57 -7.80
CA LYS B 69 10.21 -22.88 -9.10
C LYS B 69 9.53 -23.87 -10.01
N SER B 70 8.24 -23.73 -10.24
CA SER B 70 7.51 -24.71 -11.11
C SER B 70 6.18 -24.13 -11.54
N LEU B 71 5.28 -25.02 -11.94
CA LEU B 71 3.92 -24.71 -12.43
C LEU B 71 3.05 -24.33 -11.23
N MET B 72 2.39 -23.16 -11.29
CA MET B 72 1.40 -22.73 -10.30
C MET B 72 0.12 -22.33 -11.03
N THR B 73 -1.02 -22.65 -10.43
CA THR B 73 -2.34 -22.27 -10.98
C THR B 73 -3.07 -21.50 -9.89
N GLY B 74 -4.08 -20.74 -10.29
CA GLY B 74 -5.03 -20.11 -9.36
C GLY B 74 -6.28 -19.66 -10.09
N LEU B 75 -7.39 -19.60 -9.34
CA LEU B 75 -8.75 -19.31 -9.82
C LEU B 75 -9.19 -17.94 -9.32
N MET B 76 -9.79 -17.14 -10.21
CA MET B 76 -10.45 -15.86 -9.93
C MET B 76 -11.82 -15.86 -10.60
N TRP B 77 -12.84 -15.32 -9.93
CA TRP B 77 -14.21 -15.10 -10.46
C TRP B 77 -14.74 -13.74 -9.95
N GLY B 78 -15.79 -13.23 -10.57
CA GLY B 78 -16.52 -12.05 -10.08
C GLY B 78 -17.64 -11.72 -11.03
N LYS B 79 -18.81 -11.33 -10.51
CA LYS B 79 -19.93 -10.81 -11.33
C LYS B 79 -19.46 -9.55 -12.05
N ILE B 80 -20.04 -9.23 -13.21
CA ILE B 80 -19.79 -7.93 -13.90
C ILE B 80 -21.13 -7.36 -14.38
N GLU B 81 -21.39 -6.11 -14.00
CA GLU B 81 -22.68 -5.39 -14.20
C GLU B 81 -22.43 -3.99 -14.76
N SER B 82 -21.20 -3.46 -14.63
CA SER B 82 -20.79 -2.08 -15.03
C SER B 82 -19.36 -2.07 -15.58
N TYR B 83 -18.95 -0.93 -16.15
CA TYR B 83 -17.58 -0.69 -16.65
C TYR B 83 -16.56 -0.60 -15.50
N THR B 84 -16.95 -0.61 -14.22
CA THR B 84 -16.03 -0.30 -13.09
C THR B 84 -16.24 -1.18 -11.85
N ASP B 85 -17.19 -2.12 -11.86
CA ASP B 85 -17.56 -2.88 -10.63
C ASP B 85 -16.60 -4.09 -10.49
N PHE B 86 -16.10 -4.63 -11.59
CA PHE B 86 -15.35 -5.91 -11.59
C PHE B 86 -14.15 -5.79 -10.65
N GLN B 87 -13.47 -4.65 -10.63
CA GLN B 87 -12.23 -4.45 -9.84
C GLN B 87 -12.56 -4.63 -8.34
N HIS B 88 -13.80 -4.36 -7.91
CA HIS B 88 -14.27 -4.56 -6.52
C HIS B 88 -14.89 -5.97 -6.31
N THR B 89 -15.39 -6.65 -7.36
CA THR B 89 -16.16 -7.92 -7.20
C THR B 89 -15.22 -9.12 -7.24
N VAL B 90 -14.05 -8.99 -7.87
CA VAL B 90 -13.16 -10.15 -8.19
C VAL B 90 -12.60 -10.73 -6.88
N ARG B 91 -12.58 -12.06 -6.81
CA ARG B 91 -11.99 -12.89 -5.74
C ARG B 91 -10.70 -13.51 -6.25
N TYR B 92 -9.72 -13.67 -5.36
CA TYR B 92 -8.46 -14.42 -5.60
C TYR B 92 -7.86 -14.86 -4.26
N THR B 93 -7.56 -13.86 -3.41
CA THR B 93 -6.92 -13.97 -2.08
C THR B 93 -8.01 -14.16 -1.04
N CYS B 94 -7.77 -15.02 -0.03
CA CYS B 94 -8.76 -15.40 1.01
C CYS B 94 -8.93 -14.19 1.93
N GLU B 95 -10.19 -13.86 2.24
CA GLU B 95 -10.61 -12.78 3.15
C GLU B 95 -11.78 -13.33 3.97
N GLN B 96 -12.24 -12.57 4.97
CA GLN B 96 -13.52 -12.82 5.66
C GLN B 96 -14.12 -11.48 6.03
N ASN B 97 -15.33 -11.19 5.54
CA ASN B 97 -16.00 -9.86 5.62
C ASN B 97 -17.47 -10.11 5.29
N GLU B 98 -18.34 -9.11 5.54
CA GLU B 98 -19.82 -9.16 5.33
C GLU B 98 -20.12 -9.88 4.00
N GLY B 99 -19.28 -9.64 2.98
CA GLY B 99 -19.43 -10.10 1.59
C GLY B 99 -19.23 -11.59 1.39
N MET B 100 -18.52 -12.25 2.30
CA MET B 100 -18.30 -13.73 2.25
C MET B 100 -19.07 -14.34 3.41
N LYS B 101 -20.04 -15.20 3.08
CA LYS B 101 -20.82 -16.02 4.03
C LYS B 101 -19.87 -16.96 4.77
N GLY B 102 -19.11 -17.77 4.03
CA GLY B 102 -18.21 -18.81 4.57
C GLY B 102 -17.45 -19.52 3.46
N TYR B 103 -16.39 -20.25 3.79
CA TYR B 103 -15.75 -21.22 2.85
C TYR B 103 -14.88 -22.23 3.61
N GLY B 104 -14.55 -23.32 2.95
CA GLY B 104 -13.61 -24.29 3.51
C GLY B 104 -13.84 -25.67 2.93
N TRP B 105 -13.15 -26.65 3.49
CA TRP B 105 -13.10 -28.01 2.93
C TRP B 105 -14.14 -28.88 3.66
N ASP B 106 -14.88 -29.68 2.89
CA ASP B 106 -15.89 -30.64 3.41
C ASP B 106 -15.12 -31.92 3.77
N GLU B 107 -14.22 -32.30 2.86
CA GLU B 107 -13.27 -33.43 3.00
C GLU B 107 -11.94 -32.98 2.40
N TYR B 108 -10.84 -33.55 2.87
CA TYR B 108 -9.50 -33.34 2.30
C TYR B 108 -8.53 -34.39 2.85
N ASP B 109 -7.89 -35.09 1.94
CA ASP B 109 -6.68 -35.91 2.19
C ASP B 109 -5.61 -35.47 1.19
N PRO B 110 -4.48 -34.96 1.67
CA PRO B 110 -3.38 -34.53 0.80
C PRO B 110 -3.02 -35.51 -0.33
N ARG B 111 -3.17 -36.81 -0.07
CA ARG B 111 -2.67 -37.88 -0.98
C ARG B 111 -3.68 -38.11 -2.10
N ARG B 112 -4.95 -37.78 -1.85
CA ARG B 112 -6.12 -38.23 -2.64
C ARG B 112 -6.87 -37.02 -3.19
N GLY B 113 -7.01 -35.97 -2.39
CA GLY B 113 -7.67 -34.72 -2.82
C GLY B 113 -8.82 -34.38 -1.90
N GLY B 114 -9.89 -33.80 -2.43
CA GLY B 114 -11.05 -33.40 -1.62
C GLY B 114 -11.89 -32.37 -2.32
N ILE B 115 -12.77 -31.70 -1.56
CA ILE B 115 -13.90 -30.88 -2.10
C ILE B 115 -14.05 -29.64 -1.23
N GLN B 116 -14.07 -28.46 -1.85
CA GLN B 116 -14.10 -27.14 -1.16
C GLN B 116 -15.39 -26.41 -1.54
N SER B 117 -16.03 -25.78 -0.56
CA SER B 117 -17.29 -25.02 -0.75
C SER B 117 -17.02 -23.55 -0.45
N ILE B 118 -17.33 -22.68 -1.41
CA ILE B 118 -17.23 -21.20 -1.24
C ILE B 118 -18.66 -20.65 -1.36
N HIS B 119 -19.08 -19.89 -0.35
CA HIS B 119 -20.42 -19.26 -0.27
C HIS B 119 -20.21 -17.75 -0.25
N ASP B 120 -20.30 -17.16 -1.44
CA ASP B 120 -19.90 -15.77 -1.79
C ASP B 120 -21.19 -14.93 -1.91
N ILE B 121 -21.50 -14.10 -0.92
CA ILE B 121 -22.74 -13.27 -0.93
C ILE B 121 -22.60 -12.15 -1.99
N GLN B 122 -21.45 -11.45 -2.01
CA GLN B 122 -21.25 -10.28 -2.91
C GLN B 122 -21.48 -10.69 -4.38
N ASN B 123 -21.03 -11.87 -4.79
CA ASN B 123 -21.09 -12.35 -6.20
C ASN B 123 -22.26 -13.35 -6.34
N GLY B 124 -23.04 -13.49 -5.27
CA GLY B 124 -24.27 -14.30 -5.23
C GLY B 124 -24.06 -15.68 -5.84
N LEU B 125 -22.91 -16.31 -5.59
CA LEU B 125 -22.57 -17.69 -6.07
C LEU B 125 -22.28 -18.61 -4.88
N ASP B 126 -22.70 -19.86 -5.01
CA ASP B 126 -22.17 -21.01 -4.24
C ASP B 126 -21.31 -21.82 -5.20
N ILE B 127 -20.04 -22.00 -4.86
CA ILE B 127 -19.00 -22.65 -5.72
C ILE B 127 -18.49 -23.89 -4.99
N THR B 128 -18.09 -24.91 -5.75
CA THR B 128 -17.39 -26.10 -5.22
C THR B 128 -16.18 -26.34 -6.12
N THR B 129 -15.02 -26.59 -5.50
CA THR B 129 -13.74 -26.85 -6.21
C THR B 129 -13.29 -28.26 -5.82
N SER B 130 -13.66 -29.26 -6.61
CA SER B 130 -13.31 -30.67 -6.35
C SER B 130 -11.94 -30.91 -6.97
N PHE B 131 -10.99 -31.34 -6.14
CA PHE B 131 -9.60 -31.59 -6.55
C PHE B 131 -9.33 -33.08 -6.33
N VAL B 132 -8.71 -33.76 -7.30
CA VAL B 132 -8.38 -35.21 -7.19
C VAL B 132 -6.97 -35.41 -7.74
N LYS B 133 -6.22 -36.30 -7.07
CA LYS B 133 -4.87 -36.75 -7.48
C LYS B 133 -4.95 -38.18 -8.03
N ILE B 134 -4.15 -38.48 -9.05
CA ILE B 134 -4.15 -39.75 -9.82
C ILE B 134 -2.70 -40.14 -10.04
N PRO B 135 -2.17 -41.11 -9.29
CA PRO B 135 -0.77 -41.51 -9.43
C PRO B 135 -0.53 -42.22 -10.77
N GLY B 136 0.74 -42.32 -11.14
CA GLY B 136 1.18 -42.66 -12.50
C GLY B 136 2.44 -41.90 -12.85
N GLY B 137 3.43 -42.59 -13.41
CA GLY B 137 4.64 -41.96 -13.97
C GLY B 137 5.59 -41.57 -12.87
N ALA B 138 6.60 -40.78 -13.21
CA ALA B 138 7.83 -40.54 -12.42
C ALA B 138 7.84 -39.16 -11.75
N HIS B 139 6.91 -38.26 -12.07
CA HIS B 139 6.98 -36.81 -11.69
C HIS B 139 5.82 -36.44 -10.75
N GLY B 140 5.44 -37.34 -9.84
CA GLY B 140 4.41 -37.09 -8.82
C GLY B 140 3.01 -37.12 -9.39
N GLY B 141 2.85 -37.63 -10.61
CA GLY B 141 1.53 -38.02 -11.13
C GLY B 141 0.77 -36.86 -11.75
N SER B 142 -0.55 -37.07 -11.87
CA SER B 142 -1.53 -36.27 -12.65
C SER B 142 -2.57 -35.78 -11.65
N TRP B 143 -3.39 -34.79 -12.01
CA TRP B 143 -4.49 -34.28 -11.14
C TRP B 143 -5.58 -33.65 -11.99
N ALA B 144 -6.71 -33.38 -11.35
CA ALA B 144 -7.92 -32.81 -11.98
C ALA B 144 -8.74 -32.06 -10.93
N ALA B 145 -9.58 -31.16 -11.40
CA ALA B 145 -10.36 -30.23 -10.56
C ALA B 145 -11.58 -29.83 -11.35
N ARG B 146 -12.72 -29.74 -10.68
CA ARG B 146 -13.98 -29.30 -11.27
C ARG B 146 -14.43 -28.06 -10.52
N ILE B 147 -14.76 -27.02 -11.29
CA ILE B 147 -15.23 -25.70 -10.79
C ILE B 147 -16.71 -25.62 -11.12
N LYS B 148 -17.58 -25.76 -10.14
CA LYS B 148 -19.04 -25.61 -10.34
C LYS B 148 -19.48 -24.33 -9.65
N GLY B 149 -20.05 -23.41 -10.42
CA GLY B 149 -20.73 -22.21 -9.93
C GLY B 149 -22.23 -22.29 -10.12
N THR B 150 -22.97 -21.98 -9.04
CA THR B 150 -24.44 -22.10 -8.92
C THR B 150 -24.94 -20.83 -8.22
N LEU B 151 -25.60 -19.92 -8.96
CA LEU B 151 -26.19 -18.67 -8.40
C LEU B 151 -27.13 -19.03 -7.24
N ASN B 152 -27.08 -18.28 -6.14
CA ASN B 152 -28.02 -18.43 -4.99
C ASN B 152 -29.35 -17.84 -5.46
N ASP B 153 -30.33 -17.70 -4.57
CA ASP B 153 -31.73 -17.32 -4.93
C ASP B 153 -31.87 -15.80 -4.97
N ASP B 154 -30.92 -15.06 -4.40
CA ASP B 154 -30.94 -13.57 -4.34
C ASP B 154 -30.39 -13.01 -5.65
N ALA B 155 -29.59 -13.79 -6.36
CA ALA B 155 -28.79 -13.36 -7.55
C ALA B 155 -29.69 -13.26 -8.77
N PRO B 156 -29.56 -12.22 -9.61
CA PRO B 156 -30.22 -12.21 -10.92
C PRO B 156 -29.98 -13.50 -11.72
N LYS B 157 -31.04 -14.13 -12.21
CA LYS B 157 -31.00 -15.48 -12.86
C LYS B 157 -30.19 -15.37 -14.17
N ASP B 158 -29.92 -14.15 -14.64
CA ASP B 158 -29.17 -13.85 -15.90
C ASP B 158 -27.82 -13.20 -15.59
N GLN B 159 -27.31 -13.33 -14.35
CA GLN B 159 -26.05 -12.68 -13.89
C GLN B 159 -24.86 -13.17 -14.75
N LYS B 160 -23.99 -12.23 -15.14
CA LYS B 160 -22.75 -12.51 -15.92
C LYS B 160 -21.57 -12.60 -14.94
N THR B 161 -20.93 -13.77 -14.90
CA THR B 161 -19.76 -14.05 -14.04
C THR B 161 -18.55 -14.23 -14.94
N ILE B 162 -17.52 -13.38 -14.78
CA ILE B 162 -16.17 -13.61 -15.34
C ILE B 162 -15.46 -14.64 -14.46
N VAL B 163 -14.87 -15.65 -15.09
CA VAL B 163 -14.07 -16.70 -14.42
C VAL B 163 -12.74 -16.82 -15.18
N VAL B 164 -11.65 -16.79 -14.43
CA VAL B 164 -10.27 -16.82 -14.97
C VAL B 164 -9.54 -17.97 -14.27
N PHE B 165 -8.86 -18.79 -15.05
CA PHE B 165 -7.88 -19.76 -14.56
C PHE B 165 -6.51 -19.26 -15.01
N TYR B 166 -5.63 -19.01 -14.05
CA TYR B 166 -4.29 -18.39 -14.24
C TYR B 166 -3.24 -19.47 -14.04
N VAL B 167 -2.35 -19.62 -15.01
CA VAL B 167 -1.22 -20.57 -14.94
C VAL B 167 0.11 -19.82 -15.15
N SER B 168 1.05 -20.01 -14.22
CA SER B 168 2.43 -19.47 -14.30
C SER B 168 3.43 -20.63 -14.19
N GLN B 169 4.58 -20.53 -14.84
CA GLN B 169 5.69 -21.50 -14.64
C GLN B 169 6.99 -20.73 -14.49
N GLU B 170 7.56 -20.76 -13.28
CA GLU B 170 8.92 -20.27 -12.98
C GLU B 170 9.91 -21.40 -13.26
N GLY B 171 11.11 -21.06 -13.74
CA GLY B 171 12.24 -22.02 -13.80
C GLY B 171 13.09 -21.88 -15.05
N GLU B 172 14.40 -22.10 -14.89
CA GLU B 172 15.39 -22.30 -15.99
C GLU B 172 14.87 -23.43 -16.90
N ASN B 173 15.26 -23.40 -18.19
CA ASN B 173 15.08 -24.50 -19.17
C ASN B 173 13.73 -25.19 -18.94
N SER B 174 12.63 -24.47 -19.18
CA SER B 174 11.23 -24.96 -19.05
C SER B 174 10.31 -24.21 -20.03
N GLU B 175 9.21 -24.84 -20.43
CA GLU B 175 8.34 -24.41 -21.56
C GLU B 175 6.85 -24.55 -21.21
N LEU B 176 6.02 -23.70 -21.81
CA LEU B 176 4.56 -23.77 -21.70
C LEU B 176 3.94 -23.02 -22.89
N GLU B 177 3.07 -23.69 -23.62
CA GLU B 177 2.68 -23.34 -25.00
C GLU B 177 1.17 -23.61 -25.09
N ALA B 178 0.35 -22.57 -25.23
CA ALA B 178 -1.10 -22.69 -25.50
C ALA B 178 -1.33 -23.04 -26.98
N VAL B 179 -2.01 -24.16 -27.23
CA VAL B 179 -2.33 -24.68 -28.59
C VAL B 179 -3.40 -23.78 -29.18
N PRO B 180 -3.12 -23.08 -30.30
CA PRO B 180 -4.09 -22.17 -30.91
C PRO B 180 -5.44 -22.83 -31.19
N SER B 181 -6.54 -22.08 -31.07
CA SER B 181 -7.89 -22.48 -31.51
C SER B 181 -7.90 -22.56 -33.04
N GLU B 182 -8.95 -23.14 -33.63
CA GLU B 182 -9.15 -23.24 -35.10
C GLU B 182 -10.28 -22.28 -35.48
N ASN B 183 -10.49 -21.22 -34.70
CA ASN B 183 -11.51 -20.15 -34.92
C ASN B 183 -10.82 -18.80 -34.73
N GLU B 184 -11.49 -17.69 -35.06
CA GLU B 184 -10.83 -16.37 -35.28
C GLU B 184 -10.51 -15.76 -33.91
N PHE B 185 -11.48 -15.74 -32.99
CA PHE B 185 -11.56 -14.77 -31.88
C PHE B 185 -11.37 -15.44 -30.51
N GLY B 186 -11.03 -16.73 -30.47
CA GLY B 186 -10.99 -17.55 -29.25
C GLY B 186 -11.41 -18.99 -29.51
N TYR B 187 -11.91 -19.68 -28.46
CA TYR B 187 -12.12 -21.15 -28.43
C TYR B 187 -13.60 -21.50 -28.23
N GLU B 188 -14.08 -22.42 -29.08
CA GLU B 188 -15.38 -23.12 -28.98
C GLU B 188 -15.23 -24.25 -27.95
N GLY B 189 -14.02 -24.77 -27.77
CA GLY B 189 -13.81 -26.01 -26.99
C GLY B 189 -12.78 -25.92 -25.89
N ASP B 190 -12.13 -27.04 -25.64
CA ASP B 190 -11.06 -27.21 -24.63
C ASP B 190 -9.94 -26.24 -25.01
N VAL B 191 -9.28 -25.68 -24.00
CA VAL B 191 -7.94 -25.03 -24.15
C VAL B 191 -6.89 -26.03 -23.70
N ILE B 192 -5.81 -26.17 -24.47
CA ILE B 192 -4.70 -27.15 -24.23
C ILE B 192 -3.39 -26.39 -24.06
N LEU B 193 -2.73 -26.54 -22.91
CA LEU B 193 -1.37 -26.02 -22.64
C LEU B 193 -0.44 -27.23 -22.64
N LYS B 194 0.67 -27.16 -23.37
CA LYS B 194 1.72 -28.21 -23.45
C LYS B 194 3.03 -27.66 -22.87
N GLY B 195 3.54 -28.31 -21.81
CA GLY B 195 4.69 -27.84 -21.02
C GLY B 195 5.70 -28.93 -20.75
N ARG B 196 6.85 -28.52 -20.24
CA ARG B 196 8.06 -29.36 -20.07
C ARG B 196 8.87 -28.67 -18.97
N SER B 197 9.38 -29.42 -17.99
CA SER B 197 10.45 -28.94 -17.07
C SER B 197 11.26 -30.14 -16.55
N GLU B 198 12.48 -29.89 -16.05
CA GLU B 198 13.30 -30.92 -15.35
C GLU B 198 12.37 -31.73 -14.42
N ALA B 199 11.62 -31.02 -13.58
CA ALA B 199 10.89 -31.54 -12.39
C ALA B 199 9.63 -32.31 -12.81
N LEU B 200 8.84 -31.75 -13.73
CA LEU B 200 7.50 -32.31 -14.05
C LEU B 200 7.55 -33.14 -15.33
N GLY B 201 8.72 -33.18 -15.98
CA GLY B 201 8.91 -33.67 -17.35
C GLY B 201 7.96 -32.98 -18.32
N ASN B 202 7.41 -33.73 -19.27
CA ASN B 202 6.35 -33.29 -20.20
C ASN B 202 4.99 -33.49 -19.52
N TYR B 203 4.02 -32.64 -19.85
CA TYR B 203 2.67 -32.68 -19.26
C TYR B 203 1.74 -31.86 -20.15
N LYS B 204 0.45 -31.97 -19.85
CA LYS B 204 -0.65 -31.35 -20.61
C LYS B 204 -1.59 -30.81 -19.54
N LEU B 205 -1.86 -29.50 -19.54
CA LEU B 205 -2.94 -28.87 -18.75
C LEU B 205 -4.04 -28.52 -19.72
N VAL B 206 -5.24 -29.03 -19.49
CA VAL B 206 -6.43 -28.74 -20.34
C VAL B 206 -7.40 -27.97 -19.48
N VAL B 207 -8.02 -26.92 -20.03
CA VAL B 207 -9.19 -26.25 -19.41
C VAL B 207 -10.39 -26.51 -20.33
N THR B 208 -11.33 -27.31 -19.85
CA THR B 208 -12.41 -27.93 -20.67
C THR B 208 -13.44 -26.84 -21.03
N LYS B 209 -14.18 -27.06 -22.13
CA LYS B 209 -15.22 -26.13 -22.64
C LYS B 209 -16.12 -25.76 -21.46
N GLY B 210 -16.54 -26.76 -20.68
CA GLY B 210 -17.47 -26.58 -19.55
C GLY B 210 -18.93 -26.55 -19.98
N LYS B 211 -19.82 -26.08 -19.11
CA LYS B 211 -21.30 -26.18 -19.29
C LYS B 211 -21.89 -24.93 -18.64
N GLY B 212 -22.80 -24.25 -19.36
CA GLY B 212 -23.44 -22.98 -18.98
C GLY B 212 -23.60 -22.06 -20.18
N VAL B 213 -24.60 -21.17 -20.17
CA VAL B 213 -24.83 -20.20 -21.27
C VAL B 213 -23.59 -19.29 -21.33
N ILE B 214 -22.90 -19.30 -22.47
CA ILE B 214 -21.91 -18.26 -22.89
C ILE B 214 -22.68 -17.11 -23.54
N PRO B 215 -22.68 -15.89 -22.97
CA PRO B 215 -23.44 -14.77 -23.56
C PRO B 215 -22.81 -14.26 -24.86
N GLN B 216 -23.62 -13.58 -25.68
CA GLN B 216 -23.22 -13.17 -27.05
C GLN B 216 -23.48 -11.68 -27.23
N SER B 217 -22.58 -10.98 -27.92
CA SER B 217 -22.74 -9.55 -28.27
C SER B 217 -23.10 -9.41 -29.75
N ASP B 218 -24.07 -8.54 -30.03
CA ASP B 218 -24.41 -8.05 -31.40
C ASP B 218 -23.88 -6.62 -31.57
N HIS B 219 -22.97 -6.16 -30.69
CA HIS B 219 -22.36 -4.81 -30.78
C HIS B 219 -21.30 -4.84 -31.88
N ASP B 220 -21.12 -3.74 -32.60
CA ASP B 220 -20.10 -3.63 -33.68
C ASP B 220 -18.72 -4.07 -33.16
N LEU B 221 -18.39 -3.88 -31.88
CA LEU B 221 -17.16 -4.39 -31.23
C LEU B 221 -16.89 -5.86 -31.61
N SER B 222 -17.96 -6.67 -31.75
CA SER B 222 -17.89 -8.12 -32.08
C SER B 222 -17.03 -8.39 -33.32
N ARG B 223 -17.05 -7.51 -34.32
CA ARG B 223 -16.24 -7.62 -35.57
C ARG B 223 -14.76 -7.79 -35.23
N LEU B 224 -14.34 -7.21 -34.10
CA LEU B 224 -12.91 -7.15 -33.70
C LEU B 224 -12.62 -8.18 -32.60
N ARG B 225 -13.58 -8.36 -31.67
CA ARG B 225 -13.38 -9.09 -30.38
C ARG B 225 -14.25 -10.35 -30.37
N GLY B 226 -14.85 -10.71 -31.51
CA GLY B 226 -15.78 -11.86 -31.60
C GLY B 226 -17.07 -11.58 -30.82
N PRO B 227 -18.11 -12.44 -30.94
CA PRO B 227 -19.39 -12.23 -30.25
C PRO B 227 -19.39 -12.67 -28.78
N GLY B 228 -18.36 -13.41 -28.36
CA GLY B 228 -18.30 -13.94 -26.99
C GLY B 228 -17.85 -15.39 -26.97
N GLN B 229 -16.64 -15.62 -26.47
CA GLN B 229 -15.97 -16.94 -26.49
C GLN B 229 -14.93 -17.00 -25.37
N THR B 230 -14.49 -18.20 -25.04
CA THR B 230 -13.29 -18.49 -24.23
C THR B 230 -12.09 -17.86 -24.93
N VAL B 231 -11.21 -17.19 -24.18
CA VAL B 231 -9.98 -16.57 -24.73
C VAL B 231 -8.81 -16.95 -23.82
N VAL B 232 -7.60 -17.02 -24.38
CA VAL B 232 -6.34 -17.25 -23.65
C VAL B 232 -5.37 -16.12 -24.03
N GLN B 233 -4.67 -15.52 -23.05
CA GLN B 233 -3.45 -14.72 -23.31
C GLN B 233 -2.26 -15.43 -22.69
N SER B 234 -1.24 -15.60 -23.50
CA SER B 234 0.08 -16.17 -23.15
C SER B 234 1.09 -15.03 -23.20
N LEU B 235 1.80 -14.80 -22.11
CA LEU B 235 2.57 -13.56 -21.82
C LEU B 235 3.93 -13.98 -21.26
N THR B 236 4.89 -13.05 -21.24
CA THR B 236 6.19 -13.26 -20.56
C THR B 236 6.37 -12.12 -19.55
N TYR B 237 6.25 -12.42 -18.26
CA TYR B 237 6.49 -11.46 -17.14
C TYR B 237 7.78 -11.85 -16.44
N PRO B 238 8.31 -10.99 -15.55
CA PRO B 238 9.48 -11.34 -14.75
C PRO B 238 9.11 -12.23 -13.54
N ASP B 239 10.05 -13.12 -13.20
CA ASP B 239 9.85 -14.24 -12.25
C ASP B 239 9.33 -13.71 -10.90
N GLU B 240 9.76 -12.53 -10.43
CA GLU B 240 9.43 -11.97 -9.08
C GLU B 240 7.96 -11.51 -9.03
N VAL B 241 7.23 -11.64 -10.13
CA VAL B 241 5.91 -10.97 -10.34
C VAL B 241 4.83 -12.03 -10.68
N LEU B 242 5.21 -13.27 -10.94
CA LEU B 242 4.29 -14.35 -11.42
C LEU B 242 3.17 -14.60 -10.40
N TRP B 243 3.45 -14.40 -9.11
CA TRP B 243 2.47 -14.67 -8.02
C TRP B 243 1.37 -13.60 -8.01
N GLN B 244 1.61 -12.44 -8.65
CA GLN B 244 0.68 -11.27 -8.61
C GLN B 244 -0.40 -11.45 -9.68
N ALA B 245 -1.18 -12.51 -9.58
CA ALA B 245 -2.16 -12.91 -10.64
C ALA B 245 -3.14 -11.76 -10.87
N LYS B 246 -3.70 -11.20 -9.82
CA LYS B 246 -4.81 -10.21 -9.91
C LYS B 246 -4.29 -8.92 -10.55
N PRO B 247 -3.20 -8.31 -10.09
CA PRO B 247 -2.67 -7.13 -10.76
C PRO B 247 -2.28 -7.39 -12.21
N ILE B 248 -1.80 -8.60 -12.53
CA ILE B 248 -1.42 -8.97 -13.93
C ILE B 248 -2.70 -9.09 -14.80
N LEU B 249 -3.75 -9.76 -14.33
CA LEU B 249 -5.08 -9.82 -15.00
C LEU B 249 -5.54 -8.40 -15.30
N PHE B 250 -5.47 -7.52 -14.29
CA PHE B 250 -6.04 -6.16 -14.37
C PHE B 250 -5.18 -5.30 -15.28
N GLN B 251 -3.88 -5.59 -15.42
CA GLN B 251 -3.00 -4.81 -16.32
C GLN B 251 -3.43 -5.11 -17.76
N GLN B 252 -3.76 -6.36 -18.05
CA GLN B 252 -4.21 -6.83 -19.39
C GLN B 252 -5.63 -6.32 -19.65
N LEU B 253 -6.50 -6.30 -18.64
CA LEU B 253 -7.87 -5.75 -18.80
C LEU B 253 -7.77 -4.26 -19.13
N LYS B 254 -6.85 -3.55 -18.47
CA LYS B 254 -6.64 -2.08 -18.68
C LYS B 254 -6.11 -1.91 -20.10
N ALA B 255 -5.17 -2.75 -20.52
CA ALA B 255 -4.58 -2.68 -21.87
C ALA B 255 -5.66 -2.93 -22.94
N GLY B 256 -6.64 -3.82 -22.66
CA GLY B 256 -7.74 -4.19 -23.57
C GLY B 256 -8.76 -3.07 -23.68
N ILE B 257 -8.83 -2.24 -22.65
CA ILE B 257 -9.76 -1.08 -22.61
C ILE B 257 -9.08 0.10 -23.31
N ASP B 258 -7.77 0.27 -23.14
CA ASP B 258 -7.03 1.38 -23.81
C ASP B 258 -7.09 1.16 -25.31
N TRP B 259 -7.03 -0.10 -25.75
CA TRP B 259 -6.98 -0.51 -27.18
C TRP B 259 -8.25 0.00 -27.89
N LEU B 260 -9.34 0.21 -27.13
CA LEU B 260 -10.67 0.59 -27.66
C LEU B 260 -10.57 1.91 -28.42
N VAL B 261 -9.90 2.91 -27.84
CA VAL B 261 -9.84 4.30 -28.37
C VAL B 261 -8.85 4.37 -29.54
N GLU B 262 -8.09 3.30 -29.81
CA GLU B 262 -7.11 3.25 -30.93
C GLU B 262 -7.63 2.38 -32.10
N ASN B 263 -8.92 2.00 -32.14
CA ASN B 263 -9.38 0.98 -33.12
C ASN B 263 -10.83 1.24 -33.57
N LYS B 264 -11.14 0.78 -34.77
CA LYS B 264 -12.29 1.24 -35.58
C LYS B 264 -13.52 0.35 -35.33
N TYR B 265 -14.49 0.88 -34.57
CA TYR B 265 -15.78 0.22 -34.24
C TYR B 265 -16.78 1.30 -33.81
N ASP B 266 -18.08 1.02 -33.90
CA ASP B 266 -19.18 1.98 -33.63
C ASP B 266 -19.30 2.18 -32.11
N VAL B 267 -19.19 3.42 -31.65
CA VAL B 267 -19.16 3.75 -30.20
C VAL B 267 -20.40 4.57 -29.85
N ALA B 268 -21.40 4.61 -30.73
CA ALA B 268 -22.71 5.28 -30.48
C ALA B 268 -23.43 4.62 -29.29
N ASP B 269 -23.47 3.28 -29.27
CA ASP B 269 -24.22 2.49 -28.26
C ASP B 269 -23.25 1.90 -27.24
N PRO B 270 -23.64 1.86 -25.95
CA PRO B 270 -22.86 1.16 -24.91
C PRO B 270 -22.58 -0.31 -25.18
N PRO B 271 -21.30 -0.75 -25.33
CA PRO B 271 -21.02 -2.18 -25.44
C PRO B 271 -21.38 -2.85 -24.13
N PRO B 272 -21.62 -4.18 -24.08
CA PRO B 272 -21.90 -4.85 -22.80
C PRO B 272 -20.61 -4.96 -21.97
N PRO B 273 -20.68 -4.67 -20.65
CA PRO B 273 -19.49 -4.66 -19.79
C PRO B 273 -18.62 -5.93 -19.86
N TRP B 274 -19.27 -7.08 -19.90
CA TRP B 274 -18.50 -8.34 -19.97
C TRP B 274 -17.68 -8.38 -21.26
N GLN B 275 -18.05 -7.63 -22.29
CA GLN B 275 -17.29 -7.67 -23.58
C GLN B 275 -16.07 -6.73 -23.55
N VAL B 276 -16.16 -5.56 -22.90
CA VAL B 276 -15.00 -4.62 -22.78
C VAL B 276 -13.99 -5.22 -21.78
N TYR B 277 -14.45 -6.13 -20.90
CA TYR B 277 -13.62 -6.88 -19.91
C TYR B 277 -13.28 -8.29 -20.40
N LEU B 278 -13.54 -8.60 -21.69
CA LEU B 278 -13.16 -9.90 -22.31
C LEU B 278 -11.85 -9.71 -23.10
N LEU B 279 -10.80 -10.39 -22.66
CA LEU B 279 -9.44 -10.18 -23.21
C LEU B 279 -9.46 -10.54 -24.69
N ALA B 280 -8.64 -9.87 -25.50
CA ALA B 280 -8.27 -10.34 -26.84
C ALA B 280 -7.61 -11.70 -26.68
N ASN B 281 -8.00 -12.64 -27.53
CA ASN B 281 -7.32 -13.95 -27.70
C ASN B 281 -5.91 -13.74 -28.24
N LYS B 282 -4.86 -14.16 -27.50
CA LYS B 282 -3.44 -14.14 -27.96
C LYS B 282 -2.72 -15.39 -27.44
N PRO B 283 -3.19 -16.61 -27.78
CA PRO B 283 -2.50 -17.83 -27.36
C PRO B 283 -1.10 -17.97 -27.96
N GLY B 284 -0.21 -18.69 -27.24
CA GLY B 284 1.18 -18.95 -27.65
C GLY B 284 2.08 -19.25 -26.46
N SER B 285 3.40 -19.27 -26.74
CA SER B 285 4.48 -19.53 -25.76
C SER B 285 4.44 -18.43 -24.70
N GLY B 286 4.84 -18.73 -23.46
CA GLY B 286 4.72 -17.81 -22.32
C GLY B 286 5.02 -18.46 -20.96
N ASN B 287 5.32 -17.63 -19.94
CA ASN B 287 5.47 -18.08 -18.53
C ASN B 287 4.20 -17.69 -17.75
N VAL B 288 3.27 -16.96 -18.37
CA VAL B 288 1.93 -16.64 -17.79
C VAL B 288 0.89 -16.88 -18.88
N HIS B 289 -0.19 -17.58 -18.54
CA HIS B 289 -1.33 -17.90 -19.43
C HIS B 289 -2.64 -17.64 -18.67
N ILE B 290 -3.42 -16.65 -19.13
CA ILE B 290 -4.76 -16.31 -18.61
C ILE B 290 -5.83 -16.93 -19.53
N VAL B 291 -6.44 -18.03 -19.09
CA VAL B 291 -7.67 -18.64 -19.68
C VAL B 291 -8.86 -17.95 -19.04
N GLN B 292 -9.66 -17.22 -19.82
CA GLN B 292 -10.82 -16.44 -19.32
C GLN B 292 -12.10 -16.99 -19.98
N LYS B 293 -13.18 -17.02 -19.21
CA LYS B 293 -14.54 -17.47 -19.65
C LYS B 293 -15.55 -16.48 -19.08
N VAL B 294 -16.63 -16.21 -19.82
CA VAL B 294 -17.80 -15.47 -19.29
C VAL B 294 -19.00 -16.41 -19.34
N PHE B 295 -19.80 -16.42 -18.28
CA PHE B 295 -20.95 -17.35 -18.10
C PHE B 295 -22.18 -16.55 -17.72
N GLU B 296 -23.31 -16.86 -18.35
CA GLU B 296 -24.65 -16.32 -17.97
C GLU B 296 -25.34 -17.39 -17.13
N GLY B 297 -25.79 -17.02 -15.93
CA GLY B 297 -26.20 -17.94 -14.86
C GLY B 297 -25.15 -18.99 -14.50
N ASP B 298 -25.63 -20.20 -14.19
CA ASP B 298 -24.89 -21.37 -13.62
C ASP B 298 -23.86 -21.86 -14.64
N PHE B 299 -22.70 -22.29 -14.15
CA PHE B 299 -21.53 -22.67 -14.97
C PHE B 299 -20.78 -23.80 -14.27
N GLU B 300 -20.01 -24.56 -15.05
CA GLU B 300 -19.02 -25.52 -14.52
C GLU B 300 -17.98 -25.75 -15.62
N PHE B 301 -16.72 -25.89 -15.24
CA PHE B 301 -15.66 -26.43 -16.13
C PHE B 301 -14.67 -27.27 -15.30
N ASP B 302 -13.72 -27.88 -15.99
CA ASP B 302 -12.72 -28.80 -15.41
C ASP B 302 -11.31 -28.36 -15.84
N ILE B 303 -10.34 -28.62 -14.96
CA ILE B 303 -8.89 -28.52 -15.24
C ILE B 303 -8.31 -29.94 -15.17
N LEU B 304 -7.54 -30.33 -16.19
CA LEU B 304 -7.04 -31.71 -16.38
C LEU B 304 -5.53 -31.70 -16.63
N PHE B 305 -4.76 -32.05 -15.61
CA PHE B 305 -3.28 -32.12 -15.64
C PHE B 305 -2.86 -33.57 -15.81
N SER B 306 -2.29 -33.87 -16.97
CA SER B 306 -1.87 -35.22 -17.41
C SER B 306 -0.35 -35.28 -17.52
N SER B 307 0.31 -35.90 -16.53
CA SER B 307 1.76 -36.23 -16.52
C SER B 307 2.00 -37.18 -17.70
N GLU B 308 2.93 -36.86 -18.62
CA GLU B 308 3.21 -37.69 -19.81
C GLU B 308 3.78 -39.04 -19.34
N SER B 309 4.62 -39.04 -18.30
CA SER B 309 5.30 -40.23 -17.74
C SER B 309 4.26 -41.28 -17.32
N ALA B 310 3.03 -40.86 -16.98
CA ALA B 310 1.93 -41.76 -16.56
C ALA B 310 1.36 -42.52 -17.77
N GLY B 311 1.74 -42.14 -18.99
CA GLY B 311 1.34 -42.78 -20.25
C GLY B 311 -0.17 -42.82 -20.43
N LYS B 312 -0.91 -41.99 -19.67
CA LYS B 312 -2.39 -42.02 -19.59
C LYS B 312 -2.91 -40.60 -19.40
N GLU B 313 -3.58 -40.09 -20.44
CA GLU B 313 -4.33 -38.81 -20.43
C GLU B 313 -5.48 -38.92 -19.41
N VAL B 314 -5.59 -37.95 -18.50
CA VAL B 314 -6.72 -37.82 -17.54
C VAL B 314 -7.90 -37.20 -18.31
N THR B 315 -9.11 -37.72 -18.08
CA THR B 315 -10.38 -37.31 -18.75
C THR B 315 -11.34 -36.76 -17.68
N SER B 316 -12.43 -36.12 -18.10
CA SER B 316 -13.53 -35.75 -17.17
C SER B 316 -14.18 -36.99 -16.54
N LYS B 317 -14.22 -38.14 -17.24
CA LYS B 317 -14.82 -39.41 -16.72
C LYS B 317 -13.90 -39.91 -15.59
N ASP B 318 -12.57 -39.95 -15.84
CA ASP B 318 -11.53 -40.21 -14.80
C ASP B 318 -11.73 -39.29 -13.58
N LEU B 319 -12.02 -38.00 -13.80
CA LEU B 319 -12.22 -36.99 -12.72
C LEU B 319 -13.42 -37.40 -11.84
N GLU B 320 -14.63 -37.39 -12.40
CA GLU B 320 -15.89 -37.77 -11.70
C GLU B 320 -15.69 -39.07 -10.93
N ARG B 321 -15.03 -40.04 -11.56
CA ARG B 321 -14.87 -41.42 -11.04
C ARG B 321 -14.01 -41.32 -9.76
N GLU B 322 -12.89 -40.59 -9.82
CA GLU B 322 -11.89 -40.52 -8.71
C GLU B 322 -12.40 -39.63 -7.56
N VAL B 323 -13.33 -38.72 -7.81
CA VAL B 323 -13.94 -37.85 -6.75
C VAL B 323 -14.78 -38.72 -5.80
N LYS B 324 -15.71 -39.52 -6.37
CA LYS B 324 -16.68 -40.40 -5.64
C LYS B 324 -15.89 -41.46 -4.87
N GLN B 325 -14.83 -42.02 -5.47
CA GLN B 325 -13.93 -43.05 -4.87
C GLN B 325 -13.21 -42.44 -3.65
N ALA B 326 -12.67 -41.23 -3.79
CA ALA B 326 -11.93 -40.51 -2.74
C ALA B 326 -12.86 -40.16 -1.57
N THR B 327 -14.11 -39.78 -1.86
CA THR B 327 -15.11 -39.42 -0.82
C THR B 327 -15.47 -40.67 0.01
N GLU B 328 -15.62 -41.84 -0.62
CA GLU B 328 -15.95 -43.11 0.10
C GLU B 328 -14.76 -43.41 1.05
N VAL B 329 -13.54 -43.44 0.50
CA VAL B 329 -12.26 -43.75 1.21
C VAL B 329 -12.07 -42.81 2.41
N PHE B 330 -12.51 -41.54 2.29
CA PHE B 330 -12.34 -40.49 3.34
C PHE B 330 -13.24 -40.82 4.54
N GLY B 331 -14.48 -41.22 4.28
CA GLY B 331 -15.46 -41.58 5.34
C GLY B 331 -15.00 -42.82 6.09
N GLU B 332 -14.53 -43.82 5.36
CA GLU B 332 -14.01 -45.07 5.97
C GLU B 332 -12.90 -44.64 6.94
N ARG B 333 -11.92 -43.89 6.46
CA ARG B 333 -10.74 -43.44 7.26
C ARG B 333 -11.18 -42.66 8.50
N PHE B 334 -12.10 -41.70 8.36
CA PHE B 334 -12.54 -40.79 9.45
C PHE B 334 -13.28 -41.57 10.54
N ALA B 335 -14.03 -42.61 10.17
CA ALA B 335 -14.65 -43.60 11.11
C ALA B 335 -13.54 -44.27 11.92
N ARG B 336 -12.61 -44.94 11.22
CA ARG B 336 -11.46 -45.71 11.78
C ARG B 336 -10.60 -44.83 12.70
N VAL B 337 -10.42 -43.54 12.41
CA VAL B 337 -9.30 -42.72 12.98
C VAL B 337 -9.87 -41.73 14.02
N PHE B 338 -11.07 -41.20 13.81
CA PHE B 338 -11.79 -40.42 14.84
C PHE B 338 -13.15 -41.06 15.07
N ASP B 339 -13.20 -42.21 15.78
CA ASP B 339 -14.44 -42.80 16.36
C ASP B 339 -14.86 -41.86 17.50
N LEU B 340 -15.78 -40.94 17.22
CA LEU B 340 -16.26 -40.00 18.23
C LEU B 340 -16.89 -40.83 19.36
N LYS B 341 -16.57 -40.47 20.59
CA LYS B 341 -17.03 -41.17 21.81
C LYS B 341 -18.15 -40.33 22.43
N ALA B 342 -18.96 -40.94 23.31
CA ALA B 342 -20.20 -40.33 23.87
C ALA B 342 -19.81 -39.09 24.67
N PRO B 343 -20.64 -38.03 24.72
CA PRO B 343 -21.92 -37.98 24.03
C PRO B 343 -21.91 -37.32 22.64
N PHE B 344 -20.92 -37.65 21.81
CA PHE B 344 -20.73 -37.01 20.47
C PHE B 344 -20.77 -38.05 19.36
N GLN B 345 -21.50 -39.14 19.60
CA GLN B 345 -21.64 -40.26 18.61
C GLN B 345 -22.61 -39.85 17.50
N GLY B 346 -23.43 -38.81 17.73
CA GLY B 346 -24.46 -38.30 16.80
C GLY B 346 -23.89 -37.81 15.46
N ASP B 347 -24.70 -37.94 14.41
CA ASP B 347 -24.40 -37.59 12.99
C ASP B 347 -23.99 -36.12 12.86
N ASN B 348 -24.61 -35.21 13.61
CA ASN B 348 -24.32 -33.75 13.57
C ASN B 348 -22.88 -33.51 14.09
N TYR B 349 -22.46 -34.25 15.12
CA TYR B 349 -21.14 -34.07 15.77
C TYR B 349 -20.08 -34.56 14.80
N LYS B 350 -20.38 -35.65 14.10
CA LYS B 350 -19.54 -36.25 13.02
C LYS B 350 -19.33 -35.23 11.88
N LYS B 351 -20.39 -34.55 11.43
CA LYS B 351 -20.33 -33.58 10.30
C LYS B 351 -19.45 -32.41 10.75
N PHE B 352 -19.45 -32.11 12.05
CA PHE B 352 -18.69 -31.01 12.69
C PHE B 352 -17.21 -31.37 12.79
N GLY B 353 -16.91 -32.59 13.26
CA GLY B 353 -15.55 -33.14 13.29
C GLY B 353 -14.95 -33.21 11.89
N LYS B 354 -15.73 -33.63 10.90
CA LYS B 354 -15.26 -33.72 9.49
C LYS B 354 -14.88 -32.33 9.00
N SER B 355 -15.67 -31.32 9.30
CA SER B 355 -15.38 -29.94 8.88
C SER B 355 -14.07 -29.48 9.54
N MET B 356 -13.99 -29.59 10.87
CA MET B 356 -12.86 -29.04 11.67
C MET B 356 -11.56 -29.73 11.24
N PHE B 357 -11.58 -31.01 10.93
CA PHE B 357 -10.32 -31.71 10.61
C PHE B 357 -9.97 -31.41 9.14
N SER B 358 -10.95 -31.45 8.23
CA SER B 358 -10.74 -31.19 6.77
C SER B 358 -10.14 -29.79 6.55
N ASN B 359 -10.64 -28.80 7.27
CA ASN B 359 -10.10 -27.42 7.21
C ASN B 359 -8.65 -27.41 7.73
N LEU B 360 -8.37 -28.01 8.90
CA LEU B 360 -7.00 -28.06 9.47
C LEU B 360 -6.03 -28.56 8.41
N ILE B 361 -6.21 -29.80 7.98
CA ILE B 361 -5.26 -30.52 7.07
C ILE B 361 -5.29 -29.85 5.69
N GLY B 362 -6.44 -29.27 5.32
CA GLY B 362 -6.61 -28.56 4.04
C GLY B 362 -5.81 -27.26 3.99
N GLY B 363 -5.40 -26.77 5.15
CA GLY B 363 -4.59 -25.55 5.24
C GLY B 363 -3.18 -25.76 4.73
N ILE B 364 -2.81 -26.99 4.37
CA ILE B 364 -1.36 -27.28 4.19
C ILE B 364 -0.87 -26.47 3.00
N GLY B 365 0.22 -25.74 3.16
CA GLY B 365 0.85 -25.02 2.05
C GLY B 365 2.27 -25.50 1.84
N TYR B 366 2.75 -25.41 0.60
CA TYR B 366 4.19 -25.39 0.25
C TYR B 366 4.61 -23.92 0.03
N PHE B 367 5.58 -23.44 0.82
CA PHE B 367 6.09 -22.05 0.80
C PHE B 367 7.58 -22.06 0.47
N TYR B 368 8.02 -21.14 -0.41
CA TYR B 368 9.41 -21.07 -0.94
C TYR B 368 9.88 -19.63 -1.10
N GLY B 369 11.15 -19.39 -0.79
CA GLY B 369 11.84 -18.10 -0.99
C GLY B 369 12.61 -17.65 0.25
N HIS B 370 13.08 -16.41 0.21
CA HIS B 370 14.06 -15.85 1.15
C HIS B 370 13.29 -15.41 2.39
N SER B 371 13.99 -15.29 3.52
CA SER B 371 13.44 -15.01 4.86
C SER B 371 14.20 -13.78 5.38
N LEU B 372 13.54 -12.88 6.11
CA LEU B 372 14.18 -11.66 6.66
C LEU B 372 14.69 -11.92 8.09
N VAL B 373 16.02 -12.02 8.27
CA VAL B 373 16.72 -12.32 9.55
C VAL B 373 17.70 -11.20 9.95
N ASP B 374 17.75 -10.84 11.24
CA ASP B 374 18.81 -9.97 11.87
C ASP B 374 19.98 -10.83 12.37
N ARG B 375 20.94 -11.13 11.49
CA ARG B 375 22.13 -11.95 11.82
C ARG B 375 23.24 -11.13 12.51
N SER B 376 22.93 -9.99 13.14
CA SER B 376 23.95 -9.09 13.75
C SER B 376 24.53 -9.77 15.00
N TYR B 377 23.65 -10.32 15.84
CA TYR B 377 23.96 -10.78 17.23
C TYR B 377 24.49 -9.57 18.01
N ALA B 378 23.81 -8.43 17.86
CA ALA B 378 23.93 -7.25 18.73
C ALA B 378 24.07 -7.71 20.20
N PRO B 379 25.16 -7.31 20.91
CA PRO B 379 25.25 -7.57 22.35
C PRO B 379 24.06 -7.05 23.16
N GLU B 380 23.19 -6.22 22.59
CA GLU B 380 21.94 -5.76 23.28
C GLU B 380 20.92 -6.91 23.28
N TYR B 381 21.15 -7.94 22.46
CA TYR B 381 20.24 -9.10 22.29
C TYR B 381 20.51 -10.12 23.42
N ASP B 382 21.71 -10.10 24.00
CA ASP B 382 22.12 -10.90 25.20
C ASP B 382 21.24 -10.55 26.40
N GLU B 383 20.63 -9.35 26.42
CA GLU B 383 19.57 -8.93 27.38
C GLU B 383 20.09 -8.98 28.83
N GLU B 384 21.33 -8.54 29.09
CA GLU B 384 22.01 -8.61 30.42
C GLU B 384 21.56 -7.50 31.38
N ASN B 385 21.33 -6.27 30.92
CA ASN B 385 21.06 -5.08 31.79
C ASN B 385 19.56 -4.97 32.05
N GLU B 386 19.15 -4.20 33.08
CA GLU B 386 17.74 -3.76 33.24
C GLU B 386 17.42 -2.88 32.04
N GLY B 387 16.12 -2.60 31.82
CA GLY B 387 15.61 -1.99 30.57
C GLY B 387 16.35 -2.48 29.34
N PHE B 388 16.48 -3.80 29.17
CA PHE B 388 17.11 -4.49 28.01
C PHE B 388 16.26 -4.26 26.76
N TRP B 389 14.97 -3.88 26.90
CA TRP B 389 14.09 -3.54 25.75
C TRP B 389 14.56 -2.25 25.05
N GLU B 390 14.80 -1.18 25.81
CA GLU B 390 15.34 0.09 25.27
C GLU B 390 16.64 -0.24 24.48
N ASP B 391 17.53 -1.07 25.03
CA ASP B 391 18.79 -1.51 24.36
C ASP B 391 18.45 -2.28 23.08
N ALA B 392 17.42 -3.14 23.15
CA ALA B 392 16.93 -3.96 22.01
C ALA B 392 16.48 -3.03 20.89
N ALA B 393 15.59 -2.08 21.22
CA ALA B 393 14.97 -1.07 20.31
C ALA B 393 16.04 -0.32 19.51
N GLU B 394 17.23 -0.09 20.06
CA GLU B 394 18.26 0.78 19.42
C GLU B 394 19.18 -0.10 18.57
N ALA B 395 19.25 -1.40 18.87
CA ALA B 395 19.96 -2.39 18.01
C ALA B 395 19.07 -2.70 16.80
N ARG B 396 17.75 -2.70 16.98
CA ARG B 396 16.78 -2.79 15.86
C ARG B 396 16.99 -1.61 14.92
N ALA B 397 17.02 -0.39 15.46
CA ALA B 397 17.19 0.90 14.75
C ALA B 397 18.44 0.92 13.85
N ARG B 398 19.39 -0.01 14.02
CA ARG B 398 20.61 -0.06 13.17
C ARG B 398 20.34 -0.89 11.91
N HIS B 399 19.14 -1.49 11.85
CA HIS B 399 18.52 -2.20 10.69
C HIS B 399 19.55 -3.07 9.93
N GLN B 400 20.05 -4.14 10.54
CA GLN B 400 21.07 -5.05 9.94
C GLN B 400 20.37 -6.22 9.24
N GLU B 401 19.05 -6.41 9.46
CA GLU B 401 18.23 -7.48 8.82
C GLU B 401 18.59 -7.59 7.34
N ALA B 402 18.75 -8.80 6.83
CA ALA B 402 18.96 -9.08 5.39
C ALA B 402 18.20 -10.35 5.02
N LEU B 403 17.61 -10.35 3.83
CA LEU B 403 16.97 -11.53 3.22
C LEU B 403 18.04 -12.62 3.10
N GLU B 404 17.71 -13.85 3.52
CA GLU B 404 18.61 -15.03 3.32
C GLU B 404 17.75 -16.21 2.88
N GLY B 405 18.40 -17.19 2.24
CA GLY B 405 17.77 -18.40 1.70
C GLY B 405 18.30 -18.72 0.31
N PRO B 406 17.46 -19.20 -0.63
CA PRO B 406 16.03 -19.44 -0.37
C PRO B 406 15.77 -20.60 0.62
N TYR B 407 14.60 -20.62 1.28
CA TYR B 407 14.14 -21.70 2.20
C TYR B 407 12.79 -22.26 1.72
N GLU B 408 12.47 -23.53 2.03
CA GLU B 408 11.14 -24.14 1.77
C GLU B 408 10.48 -24.60 3.06
N LEU B 409 9.15 -24.67 3.10
CA LEU B 409 8.35 -25.17 4.24
C LEU B 409 7.03 -25.74 3.73
N PHE B 410 6.83 -27.05 3.93
CA PHE B 410 5.53 -27.78 3.88
C PHE B 410 4.94 -27.85 5.29
N THR B 411 3.85 -27.13 5.59
CA THR B 411 3.28 -26.98 6.96
C THR B 411 1.77 -26.73 6.90
N SER B 412 1.04 -27.06 7.95
CA SER B 412 -0.29 -26.46 8.23
C SER B 412 -0.10 -24.99 8.55
N ILE B 413 -1.21 -24.29 8.73
CA ILE B 413 -1.32 -22.82 8.94
C ILE B 413 -2.46 -22.60 9.92
N PRO B 414 -2.40 -21.55 10.76
CA PRO B 414 -3.52 -21.20 11.61
C PRO B 414 -4.79 -20.70 10.90
N SER B 415 -4.66 -19.99 9.79
CA SER B 415 -5.75 -19.15 9.20
C SER B 415 -5.46 -18.83 7.73
N ARG B 416 -6.31 -19.25 6.81
CA ARG B 416 -6.17 -18.90 5.38
C ARG B 416 -6.24 -17.38 5.20
N PRO B 417 -7.28 -16.68 5.72
CA PRO B 417 -7.43 -15.25 5.50
C PRO B 417 -6.45 -14.35 6.25
N PHE B 418 -5.96 -14.77 7.41
CA PHE B 418 -5.24 -13.89 8.37
C PHE B 418 -3.76 -14.27 8.50
N PHE B 419 -3.46 -15.58 8.56
CA PHE B 419 -2.07 -16.06 8.84
C PHE B 419 -1.73 -17.28 7.97
N PRO B 420 -1.69 -17.13 6.62
CA PRO B 420 -1.31 -18.23 5.73
C PRO B 420 0.19 -18.54 5.72
N ARG B 421 0.72 -18.97 6.87
CA ARG B 421 2.16 -19.28 7.00
C ARG B 421 2.43 -20.13 8.26
N GLY B 422 3.64 -20.68 8.34
CA GLY B 422 4.06 -21.55 9.45
C GLY B 422 4.29 -20.74 10.70
N PHE B 423 3.69 -21.15 11.82
CA PHE B 423 4.00 -20.69 13.19
C PHE B 423 4.51 -21.85 14.05
N LEU B 424 5.71 -21.72 14.62
CA LEU B 424 6.48 -22.83 15.24
C LEU B 424 5.64 -23.62 16.27
N TRP B 425 5.04 -22.99 17.29
CA TRP B 425 4.36 -23.77 18.36
C TRP B 425 2.95 -24.17 17.94
N ASP B 426 2.30 -23.36 17.08
CA ASP B 426 0.97 -23.67 16.49
C ASP B 426 1.05 -25.05 15.81
N GLU B 427 2.16 -25.38 15.15
CA GLU B 427 2.24 -26.59 14.29
C GLU B 427 2.37 -27.85 15.16
N GLY B 428 2.92 -27.72 16.37
CA GLY B 428 2.86 -28.75 17.42
C GLY B 428 1.44 -29.25 17.61
N PHE B 429 0.49 -28.33 17.81
CA PHE B 429 -0.94 -28.65 17.98
C PHE B 429 -1.55 -29.11 16.65
N HIS B 430 -1.17 -28.48 15.53
CA HIS B 430 -1.78 -28.79 14.20
C HIS B 430 -1.61 -30.27 13.91
N LEU B 431 -0.43 -30.80 14.24
CA LEU B 431 0.07 -32.11 13.78
C LEU B 431 -0.43 -33.24 14.69
N LEU B 432 -1.08 -32.93 15.82
CA LEU B 432 -1.61 -33.97 16.72
C LEU B 432 -2.78 -34.69 16.03
N PRO B 433 -3.82 -33.99 15.53
CA PRO B 433 -4.84 -34.63 14.69
C PRO B 433 -4.35 -35.17 13.34
N ILE B 434 -3.38 -34.51 12.71
CA ILE B 434 -2.87 -34.92 11.38
C ILE B 434 -2.06 -36.21 11.53
N ALA B 435 -1.31 -36.37 12.63
CA ALA B 435 -0.54 -37.60 13.00
C ALA B 435 -1.47 -38.81 13.04
N ASP B 436 -2.60 -38.67 13.76
CA ASP B 436 -3.68 -39.69 13.86
C ASP B 436 -4.08 -40.14 12.45
N TRP B 437 -4.40 -39.19 11.59
CA TRP B 437 -4.82 -39.42 10.19
C TRP B 437 -3.70 -40.08 9.38
N ASP B 438 -2.47 -39.58 9.50
CA ASP B 438 -1.37 -39.81 8.53
C ASP B 438 -0.03 -39.41 9.17
N ILE B 439 0.58 -40.36 9.89
CA ILE B 439 1.79 -40.15 10.76
C ILE B 439 2.95 -39.76 9.85
N ASP B 440 3.00 -40.31 8.64
CA ASP B 440 4.10 -40.10 7.66
C ASP B 440 4.04 -38.65 7.16
N LEU B 441 2.83 -38.11 6.98
CA LEU B 441 2.58 -36.69 6.67
C LEU B 441 3.13 -35.80 7.78
N ALA B 442 2.84 -36.13 9.04
CA ALA B 442 3.24 -35.31 10.20
C ALA B 442 4.77 -35.35 10.33
N LEU B 443 5.38 -36.51 10.08
CA LEU B 443 6.86 -36.68 10.17
C LEU B 443 7.51 -35.85 9.05
N GLU B 444 6.86 -35.75 7.89
CA GLU B 444 7.34 -34.98 6.72
C GLU B 444 7.34 -33.49 7.06
N ILE B 445 6.27 -33.00 7.70
CA ILE B 445 6.10 -31.57 8.06
C ILE B 445 7.14 -31.24 9.14
N ILE B 446 7.43 -32.17 10.04
CA ILE B 446 8.45 -31.99 11.11
C ILE B 446 9.85 -31.98 10.47
N LYS B 447 10.11 -32.81 9.46
CA LYS B 447 11.39 -32.77 8.70
C LYS B 447 11.57 -31.37 8.12
N SER B 448 10.50 -30.82 7.52
CA SER B 448 10.53 -29.56 6.74
C SER B 448 10.91 -28.45 7.72
N TRP B 449 10.22 -28.43 8.85
CA TRP B 449 10.46 -27.46 9.93
C TRP B 449 11.91 -27.59 10.42
N TYR B 450 12.33 -28.78 10.81
CA TYR B 450 13.66 -29.00 11.42
C TYR B 450 14.76 -28.73 10.36
N ASN B 451 14.41 -28.78 9.08
CA ASN B 451 15.36 -28.35 8.00
C ASN B 451 15.57 -26.82 7.99
N LEU B 452 14.77 -26.03 8.71
CA LEU B 452 15.01 -24.57 8.77
C LEU B 452 16.00 -24.25 9.89
N MET B 453 16.49 -25.27 10.59
CA MET B 453 17.29 -24.98 11.80
C MET B 453 18.70 -24.54 11.37
N ASP B 454 19.18 -23.41 11.91
CA ASP B 454 20.55 -22.92 11.64
C ASP B 454 21.55 -23.83 12.39
N GLU B 455 22.84 -23.54 12.27
CA GLU B 455 23.95 -24.32 12.89
C GLU B 455 23.85 -24.24 14.41
N ASP B 456 23.23 -23.18 14.96
CA ASP B 456 23.18 -22.96 16.44
C ASP B 456 22.03 -23.74 17.09
N GLY B 457 21.04 -24.18 16.28
CA GLY B 457 19.82 -24.84 16.78
C GLY B 457 18.60 -23.91 16.87
N TRP B 458 18.60 -22.79 16.16
CA TRP B 458 17.45 -21.84 16.11
C TRP B 458 16.59 -22.05 14.87
N ILE B 459 15.26 -21.94 15.06
CA ILE B 459 14.22 -21.91 14.00
C ILE B 459 13.37 -20.67 14.24
N ALA B 460 13.20 -19.82 13.22
CA ALA B 460 12.34 -18.62 13.38
C ALA B 460 10.93 -19.09 13.69
N ARG B 461 10.24 -18.38 14.58
CA ARG B 461 8.94 -18.82 15.14
C ARG B 461 7.83 -18.52 14.13
N GLU B 462 8.17 -17.80 13.06
CA GLU B 462 7.20 -17.27 12.05
C GLU B 462 7.91 -17.29 10.71
N GLN B 463 7.51 -18.22 9.83
CA GLN B 463 8.18 -18.50 8.55
C GLN B 463 7.44 -17.81 7.39
N ILE B 464 7.92 -16.62 7.04
CA ILE B 464 7.50 -15.80 5.87
C ILE B 464 8.49 -16.04 4.73
N LEU B 465 8.20 -16.97 3.82
CA LEU B 465 9.14 -17.35 2.73
C LEU B 465 8.61 -16.84 1.39
N GLY B 466 9.38 -15.96 0.73
CA GLY B 466 9.10 -15.33 -0.58
C GLY B 466 8.30 -14.03 -0.47
N ALA B 467 8.26 -13.26 -1.57
CA ALA B 467 7.53 -11.99 -1.71
C ALA B 467 6.03 -12.19 -1.49
N GLU B 468 5.47 -13.29 -2.03
CA GLU B 468 4.02 -13.63 -1.93
C GLU B 468 3.64 -13.73 -0.45
N ALA B 469 4.45 -14.42 0.35
CA ALA B 469 4.24 -14.53 1.80
C ALA B 469 4.33 -13.13 2.42
N ARG B 470 5.35 -12.37 2.00
CA ARG B 470 5.72 -11.04 2.57
C ARG B 470 4.59 -10.03 2.30
N SER B 471 3.96 -10.12 1.13
CA SER B 471 2.83 -9.26 0.67
C SER B 471 1.68 -9.27 1.68
N LYS B 472 1.55 -10.25 2.57
CA LYS B 472 0.38 -10.41 3.49
C LYS B 472 0.73 -9.81 4.87
N VAL B 473 1.99 -9.47 5.08
CA VAL B 473 2.60 -9.29 6.45
C VAL B 473 3.16 -7.88 6.56
N PRO B 474 2.58 -7.06 7.47
CA PRO B 474 3.09 -5.71 7.74
C PRO B 474 4.56 -5.79 8.17
N LYS B 475 5.40 -4.93 7.58
CA LYS B 475 6.90 -4.98 7.66
C LYS B 475 7.38 -5.13 9.12
N GLU B 476 6.67 -4.56 10.08
CA GLU B 476 7.13 -4.55 11.50
C GLU B 476 7.15 -5.97 12.08
N PHE B 477 6.62 -6.98 11.39
CA PHE B 477 6.61 -8.38 11.88
C PHE B 477 7.56 -9.27 11.07
N GLN B 478 8.11 -8.82 9.94
CA GLN B 478 8.77 -9.74 8.97
C GLN B 478 10.10 -10.23 9.56
N THR B 479 10.79 -9.34 10.27
CA THR B 479 12.19 -9.54 10.73
C THR B 479 12.20 -10.64 11.82
N GLN B 480 13.04 -11.66 11.63
CA GLN B 480 13.15 -12.81 12.58
C GLN B 480 14.50 -12.68 13.33
N TYR B 481 14.49 -12.81 14.65
CA TYR B 481 15.69 -12.61 15.51
C TYR B 481 16.18 -13.95 16.05
N PRO B 482 17.46 -14.30 15.77
CA PRO B 482 18.02 -15.60 16.10
C PRO B 482 18.01 -15.95 17.60
N HIS B 483 17.54 -15.03 18.44
CA HIS B 483 17.49 -15.22 19.90
C HIS B 483 16.04 -15.32 20.37
N TYR B 484 15.06 -15.31 19.46
CA TYR B 484 13.62 -15.45 19.82
C TYR B 484 13.20 -16.92 19.74
N ALA B 485 12.59 -17.43 20.81
CA ALA B 485 12.23 -18.87 20.94
C ALA B 485 10.71 -18.99 20.73
N ASN B 486 10.21 -20.21 20.89
CA ASN B 486 8.76 -20.52 20.80
C ASN B 486 8.56 -21.91 21.39
N PRO B 487 7.44 -22.18 22.10
CA PRO B 487 7.21 -23.47 22.74
C PRO B 487 7.55 -24.58 21.77
N PRO B 488 8.38 -25.55 22.19
CA PRO B 488 8.72 -26.69 21.34
C PRO B 488 7.57 -27.73 21.30
N THR B 489 6.35 -27.29 21.04
CA THR B 489 5.17 -28.18 20.94
C THR B 489 5.38 -29.29 19.89
N LEU B 490 6.31 -29.16 18.95
CA LEU B 490 6.53 -30.24 17.94
C LEU B 490 7.02 -31.52 18.65
N PHE B 491 7.58 -31.38 19.85
CA PHE B 491 8.03 -32.53 20.68
C PHE B 491 6.82 -33.40 21.02
N LEU B 492 5.68 -32.78 21.35
CA LEU B 492 4.42 -33.49 21.72
C LEU B 492 4.08 -34.49 20.62
N VAL B 493 4.24 -34.11 19.35
CA VAL B 493 3.90 -34.99 18.22
C VAL B 493 4.87 -36.15 18.23
N LEU B 494 6.15 -35.87 18.45
CA LEU B 494 7.20 -36.93 18.45
C LEU B 494 6.87 -37.96 19.54
N ASP B 495 6.50 -37.52 20.74
CA ASP B 495 6.03 -38.34 21.89
C ASP B 495 4.95 -39.33 21.44
N ASN B 496 3.88 -38.86 20.78
CA ASN B 496 2.81 -39.72 20.20
C ASN B 496 3.39 -40.64 19.13
N PHE B 497 4.43 -40.22 18.39
CA PHE B 497 5.09 -41.10 17.40
C PHE B 497 5.86 -42.21 18.15
N VAL B 498 6.55 -41.87 19.25
CA VAL B 498 7.40 -42.82 20.03
C VAL B 498 6.50 -43.89 20.69
N GLU B 499 5.43 -43.49 21.40
CA GLU B 499 4.38 -44.39 21.96
C GLU B 499 3.98 -45.44 20.90
N ARG B 500 3.64 -44.97 19.70
CA ARG B 500 3.12 -45.78 18.57
C ARG B 500 4.19 -46.73 18.05
N LEU B 501 5.46 -46.32 18.15
CA LEU B 501 6.63 -47.05 17.59
C LEU B 501 6.98 -48.27 18.47
N ARG B 502 6.71 -48.18 19.77
CA ARG B 502 6.83 -49.31 20.74
C ARG B 502 5.66 -50.27 20.47
N LYS B 503 4.42 -49.77 20.51
CA LYS B 503 3.18 -50.58 20.27
C LYS B 503 3.09 -50.96 18.77
N THR B 520 -0.29 -49.26 2.70
CA THR B 520 -0.61 -47.82 2.55
C THR B 520 0.61 -47.00 3.06
N LEU B 521 0.89 -45.85 2.44
CA LEU B 521 2.07 -44.97 2.74
C LEU B 521 1.88 -44.16 4.02
N SER B 522 0.63 -43.92 4.43
CA SER B 522 0.25 -43.20 5.67
C SER B 522 1.04 -43.65 6.91
N THR B 523 1.43 -44.93 6.98
CA THR B 523 1.83 -45.63 8.25
C THR B 523 3.16 -46.38 8.08
N ALA B 524 3.76 -46.37 6.89
CA ALA B 524 5.00 -47.12 6.58
C ALA B 524 6.05 -46.85 7.66
N SER B 525 6.00 -45.70 8.32
CA SER B 525 7.01 -45.23 9.32
C SER B 525 6.78 -45.89 10.68
N VAL B 526 5.59 -46.45 10.90
CA VAL B 526 5.23 -47.18 12.15
C VAL B 526 5.27 -48.68 11.83
N ASP B 527 4.59 -49.07 10.76
CA ASP B 527 4.39 -50.47 10.32
C ASP B 527 5.75 -51.18 10.16
N ASN B 528 6.65 -50.65 9.35
CA ASN B 528 8.06 -51.12 9.32
C ASN B 528 8.87 -50.25 10.29
N PRO B 529 9.11 -50.70 11.56
CA PRO B 529 9.66 -49.83 12.60
C PRO B 529 11.16 -49.56 12.42
N GLU B 530 11.80 -50.25 11.48
CA GLU B 530 13.20 -49.96 11.05
C GLU B 530 13.26 -48.56 10.42
N VAL B 531 12.22 -48.18 9.68
CA VAL B 531 12.10 -46.88 8.95
C VAL B 531 11.97 -45.76 9.99
N GLY B 532 11.00 -45.88 10.89
CA GLY B 532 10.73 -44.92 11.98
C GLY B 532 11.95 -44.68 12.85
N LEU B 533 12.69 -45.74 13.18
CA LEU B 533 13.87 -45.63 14.08
C LEU B 533 14.96 -44.82 13.37
N GLU B 534 15.12 -45.00 12.06
CA GLU B 534 16.13 -44.26 11.24
C GLU B 534 15.70 -42.82 11.03
N TYR B 535 14.40 -42.57 10.80
CA TYR B 535 13.82 -41.20 10.82
C TYR B 535 14.24 -40.47 12.11
N LEU B 536 14.19 -41.14 13.27
CA LEU B 536 14.55 -40.56 14.60
C LEU B 536 16.06 -40.44 14.73
N ARG B 537 16.79 -41.46 14.29
CA ARG B 537 18.27 -41.45 14.29
C ARG B 537 18.72 -40.18 13.55
N ARG B 538 18.13 -39.93 12.37
CA ARG B 538 18.44 -38.76 11.50
C ARG B 538 17.94 -37.45 12.12
N LEU B 539 16.84 -37.44 12.90
CA LEU B 539 16.27 -36.19 13.49
C LEU B 539 16.86 -35.89 14.88
N TYR B 540 17.27 -36.92 15.64
CA TYR B 540 17.76 -36.80 17.04
C TYR B 540 18.79 -35.67 17.19
N PRO B 541 19.87 -35.59 16.37
CA PRO B 541 20.89 -34.56 16.58
C PRO B 541 20.32 -33.14 16.49
N LEU B 542 19.31 -32.93 15.63
CA LEU B 542 18.67 -31.58 15.50
C LEU B 542 17.84 -31.28 16.76
N LEU B 543 17.17 -32.29 17.33
CA LEU B 543 16.47 -32.15 18.65
C LEU B 543 17.49 -31.86 19.75
N ARG B 544 18.61 -32.60 19.80
CA ARG B 544 19.66 -32.35 20.83
C ARG B 544 20.12 -30.90 20.64
N ARG B 545 20.44 -30.52 19.40
CA ARG B 545 20.92 -29.15 19.09
C ARG B 545 19.92 -28.10 19.59
N GLN B 546 18.61 -28.31 19.42
CA GLN B 546 17.59 -27.30 19.83
C GLN B 546 17.53 -27.22 21.35
N PHE B 547 17.66 -28.35 22.04
CA PHE B 547 17.64 -28.43 23.53
C PHE B 547 18.82 -27.61 24.05
N ASP B 548 20.00 -27.84 23.46
CA ASP B 548 21.27 -27.15 23.81
C ASP B 548 21.08 -25.65 23.62
N TRP B 549 20.53 -25.29 22.45
CA TRP B 549 20.22 -23.89 22.03
C TRP B 549 19.28 -23.22 23.04
N PHE B 550 18.25 -23.91 23.49
CA PHE B 550 17.33 -23.36 24.52
C PHE B 550 18.13 -22.99 25.76
N ARG B 551 19.07 -23.84 26.15
CA ARG B 551 19.65 -23.86 27.52
C ARG B 551 20.75 -22.80 27.57
N LYS B 552 21.36 -22.52 26.42
CA LYS B 552 22.32 -21.40 26.19
C LYS B 552 21.56 -20.07 26.12
N THR B 553 20.68 -19.90 25.14
CA THR B 553 20.10 -18.61 24.72
C THR B 553 18.98 -18.16 25.65
N GLN B 554 18.28 -19.08 26.36
CA GLN B 554 17.14 -18.71 27.26
C GLN B 554 17.48 -19.05 28.73
N ALA B 555 18.76 -19.33 28.99
CA ALA B 555 19.39 -19.38 30.33
C ALA B 555 18.82 -18.26 31.23
N GLY B 556 18.22 -18.65 32.36
CA GLY B 556 17.93 -17.77 33.51
C GLY B 556 19.14 -17.68 34.44
N ASP B 557 19.12 -16.76 35.40
CA ASP B 557 20.29 -16.47 36.27
C ASP B 557 19.94 -16.85 37.72
N ILE B 558 20.64 -17.87 38.26
CA ILE B 558 20.59 -18.28 39.70
C ILE B 558 21.91 -17.85 40.37
N LYS B 559 23.07 -18.24 39.79
CA LYS B 559 24.44 -18.05 40.34
C LYS B 559 24.66 -16.64 40.91
N SER B 560 24.24 -15.57 40.20
CA SER B 560 24.64 -14.17 40.52
C SER B 560 23.50 -13.40 41.23
N TYR B 561 22.79 -14.02 42.19
CA TYR B 561 21.73 -13.34 42.99
C TYR B 561 21.54 -14.04 44.35
N ASP B 562 20.60 -13.53 45.17
CA ASP B 562 20.20 -14.11 46.47
C ASP B 562 19.31 -15.33 46.21
N ARG B 563 19.84 -16.36 45.53
CA ARG B 563 19.04 -17.47 44.93
C ARG B 563 19.50 -18.82 45.45
N GLU B 564 18.70 -19.41 46.37
CA GLU B 564 18.89 -20.76 46.98
C GLU B 564 17.92 -21.74 46.29
N ALA B 565 18.48 -22.76 45.63
CA ALA B 565 17.74 -23.81 44.87
C ALA B 565 18.58 -25.07 44.67
N TYR B 566 17.90 -26.22 44.58
CA TYR B 566 18.45 -27.60 44.48
C TYR B 566 19.50 -27.71 43.38
N SER B 567 19.33 -26.93 42.31
CA SER B 567 20.35 -26.75 41.24
C SER B 567 20.56 -25.24 41.00
N THR B 568 21.79 -24.85 40.65
CA THR B 568 22.13 -23.45 40.29
C THR B 568 21.87 -23.26 38.80
N LYS B 569 21.72 -24.37 38.07
CA LYS B 569 21.89 -24.49 36.59
C LYS B 569 20.54 -24.45 35.85
N GLU B 570 19.44 -24.91 36.46
CA GLU B 570 18.11 -25.01 35.78
C GLU B 570 17.25 -23.84 36.18
N ALA B 571 17.16 -22.86 35.27
CA ALA B 571 16.40 -21.59 35.42
C ALA B 571 16.31 -20.96 34.03
N TYR B 572 15.17 -20.35 33.67
CA TYR B 572 14.89 -20.02 32.25
C TYR B 572 14.09 -18.72 32.14
N ARG B 573 14.49 -17.91 31.15
CA ARG B 573 13.93 -16.57 30.85
C ARG B 573 13.68 -16.48 29.34
N TRP B 574 12.40 -16.33 28.95
CA TRP B 574 11.99 -15.96 27.58
C TRP B 574 12.71 -14.65 27.22
N ARG B 575 13.79 -14.77 26.45
CA ARG B 575 14.37 -13.63 25.70
C ARG B 575 13.26 -12.97 24.88
N GLY B 576 13.34 -11.64 24.75
CA GLY B 576 12.69 -10.88 23.67
C GLY B 576 11.37 -10.31 24.12
N ARG B 577 11.18 -10.10 25.41
CA ARG B 577 9.93 -9.42 25.83
C ARG B 577 10.14 -7.90 25.91
N THR B 578 8.99 -7.23 25.98
CA THR B 578 8.81 -5.77 26.07
C THR B 578 7.87 -5.53 27.25
N VAL B 579 7.45 -4.30 27.47
CA VAL B 579 6.80 -3.84 28.73
C VAL B 579 5.52 -4.65 28.98
N SER B 580 4.68 -4.83 27.96
CA SER B 580 3.27 -5.31 28.11
C SER B 580 3.04 -6.72 27.49
N HIS B 581 4.10 -7.40 27.04
CA HIS B 581 4.01 -8.56 26.10
C HIS B 581 5.20 -9.50 26.27
N CYS B 582 4.93 -10.80 26.14
CA CYS B 582 5.93 -11.87 25.89
C CYS B 582 5.49 -12.67 24.67
N LEU B 583 5.94 -12.24 23.48
CA LEU B 583 5.49 -12.77 22.17
C LEU B 583 6.08 -14.16 21.94
N THR B 584 7.35 -14.33 22.29
CA THR B 584 8.11 -15.60 22.18
C THR B 584 7.38 -16.72 22.96
N SER B 585 6.79 -16.40 24.11
CA SER B 585 6.15 -17.40 25.01
C SER B 585 4.95 -18.03 24.29
N GLY B 586 4.34 -17.27 23.37
CA GLY B 586 3.11 -17.62 22.63
C GLY B 586 1.83 -17.15 23.31
N LEU B 587 1.86 -16.75 24.58
CA LEU B 587 0.70 -16.10 25.24
C LEU B 587 0.94 -14.58 25.28
N ASP B 588 0.77 -13.93 24.12
CA ASP B 588 1.34 -12.63 23.71
C ASP B 588 1.30 -11.64 24.89
N ASP B 589 0.12 -11.36 25.47
CA ASP B 589 -0.08 -10.27 26.47
C ASP B 589 -0.42 -10.85 27.85
N TYR B 590 -0.12 -12.12 28.15
CA TYR B 590 -0.40 -12.68 29.49
C TYR B 590 0.43 -11.92 30.50
N PRO B 591 -0.17 -11.51 31.66
CA PRO B 591 0.50 -10.66 32.65
C PRO B 591 1.76 -11.30 33.23
N ARG B 592 2.85 -10.54 33.26
CA ARG B 592 4.23 -11.02 33.59
C ARG B 592 4.82 -10.10 34.66
N PRO B 593 6.09 -10.32 35.10
CA PRO B 593 6.69 -9.46 36.11
C PRO B 593 6.86 -8.02 35.59
N GLN B 594 6.38 -7.03 36.35
CA GLN B 594 6.56 -5.58 36.07
C GLN B 594 7.64 -4.99 36.99
N PRO B 595 8.70 -4.36 36.45
CA PRO B 595 8.97 -4.33 35.01
C PRO B 595 9.64 -5.62 34.54
N PRO B 596 9.91 -5.78 33.22
CA PRO B 596 10.85 -6.79 32.75
C PRO B 596 12.22 -6.60 33.42
N HIS B 597 12.96 -7.69 33.63
CA HIS B 597 14.23 -7.73 34.41
C HIS B 597 15.07 -8.90 33.94
N PRO B 598 16.41 -8.78 33.84
CA PRO B 598 17.26 -9.86 33.33
C PRO B 598 17.44 -11.02 34.32
N GLY B 599 16.68 -11.00 35.41
CA GLY B 599 16.54 -12.12 36.35
C GLY B 599 15.08 -12.44 36.64
N GLU B 600 14.20 -12.07 35.71
CA GLU B 600 12.92 -12.77 35.50
C GLU B 600 13.21 -14.27 35.35
N LEU B 601 12.24 -15.08 35.76
CA LEU B 601 12.22 -16.54 35.48
C LEU B 601 10.78 -16.91 35.10
N HIS B 602 10.63 -17.58 33.94
CA HIS B 602 9.31 -17.93 33.36
C HIS B 602 9.07 -19.43 33.53
N VAL B 603 8.04 -19.79 34.29
CA VAL B 603 7.77 -21.21 34.73
C VAL B 603 7.27 -22.02 33.52
N ASP B 604 6.47 -21.40 32.64
CA ASP B 604 6.05 -22.00 31.34
C ASP B 604 7.30 -22.42 30.54
N LEU B 605 8.35 -21.61 30.46
CA LEU B 605 9.53 -21.94 29.61
C LEU B 605 10.28 -23.12 30.23
N MET B 606 10.35 -23.19 31.56
CA MET B 606 11.09 -24.28 32.28
C MET B 606 10.31 -25.58 32.04
N SER B 607 8.99 -25.55 32.20
CA SER B 607 8.11 -26.68 31.83
C SER B 607 8.42 -27.21 30.40
N TRP B 608 8.66 -26.33 29.40
CA TRP B 608 8.88 -26.77 27.99
C TRP B 608 10.25 -27.44 27.91
N VAL B 609 11.22 -26.95 28.67
CA VAL B 609 12.55 -27.65 28.75
C VAL B 609 12.33 -29.03 29.39
N GLY B 610 11.46 -29.08 30.41
CA GLY B 610 10.94 -30.34 30.95
C GLY B 610 10.46 -31.27 29.85
N VAL B 611 9.46 -30.83 29.07
CA VAL B 611 8.89 -31.62 27.95
C VAL B 611 10.04 -32.14 27.06
N MET B 612 10.96 -31.26 26.64
CA MET B 612 12.00 -31.60 25.64
C MET B 612 12.87 -32.72 26.20
N VAL B 613 13.26 -32.60 27.48
CA VAL B 613 14.22 -33.57 28.11
C VAL B 613 13.49 -34.90 28.32
N LYS B 614 12.18 -34.91 28.55
CA LYS B 614 11.42 -36.21 28.62
C LYS B 614 11.45 -36.88 27.24
N SER B 615 11.23 -36.12 26.16
CA SER B 615 11.19 -36.64 24.77
C SER B 615 12.59 -37.16 24.36
N LEU B 616 13.65 -36.52 24.81
CA LEU B 616 15.04 -36.91 24.46
C LEU B 616 15.45 -38.17 25.25
N ILE B 617 15.07 -38.25 26.54
CA ILE B 617 15.31 -39.44 27.40
C ILE B 617 14.80 -40.67 26.63
N SER B 618 13.60 -40.53 26.06
CA SER B 618 12.76 -41.60 25.50
C SER B 618 13.25 -41.95 24.08
N ILE B 619 13.52 -40.96 23.23
CA ILE B 619 14.11 -41.14 21.86
C ILE B 619 15.56 -41.64 22.01
N GLY B 620 16.37 -40.94 22.82
CA GLY B 620 17.77 -41.27 23.08
C GLY B 620 17.92 -42.70 23.56
N SER B 621 16.98 -43.16 24.40
CA SER B 621 16.97 -44.56 24.90
C SER B 621 16.65 -45.49 23.73
N LEU B 622 15.66 -45.16 22.90
CA LEU B 622 15.25 -45.94 21.69
C LEU B 622 16.44 -46.16 20.74
N LEU B 623 17.38 -45.19 20.68
CA LEU B 623 18.57 -45.20 19.79
C LEU B 623 19.80 -45.70 20.53
N GLY B 624 19.67 -45.91 21.85
CA GLY B 624 20.75 -46.34 22.76
C GLY B 624 21.87 -45.32 22.84
N ALA B 625 21.54 -44.02 22.81
CA ALA B 625 22.46 -42.91 23.19
C ALA B 625 22.57 -42.93 24.73
N THR B 626 23.31 -43.93 25.20
CA THR B 626 23.43 -44.36 26.62
C THR B 626 24.21 -43.27 27.37
N GLU B 627 25.29 -42.76 26.77
CA GLU B 627 26.07 -41.58 27.22
C GLU B 627 25.13 -40.40 27.55
N ASP B 628 24.22 -40.05 26.64
CA ASP B 628 23.27 -38.88 26.73
C ASP B 628 22.17 -39.09 27.79
N VAL B 629 21.64 -40.31 27.96
CA VAL B 629 20.48 -40.58 28.87
C VAL B 629 20.89 -40.20 30.31
N GLU B 630 22.14 -40.47 30.70
CA GLU B 630 22.70 -40.16 32.05
C GLU B 630 22.49 -38.66 32.32
N PHE B 631 22.78 -37.83 31.32
CA PHE B 631 22.76 -36.35 31.43
C PHE B 631 21.30 -35.87 31.46
N TYR B 632 20.45 -36.36 30.56
CA TYR B 632 19.03 -35.91 30.45
C TYR B 632 18.31 -36.13 31.79
N THR B 633 18.53 -37.33 32.33
CA THR B 633 18.00 -37.81 33.64
C THR B 633 18.37 -36.81 34.73
N LYS B 634 19.64 -36.46 34.85
CA LYS B 634 20.21 -35.45 35.78
C LYS B 634 19.44 -34.13 35.65
N VAL B 635 19.18 -33.70 34.41
CA VAL B 635 18.48 -32.42 34.09
C VAL B 635 17.02 -32.52 34.51
N LEU B 636 16.33 -33.61 34.11
CA LEU B 636 14.89 -33.80 34.44
C LEU B 636 14.69 -33.67 35.94
N ASP B 637 15.42 -34.48 36.73
CA ASP B 637 15.49 -34.40 38.22
C ASP B 637 15.75 -32.96 38.70
N ALA B 638 16.71 -32.23 38.12
CA ALA B 638 17.06 -30.83 38.52
C ALA B 638 15.87 -29.89 38.28
N ILE B 639 15.20 -30.02 37.13
CA ILE B 639 14.04 -29.17 36.76
C ILE B 639 12.89 -29.43 37.75
N GLU B 640 12.61 -30.71 38.05
CA GLU B 640 11.48 -31.15 38.92
C GLU B 640 11.56 -30.46 40.28
N HIS B 641 12.77 -30.42 40.86
CA HIS B 641 13.08 -29.72 42.14
C HIS B 641 13.06 -28.20 41.91
N ASN B 642 13.82 -27.68 40.93
CA ASN B 642 13.94 -26.21 40.73
C ASN B 642 12.56 -25.61 40.42
N LEU B 643 11.69 -26.37 39.75
CA LEU B 643 10.28 -26.01 39.50
C LEU B 643 9.63 -25.61 40.83
N ASP B 644 9.85 -26.40 41.88
CA ASP B 644 9.25 -26.14 43.21
C ASP B 644 10.07 -25.04 43.90
N ASP B 645 11.40 -25.11 43.83
CA ASP B 645 12.29 -24.15 44.54
C ASP B 645 11.95 -22.73 44.06
N LEU B 646 12.06 -22.47 42.76
CA LEU B 646 12.00 -21.10 42.18
C LEU B 646 10.56 -20.62 41.92
N HIS B 647 9.57 -21.52 41.74
CA HIS B 647 8.27 -21.14 41.09
C HIS B 647 7.04 -21.61 41.86
N TRP B 648 7.18 -22.56 42.80
CA TRP B 648 6.00 -23.01 43.60
C TRP B 648 5.68 -21.94 44.64
N SER B 649 4.41 -21.56 44.76
CA SER B 649 3.93 -20.62 45.81
C SER B 649 3.01 -21.36 46.77
N GLU B 650 3.44 -21.52 48.03
CA GLU B 650 2.68 -22.18 49.12
C GLU B 650 1.57 -21.23 49.58
N LYS B 651 1.79 -19.92 49.45
CA LYS B 651 0.75 -18.88 49.68
C LYS B 651 -0.42 -19.11 48.69
N GLU B 652 -0.14 -18.99 47.38
CA GLU B 652 -1.18 -18.80 46.32
C GLU B 652 -1.83 -20.14 45.92
N GLY B 653 -1.10 -21.25 46.03
CA GLY B 653 -1.65 -22.60 45.78
C GLY B 653 -1.54 -22.97 44.31
N CYS B 654 -0.38 -22.63 43.71
CA CYS B 654 -0.10 -22.71 42.26
C CYS B 654 1.34 -22.25 41.99
N TYR B 655 1.79 -22.37 40.74
CA TYR B 655 3.15 -21.96 40.27
C TYR B 655 3.08 -20.51 39.74
N CYS B 656 4.25 -19.88 39.63
CA CYS B 656 4.40 -18.42 39.42
C CYS B 656 5.72 -18.08 38.73
N ASP B 657 5.69 -17.03 37.91
CA ASP B 657 6.93 -16.46 37.34
C ASP B 657 7.72 -15.87 38.53
N ALA B 658 9.04 -15.72 38.38
CA ALA B 658 9.91 -15.08 39.38
C ALA B 658 10.66 -13.90 38.75
N THR B 659 11.09 -12.97 39.61
CA THR B 659 11.84 -11.74 39.24
C THR B 659 12.75 -11.35 40.41
N ILE B 660 13.71 -10.47 40.16
CA ILE B 660 14.42 -9.64 41.19
C ILE B 660 13.63 -8.32 41.33
N ASP B 661 13.29 -7.93 42.56
CA ASP B 661 12.42 -6.75 42.81
C ASP B 661 13.27 -5.51 43.09
N GLU B 662 12.60 -4.38 43.38
CA GLU B 662 13.19 -3.06 43.72
C GLU B 662 14.40 -3.23 44.65
N PHE B 663 14.29 -4.10 45.68
CA PHE B 663 15.25 -4.27 46.80
C PHE B 663 16.33 -5.33 46.46
N GLU B 664 16.26 -5.99 45.30
CA GLU B 664 17.24 -7.02 44.83
C GLU B 664 16.90 -8.41 45.40
N GLU B 665 15.71 -8.57 45.97
CA GLU B 665 15.22 -9.85 46.58
C GLU B 665 14.38 -10.66 45.58
N HIS B 666 14.82 -11.90 45.24
CA HIS B 666 14.02 -12.93 44.52
C HIS B 666 12.58 -12.89 45.01
N LYS B 667 11.62 -12.80 44.07
CA LYS B 667 10.18 -12.60 44.36
C LYS B 667 9.32 -13.37 43.35
N LEU B 668 8.22 -13.94 43.84
CA LEU B 668 7.19 -14.60 43.02
C LEU B 668 6.17 -13.54 42.59
N VAL B 669 5.85 -13.55 41.30
CA VAL B 669 4.74 -12.74 40.69
C VAL B 669 3.67 -13.74 40.25
N CYS B 670 2.60 -13.85 41.04
CA CYS B 670 1.50 -14.80 40.80
C CYS B 670 0.32 -14.07 40.15
N HIS B 671 -0.01 -14.50 38.94
CA HIS B 671 -1.27 -14.16 38.24
C HIS B 671 -1.94 -15.48 37.87
N LYS B 672 -3.07 -15.79 38.49
CA LYS B 672 -3.66 -17.15 38.39
C LYS B 672 -4.30 -17.28 37.00
N GLY B 673 -3.56 -17.87 36.06
CA GLY B 673 -4.10 -18.22 34.73
C GLY B 673 -3.52 -19.50 34.17
N TYR B 674 -3.37 -19.56 32.85
CA TYR B 674 -2.80 -20.71 32.12
C TYR B 674 -1.37 -20.93 32.63
N ILE B 675 -0.62 -19.84 32.86
CA ILE B 675 0.83 -19.89 33.19
C ILE B 675 1.02 -20.65 34.51
N SER B 676 0.10 -20.46 35.44
CA SER B 676 0.24 -20.98 36.83
C SER B 676 -0.05 -22.49 36.86
N LEU B 677 -0.57 -23.07 35.77
CA LEU B 677 -0.85 -24.54 35.63
C LEU B 677 0.24 -25.25 34.82
N PHE B 678 1.28 -24.56 34.33
CA PHE B 678 2.08 -25.08 33.21
C PHE B 678 2.75 -26.40 33.55
N PRO B 679 3.35 -26.59 34.75
CA PRO B 679 4.02 -27.86 35.07
C PRO B 679 3.07 -29.07 34.99
N PHE B 680 1.78 -28.86 35.29
CA PHE B 680 0.67 -29.83 35.16
C PHE B 680 0.27 -30.02 33.69
N LEU B 681 0.09 -28.91 32.95
CA LEU B 681 -0.31 -28.87 31.52
C LEU B 681 0.66 -29.69 30.66
N THR B 682 1.95 -29.75 31.01
CA THR B 682 3.05 -30.32 30.18
C THR B 682 3.36 -31.76 30.64
N GLY B 683 2.62 -32.28 31.62
CA GLY B 683 2.73 -33.66 32.12
C GLY B 683 4.02 -33.89 32.91
N LEU B 684 4.42 -32.92 33.76
CA LEU B 684 5.64 -32.99 34.61
C LEU B 684 5.31 -33.42 36.05
N LEU B 685 4.05 -33.32 36.48
CA LEU B 685 3.57 -33.67 37.86
C LEU B 685 3.19 -35.15 37.96
N LYS B 686 3.60 -35.81 39.04
CA LYS B 686 3.27 -37.22 39.36
C LYS B 686 1.83 -37.27 39.87
N PRO B 687 1.07 -38.35 39.60
CA PRO B 687 -0.33 -38.43 40.01
C PRO B 687 -0.62 -38.46 41.52
N ASP B 688 0.41 -38.65 42.37
CA ASP B 688 0.34 -38.55 43.85
C ASP B 688 0.97 -37.23 44.36
N SER B 689 1.05 -36.18 43.53
CA SER B 689 1.70 -34.90 43.93
C SER B 689 0.71 -34.08 44.75
N PRO B 690 1.08 -33.66 45.97
CA PRO B 690 0.19 -32.83 46.77
C PRO B 690 -0.09 -31.50 46.05
N LYS B 691 0.83 -31.08 45.17
CA LYS B 691 0.76 -29.82 44.38
C LYS B 691 -0.25 -29.97 43.24
N LEU B 692 -0.32 -31.16 42.61
CA LEU B 692 -1.30 -31.46 41.54
C LEU B 692 -2.71 -31.27 42.10
N GLY B 693 -2.89 -31.69 43.36
CA GLY B 693 -4.16 -31.63 44.12
C GLY B 693 -4.68 -30.22 44.23
N LYS B 694 -3.80 -29.24 44.43
CA LYS B 694 -4.15 -27.79 44.67
C LYS B 694 -4.37 -27.08 43.33
N LEU B 695 -3.78 -27.61 42.26
CA LEU B 695 -3.93 -27.08 40.88
C LEU B 695 -5.29 -27.53 40.33
N LEU B 696 -5.60 -28.80 40.51
CA LEU B 696 -6.94 -29.37 40.19
C LEU B 696 -8.01 -28.47 40.81
N ALA B 697 -7.75 -27.97 42.02
CA ALA B 697 -8.73 -27.23 42.85
C ALA B 697 -9.01 -25.90 42.15
N LEU B 698 -7.93 -25.20 41.75
CA LEU B 698 -7.94 -23.88 41.06
C LEU B 698 -8.64 -24.01 39.69
N ILE B 699 -8.35 -25.09 38.98
CA ILE B 699 -8.92 -25.41 37.64
C ILE B 699 -10.44 -25.45 37.77
N GLY B 700 -10.96 -26.17 38.77
CA GLY B 700 -12.41 -26.46 38.94
C GLY B 700 -13.16 -25.36 39.69
N ASP B 701 -12.47 -24.27 40.04
CA ASP B 701 -12.97 -23.14 40.88
C ASP B 701 -13.71 -22.15 39.96
N GLU B 702 -15.05 -22.13 40.01
CA GLU B 702 -15.99 -21.37 39.12
C GLU B 702 -15.78 -19.85 39.27
N SER B 703 -15.14 -19.43 40.37
CA SER B 703 -14.90 -18.01 40.74
C SER B 703 -13.60 -17.50 40.13
N GLU B 704 -12.82 -18.36 39.47
CA GLU B 704 -11.39 -18.08 39.13
C GLU B 704 -11.13 -18.40 37.65
N LEU B 705 -11.04 -19.68 37.31
CA LEU B 705 -10.55 -20.15 35.98
C LEU B 705 -11.66 -20.88 35.23
N TRP B 706 -12.59 -21.51 35.93
CA TRP B 706 -13.66 -22.35 35.34
C TRP B 706 -14.88 -21.47 34.97
N SER B 707 -15.03 -21.22 33.66
CA SER B 707 -16.26 -20.72 32.98
C SER B 707 -17.10 -21.92 32.58
N PRO B 708 -18.37 -21.69 32.12
CA PRO B 708 -19.20 -22.74 31.52
C PRO B 708 -18.76 -23.22 30.13
N TYR B 709 -17.75 -22.56 29.56
CA TYR B 709 -17.30 -22.69 28.15
C TYR B 709 -15.84 -23.14 28.06
N GLY B 710 -15.17 -23.38 29.21
CA GLY B 710 -13.80 -23.88 29.32
C GLY B 710 -13.00 -23.06 30.32
N LEU B 711 -11.69 -23.29 30.41
CA LEU B 711 -10.78 -22.59 31.36
C LEU B 711 -10.44 -21.20 30.82
N ARG B 712 -10.70 -20.14 31.60
CA ARG B 712 -10.23 -18.76 31.35
C ARG B 712 -8.69 -18.79 31.27
N SER B 713 -8.11 -18.03 30.35
CA SER B 713 -6.65 -17.83 30.24
C SER B 713 -6.12 -17.13 31.50
N LEU B 714 -6.93 -16.27 32.12
CA LEU B 714 -6.56 -15.45 33.32
C LEU B 714 -7.73 -15.44 34.30
N SER B 715 -7.42 -15.44 35.60
CA SER B 715 -8.41 -15.55 36.70
C SER B 715 -9.27 -14.28 36.80
N LYS B 716 -10.60 -14.42 36.85
CA LYS B 716 -11.57 -13.34 37.15
C LYS B 716 -11.01 -12.44 38.27
N LYS B 717 -10.43 -13.06 39.30
CA LYS B 717 -9.90 -12.40 40.54
C LYS B 717 -8.62 -11.64 40.22
N ASP B 718 -7.87 -12.03 39.19
CA ASP B 718 -6.62 -11.31 38.83
C ASP B 718 -6.99 -9.85 38.52
N GLU B 719 -6.08 -8.94 38.88
CA GLU B 719 -6.21 -7.47 38.67
C GLU B 719 -6.20 -7.13 37.17
N PHE B 720 -5.77 -8.07 36.30
CA PHE B 720 -5.55 -7.80 34.86
C PHE B 720 -6.64 -8.44 33.98
N TYR B 721 -7.64 -9.08 34.60
CA TYR B 721 -8.80 -9.64 33.86
C TYR B 721 -9.39 -8.53 32.97
N GLY B 722 -9.57 -8.81 31.67
CA GLY B 722 -10.31 -7.96 30.71
C GLY B 722 -9.48 -6.81 30.17
N THR B 723 -8.26 -6.58 30.67
CA THR B 723 -7.50 -5.32 30.49
C THR B 723 -6.66 -5.33 29.18
N ALA B 724 -6.24 -4.13 28.74
CA ALA B 724 -5.47 -3.83 27.50
C ALA B 724 -6.11 -4.55 26.30
N GLU B 725 -5.30 -5.07 25.38
CA GLU B 725 -5.76 -5.85 24.21
C GLU B 725 -6.69 -7.00 24.66
N ASN B 726 -6.60 -7.48 25.91
CA ASN B 726 -7.40 -8.61 26.47
C ASN B 726 -7.30 -9.87 25.59
N TYR B 727 -6.08 -10.30 25.27
CA TYR B 727 -5.83 -11.42 24.31
C TYR B 727 -5.78 -12.74 25.10
N TRP B 728 -4.83 -12.83 26.04
CA TRP B 728 -4.65 -14.01 26.93
C TRP B 728 -5.05 -13.65 28.38
N ARG B 729 -5.85 -12.60 28.59
CA ARG B 729 -6.15 -12.00 29.92
C ARG B 729 -7.60 -12.26 30.35
N SER B 730 -8.27 -13.30 29.84
CA SER B 730 -9.65 -13.70 30.22
C SER B 730 -10.19 -14.81 29.32
N PRO B 731 -9.99 -14.78 27.98
CA PRO B 731 -10.68 -15.71 27.09
C PRO B 731 -10.23 -17.18 27.14
N VAL B 732 -11.13 -18.05 26.71
CA VAL B 732 -10.94 -19.50 26.45
C VAL B 732 -10.19 -19.71 25.14
N TRP B 733 -9.01 -20.35 25.21
CA TRP B 733 -8.24 -20.89 24.07
C TRP B 733 -8.24 -22.43 24.08
N ILE B 734 -8.53 -23.07 22.94
CA ILE B 734 -8.66 -24.55 22.77
C ILE B 734 -7.29 -25.22 22.92
N ASN B 735 -6.29 -24.63 22.28
CA ASN B 735 -4.84 -24.70 22.59
C ASN B 735 -4.56 -25.41 23.93
N ILE B 736 -4.75 -24.70 25.05
CA ILE B 736 -4.28 -25.03 26.42
C ILE B 736 -5.34 -25.90 27.10
N ASN B 737 -6.61 -25.69 26.74
CA ASN B 737 -7.73 -26.53 27.23
C ASN B 737 -7.50 -27.97 26.77
N TYR B 738 -7.11 -28.16 25.51
CA TYR B 738 -6.71 -29.48 24.99
C TYR B 738 -5.67 -30.09 25.95
N LEU B 739 -4.63 -29.33 26.27
CA LEU B 739 -3.52 -29.82 27.14
C LEU B 739 -4.08 -30.25 28.49
N ALA B 740 -4.99 -29.43 29.07
CA ALA B 740 -5.65 -29.67 30.37
C ALA B 740 -6.42 -30.99 30.31
N ILE B 741 -7.28 -31.11 29.30
CA ILE B 741 -8.18 -32.27 29.08
C ILE B 741 -7.33 -33.54 28.99
N VAL B 742 -6.24 -33.52 28.22
CA VAL B 742 -5.39 -34.71 27.99
C VAL B 742 -4.78 -35.15 29.33
N GLN B 743 -4.40 -34.19 30.19
CA GLN B 743 -3.64 -34.48 31.44
C GLN B 743 -4.60 -34.90 32.55
N LEU B 744 -5.78 -34.26 32.66
CA LEU B 744 -6.92 -34.73 33.50
C LEU B 744 -7.22 -36.22 33.20
N TYR B 745 -7.35 -36.56 31.93
CA TYR B 745 -7.53 -37.96 31.47
C TYR B 745 -6.41 -38.84 32.06
N ASN B 746 -5.16 -38.37 32.05
CA ASN B 746 -3.99 -39.18 32.50
C ASN B 746 -4.21 -39.58 33.97
N ILE B 747 -4.57 -38.61 34.81
CA ILE B 747 -4.79 -38.77 36.27
C ILE B 747 -6.01 -39.67 36.50
N ALA B 748 -7.05 -39.54 35.68
CA ALA B 748 -8.37 -40.22 35.85
C ALA B 748 -8.33 -41.69 35.41
N THR B 749 -7.20 -42.20 34.90
CA THR B 749 -7.11 -43.58 34.34
C THR B 749 -5.98 -44.34 35.03
N GLN B 750 -5.42 -43.77 36.11
CA GLN B 750 -4.42 -44.48 36.95
C GLN B 750 -4.77 -44.21 38.42
N ASP B 751 -4.24 -45.03 39.31
CA ASP B 751 -4.57 -45.04 40.76
C ASP B 751 -3.94 -43.83 41.44
N GLY B 752 -4.71 -43.13 42.28
CA GLY B 752 -4.17 -42.10 43.18
C GLY B 752 -5.26 -41.34 43.95
N PRO B 753 -4.87 -40.42 44.85
CA PRO B 753 -5.83 -39.64 45.62
C PRO B 753 -6.72 -38.77 44.73
N TYR B 754 -6.23 -38.38 43.54
CA TYR B 754 -6.87 -37.31 42.73
C TYR B 754 -7.59 -37.90 41.52
N LYS B 755 -7.58 -39.24 41.38
CA LYS B 755 -8.21 -39.97 40.24
C LYS B 755 -9.66 -39.49 40.03
N GLU B 756 -10.48 -39.63 41.08
CA GLU B 756 -11.93 -39.32 41.02
C GLU B 756 -12.13 -37.83 40.76
N THR B 757 -11.22 -36.96 41.18
CA THR B 757 -11.30 -35.51 40.88
C THR B 757 -11.12 -35.31 39.36
N ALA B 758 -10.16 -36.03 38.78
CA ALA B 758 -9.84 -36.01 37.33
C ALA B 758 -11.01 -36.58 36.51
N ARG B 759 -11.53 -37.77 36.81
CA ARG B 759 -12.66 -38.36 36.02
C ARG B 759 -13.71 -37.25 35.81
N ASP B 760 -13.90 -36.42 36.83
CA ASP B 760 -15.04 -35.46 36.91
C ASP B 760 -14.66 -34.23 36.09
N LEU B 761 -13.56 -33.58 36.43
CA LEU B 761 -13.07 -32.36 35.74
C LEU B 761 -12.90 -32.66 34.23
N TYR B 762 -12.30 -33.79 33.87
CA TYR B 762 -12.11 -34.27 32.47
C TYR B 762 -13.45 -34.24 31.74
N THR B 763 -14.41 -35.04 32.20
CA THR B 763 -15.75 -35.22 31.56
C THR B 763 -16.42 -33.86 31.35
N ARG B 764 -16.38 -32.99 32.34
CA ARG B 764 -17.14 -31.71 32.35
C ARG B 764 -16.44 -30.68 31.44
N LEU B 765 -15.10 -30.55 31.51
CA LEU B 765 -14.29 -29.71 30.60
C LEU B 765 -14.40 -30.22 29.16
N ARG B 766 -14.44 -31.54 28.95
CA ARG B 766 -14.63 -32.12 27.59
C ARG B 766 -15.96 -31.59 27.03
N LYS B 767 -17.08 -31.81 27.73
CA LYS B 767 -18.45 -31.33 27.34
C LYS B 767 -18.40 -29.80 27.17
N ASN B 768 -17.92 -29.03 28.13
CA ASN B 768 -17.93 -27.54 27.98
C ASN B 768 -17.28 -27.14 26.66
N ILE B 769 -16.04 -27.57 26.42
CA ILE B 769 -15.15 -27.12 25.31
C ILE B 769 -15.79 -27.48 23.97
N VAL B 770 -16.20 -28.74 23.81
CA VAL B 770 -16.82 -29.28 22.58
C VAL B 770 -18.11 -28.51 22.27
N GLU B 771 -18.96 -28.28 23.28
CA GLU B 771 -20.23 -27.55 23.12
C GLU B 771 -19.94 -26.16 22.56
N THR B 772 -19.00 -25.45 23.18
CA THR B 772 -18.65 -24.06 22.84
C THR B 772 -18.23 -23.94 21.37
N VAL B 773 -17.32 -24.80 20.92
CA VAL B 773 -16.72 -24.73 19.55
C VAL B 773 -17.77 -25.19 18.53
N TYR B 774 -18.57 -26.19 18.91
CA TYR B 774 -19.63 -26.77 18.05
C TYR B 774 -20.82 -25.81 17.96
N ARG B 775 -21.27 -25.23 19.07
CA ARG B 775 -22.47 -24.37 19.05
C ARG B 775 -22.12 -23.21 18.11
N ASN B 776 -20.92 -22.64 18.23
CA ASN B 776 -20.49 -21.47 17.41
C ASN B 776 -20.35 -21.90 15.95
N TRP B 777 -20.01 -23.16 15.69
CA TRP B 777 -19.76 -23.66 14.32
C TRP B 777 -21.09 -23.82 13.59
N GLU B 778 -22.16 -24.21 14.30
CA GLU B 778 -23.53 -24.37 13.71
C GLU B 778 -24.15 -22.99 13.51
N GLU B 779 -23.83 -22.03 14.36
CA GLU B 779 -24.40 -20.66 14.30
C GLU B 779 -23.70 -19.83 13.23
N THR B 780 -22.38 -20.04 13.01
CA THR B 780 -21.53 -19.14 12.17
C THR B 780 -20.86 -19.89 11.01
N GLY B 781 -20.58 -21.19 11.16
CA GLY B 781 -19.83 -21.97 10.15
C GLY B 781 -18.34 -21.88 10.35
N PHE B 782 -17.89 -21.10 11.35
CA PHE B 782 -16.45 -20.83 11.65
C PHE B 782 -16.01 -21.53 12.95
N ALA B 783 -14.81 -22.12 12.86
CA ALA B 783 -13.84 -22.27 13.96
C ALA B 783 -13.29 -20.90 14.33
N TRP B 784 -13.20 -20.57 15.64
CA TRP B 784 -12.73 -19.26 16.13
C TRP B 784 -11.40 -19.38 16.90
N GLU B 785 -10.57 -18.36 16.78
CA GLU B 785 -9.24 -18.21 17.44
C GLU B 785 -9.36 -18.23 18.98
N GLN B 786 -10.41 -17.66 19.55
CA GLN B 786 -10.69 -17.81 21.01
C GLN B 786 -12.19 -17.69 21.21
N TYR B 787 -12.66 -17.98 22.42
CA TYR B 787 -14.09 -17.97 22.76
C TYR B 787 -14.30 -17.14 24.03
N ASN B 788 -15.45 -16.48 24.11
CA ASN B 788 -15.80 -15.54 25.20
C ASN B 788 -16.09 -16.33 26.47
N PRO B 789 -15.45 -15.97 27.62
CA PRO B 789 -15.68 -16.66 28.89
C PRO B 789 -17.01 -16.32 29.58
N GLU B 790 -17.56 -15.10 29.35
CA GLU B 790 -18.88 -14.62 29.84
C GLU B 790 -20.02 -15.24 28.99
N THR B 791 -19.92 -15.24 27.65
CA THR B 791 -21.06 -15.54 26.72
C THR B 791 -20.90 -16.87 25.96
N GLY B 792 -19.67 -17.28 25.66
CA GLY B 792 -19.36 -18.50 24.87
C GLY B 792 -19.10 -18.21 23.40
N LYS B 793 -19.11 -16.94 22.98
CA LYS B 793 -19.14 -16.51 21.55
C LYS B 793 -17.72 -16.53 20.95
N GLY B 794 -17.57 -17.07 19.74
CA GLY B 794 -16.38 -16.88 18.89
C GLY B 794 -16.00 -15.42 18.77
N GLN B 795 -14.74 -15.08 19.06
CA GLN B 795 -14.18 -13.71 18.87
C GLN B 795 -12.70 -13.77 18.42
N ARG B 796 -12.12 -12.60 18.19
CA ARG B 796 -10.90 -12.45 17.37
C ARG B 796 -11.16 -13.14 16.01
N THR B 797 -10.14 -13.72 15.36
CA THR B 797 -10.16 -14.06 13.92
C THR B 797 -11.05 -15.27 13.67
N GLN B 798 -11.76 -15.29 12.52
CA GLN B 798 -12.51 -16.46 12.01
C GLN B 798 -11.55 -17.43 11.31
N HIS B 799 -12.06 -18.56 10.83
CA HIS B 799 -11.34 -19.51 9.94
C HIS B 799 -10.05 -20.00 10.58
N PHE B 800 -10.03 -20.19 11.90
CA PHE B 800 -8.80 -20.49 12.69
C PHE B 800 -8.67 -22.01 12.84
N THR B 801 -8.20 -22.68 11.79
CA THR B 801 -7.97 -24.13 11.81
C THR B 801 -6.60 -24.45 11.24
N GLY B 802 -5.54 -24.14 12.02
CA GLY B 802 -5.64 -23.56 13.35
C GLY B 802 -5.89 -24.62 14.43
N TRP B 803 -5.45 -24.35 15.67
CA TRP B 803 -5.45 -25.37 16.75
C TRP B 803 -6.84 -25.55 17.38
N THR B 804 -7.86 -24.81 16.93
CA THR B 804 -9.24 -24.99 17.45
C THR B 804 -9.79 -26.34 16.97
N SER B 805 -9.28 -26.85 15.85
CA SER B 805 -9.63 -28.17 15.26
C SER B 805 -9.11 -29.31 16.14
N LEU B 806 -8.30 -29.00 17.16
CA LEU B 806 -7.95 -29.96 18.24
C LEU B 806 -9.23 -30.60 18.76
N VAL B 807 -10.32 -29.84 18.74
CA VAL B 807 -11.65 -30.32 19.20
C VAL B 807 -11.91 -31.72 18.65
N VAL B 808 -11.42 -32.03 17.45
CA VAL B 808 -11.68 -33.37 16.85
C VAL B 808 -11.18 -34.43 17.84
N LYS B 809 -9.91 -34.30 18.23
CA LYS B 809 -9.25 -35.31 19.08
C LYS B 809 -9.91 -35.29 20.46
N ILE B 810 -10.46 -34.14 20.88
CA ILE B 810 -11.08 -34.02 22.23
C ILE B 810 -12.28 -34.97 22.27
N MET B 811 -13.08 -34.97 21.19
CA MET B 811 -14.28 -35.83 21.03
C MET B 811 -13.88 -37.30 20.89
N SER B 812 -12.64 -37.56 20.50
CA SER B 812 -12.17 -38.94 20.17
C SER B 812 -11.71 -39.76 21.37
N GLY B 813 -11.11 -39.14 22.39
CA GLY B 813 -10.58 -39.94 23.52
C GLY B 813 -9.09 -40.12 23.36
N HIS B 814 -8.33 -40.22 24.46
CA HIS B 814 -6.85 -40.26 24.35
C HIS B 814 -6.30 -41.63 24.73
#